data_7ZXY
#
_entry.id   7ZXY
#
_cell.length_a   1.00
_cell.length_b   1.00
_cell.length_c   1.00
_cell.angle_alpha   90.00
_cell.angle_beta   90.00
_cell.angle_gamma   90.00
#
_symmetry.space_group_name_H-M   'P 1'
#
loop_
_entity.id
_entity.type
_entity.pdbx_description
1 polymer 'Cytochrome b6'
2 polymer 'Cytochrome b6-f complex subunit 4'
3 polymer 'Cytochrome f'
4 polymer 'Cytochrome b6-f complex iron-sulfur subunit 2'
5 polymer 'Cytochrome B6'
6 polymer 'Cytochrome b6-f complex subunit 7'
7 polymer 'Cytochrome b6-f complex subunit 5'
8 polymer 'Cytochrome b6-f complex subunit 8'
9 non-polymer beta,beta-caroten-4-one
10 non-polymer 'PROTOPORPHYRIN IX CONTAINING FE'
11 non-polymer 'HEME C'
12 non-polymer 'CHLOROPHYLL A'
13 non-polymer '(1R)-2-{[{[(2S)-2,3-DIHYDROXYPROPYL]OXY}(HYDROXY)PHOSPHORYL]OXY}-1-[(PALMITOYLOXY)METHYL]ETHYL (11E)-OCTADEC-11-ENOATE'
14 non-polymer EICOSANE
15 non-polymer 'FE2/S2 (INORGANIC) CLUSTER'
#
loop_
_entity_poly.entity_id
_entity_poly.type
_entity_poly.pdbx_seq_one_letter_code
_entity_poly.pdbx_strand_id
1 'polypeptide(L)'
;MFSKEVTESKVFQWFNDRLEVQAISDDIASKYVPPHVNIFYCLGGLTLTCFLIQFATGFAMTFYYKPTVTEAFASVQYIM
NEVNFGWLIRSIHRWSASMMVLMMILHVFRVYLTGGFKKPRELTWVVGVMLAVTTVTFGVTGYSLPWDQVGYWAVKIVSG
VPAAIPVVGDQLVTLMRGSESVGQATLTRFYSLHTFVLPWAIAVLLLLHFLMIRKQGISGPL
;
A,I
2 'polypeptide(L)'
;MSIIKKPDLSDPDLRAKLAKGMGHNYYGEPAWPNDILYMFPICILGALGLIAGLAILDPAMIGEPADPFATPLEILPEWY
LYPTFQILRILPNKLLGIAGMAAIPLGLMLVPFIESVNKFQNPFRRPIAMTVFLFGTAAALWLGAGATFPIDKSLTLGLF
;
B,J
3 'polypeptide(L)'
;YPFWAQETAPLTPREATGRIVCANCHLAQKAAEVEIPQAVLPDTVFEAVVKIPYDLDSQQVLGDGSKGGLNVGAVLMLPE
GFKIAPPDRLSEGLKEKVGGTYFQPYREDMENVVIVGPLPGEQYQEIVFPVLSPDPAKDKSINYGKFAVHLGANRGRGQI
YPTGLLSNNNAFKAPNAGTISEVNALEAGGYQLILTTADGTETVDIPAGPELIVSAGQTVEAGEFLTNNPNVGGFGQKDT
EVVLQNPTRIKFLVLFLAGIMLSQILLVLKKKQIEKVQAAELNF
;
C,K
4 'polypeptide(L)'
;MTQISGSPDVPDLGRRQFMNLLTFGTITGVAAGALYPAVKYLIPPSSGGSGGGVTAKDALGNDVKVTEFLASHNAGDRVL
AQGLKGDPTYIVVQGDDTIANYGINAVCTHLGCVVPWNASENKFMCPCHGSQYNAEGKVVRGPAPLSLALAHATVTDDDK
LVLSTWTETDFRTDEDPWWA
;
D,L
5 'polypeptide(L)' MAAGVGIFIGYIAVFTGVTLGLLYGLRFVKLI E,M
6 'polypeptide(L)' MTAESMLANGAFIMIGLTLLGLAWGFVIIKLQGSEE F,N
7 'polypeptide(L)' MIEPLLLGIVLGLIPVTLAGLFVAAYLQYKRGNQFNL G,O
8 'polypeptide(L)' MDILTLGWVSVLVLFTWSISMVVWGRNGF H,P
#
loop_
_chem_comp.id
_chem_comp.type
_chem_comp.name
_chem_comp.formula
CLA non-polymer 'CHLOROPHYLL A' 'C55 H72 Mg N4 O5'
ECH non-polymer beta,beta-caroten-4-one 'C40 H54 O'
FES non-polymer 'FE2/S2 (INORGANIC) CLUSTER' 'Fe2 S2'
HEC non-polymer 'HEME C' 'C34 H34 Fe N4 O4'
HEM non-polymer 'PROTOPORPHYRIN IX CONTAINING FE' 'C34 H32 Fe N4 O4'
LFA non-polymer EICOSANE 'C20 H42'
PGV non-polymer '(1R)-2-{[{[(2S)-2,3-DIHYDROXYPROPYL]OXY}(HYDROXY)PHOSPHORYL]OXY}-1-[(PALMITOYLOXY)METHYL]ETHYL (11E)-OCTADEC-11-ENOATE' 'C40 H77 O10 P'
#
# COMPACT_ATOMS: atom_id res chain seq x y z
N SER A 3 -30.69 26.68 2.63
CA SER A 3 -29.78 25.54 2.74
C SER A 3 -30.51 24.23 2.44
N LYS A 4 -31.82 24.31 2.28
CA LYS A 4 -32.61 23.12 1.99
C LYS A 4 -32.20 22.52 0.65
N GLU A 5 -32.47 23.22 -0.44
CA GLU A 5 -31.83 22.90 -1.71
C GLU A 5 -30.97 24.07 -2.14
N VAL A 6 -31.60 25.23 -2.37
CA VAL A 6 -31.01 26.56 -2.39
C VAL A 6 -32.13 27.51 -1.95
N THR A 7 -31.88 28.34 -0.94
CA THR A 7 -32.93 29.23 -0.43
C THR A 7 -32.57 30.71 -0.57
N GLU A 8 -31.51 31.18 0.08
CA GLU A 8 -31.19 32.61 0.03
C GLU A 8 -29.67 32.73 -0.12
N SER A 9 -29.10 31.94 -1.02
CA SER A 9 -27.66 31.95 -1.26
C SER A 9 -27.36 33.06 -2.27
N LYS A 10 -26.66 34.12 -1.82
CA LYS A 10 -26.45 35.31 -2.62
C LYS A 10 -24.99 35.73 -2.77
N VAL A 11 -24.10 35.34 -1.85
CA VAL A 11 -22.69 35.27 -2.17
C VAL A 11 -22.41 34.10 -3.10
N PHE A 12 -23.44 33.32 -3.40
CA PHE A 12 -23.48 32.19 -4.31
C PHE A 12 -23.59 32.62 -5.76
N GLN A 13 -23.86 33.90 -6.02
CA GLN A 13 -23.95 34.38 -7.40
C GLN A 13 -22.62 34.24 -8.12
N TRP A 14 -21.51 34.30 -7.37
CA TRP A 14 -20.20 34.11 -7.95
C TRP A 14 -20.06 32.71 -8.55
N PHE A 15 -20.38 31.69 -7.75
CA PHE A 15 -20.23 30.31 -8.22
C PHE A 15 -21.20 30.04 -9.36
N ASN A 16 -22.42 30.57 -9.27
CA ASN A 16 -23.41 30.35 -10.33
C ASN A 16 -23.01 31.07 -11.62
N ASP A 17 -22.35 32.21 -11.51
CA ASP A 17 -21.92 32.95 -12.69
C ASP A 17 -20.75 32.24 -13.38
N ARG A 18 -19.82 31.68 -12.61
CA ARG A 18 -18.71 31.00 -13.26
C ARG A 18 -19.09 29.58 -13.72
N LEU A 19 -19.53 28.73 -12.81
CA LEU A 19 -19.71 27.33 -13.14
C LEU A 19 -21.14 26.94 -13.45
N GLU A 20 -22.11 27.83 -13.27
CA GLU A 20 -23.53 27.52 -13.45
C GLU A 20 -23.88 26.25 -12.67
N VAL A 21 -23.75 26.36 -11.34
CA VAL A 21 -24.06 25.25 -10.47
C VAL A 21 -25.54 25.23 -10.08
N GLN A 22 -26.27 26.29 -10.41
CA GLN A 22 -27.73 26.21 -10.34
C GLN A 22 -28.27 25.16 -11.29
N ALA A 23 -27.54 24.84 -12.36
CA ALA A 23 -27.96 23.77 -13.26
C ALA A 23 -27.97 22.43 -12.55
N ILE A 24 -26.89 22.08 -11.86
CA ILE A 24 -26.87 20.82 -11.13
C ILE A 24 -27.83 20.88 -9.95
N SER A 25 -27.99 22.06 -9.34
CA SER A 25 -28.97 22.21 -8.27
C SER A 25 -30.37 21.85 -8.75
N ASP A 26 -30.80 22.43 -9.87
CA ASP A 26 -32.10 22.13 -10.45
C ASP A 26 -32.21 20.71 -10.96
N ASP A 27 -31.12 20.14 -11.50
CA ASP A 27 -31.15 18.75 -11.92
C ASP A 27 -31.39 17.81 -10.74
N ILE A 28 -30.72 18.07 -9.61
CA ILE A 28 -30.92 17.25 -8.42
C ILE A 28 -32.33 17.45 -7.87
N ALA A 29 -32.81 18.69 -7.87
CA ALA A 29 -34.13 18.99 -7.34
C ALA A 29 -35.27 18.59 -8.29
N SER A 30 -34.96 18.19 -9.52
CA SER A 30 -35.96 17.79 -10.50
C SER A 30 -36.29 16.31 -10.43
N LYS A 31 -35.72 15.57 -9.49
CA LYS A 31 -35.97 14.14 -9.34
C LYS A 31 -37.01 13.89 -8.26
N TYR A 32 -37.83 12.87 -8.47
CA TYR A 32 -38.91 12.52 -7.57
C TYR A 32 -38.80 11.06 -7.16
N VAL A 33 -39.29 10.76 -5.96
CA VAL A 33 -39.28 9.41 -5.41
C VAL A 33 -40.68 8.85 -5.50
N PRO A 34 -40.90 7.76 -6.22
CA PRO A 34 -42.27 7.24 -6.42
C PRO A 34 -42.85 6.70 -5.13
N PRO A 35 -44.17 6.58 -5.03
CA PRO A 35 -44.78 6.01 -3.82
C PRO A 35 -44.38 4.56 -3.55
N HIS A 36 -44.06 3.78 -4.58
CA HIS A 36 -43.77 2.37 -4.39
C HIS A 36 -42.40 2.12 -3.79
N VAL A 37 -41.56 3.15 -3.65
CA VAL A 37 -40.24 2.99 -3.06
C VAL A 37 -40.43 2.82 -1.56
N ASN A 38 -40.14 1.63 -1.05
CA ASN A 38 -40.27 1.34 0.37
C ASN A 38 -38.90 1.38 1.03
N ILE A 39 -38.84 0.95 2.29
CA ILE A 39 -37.60 0.99 3.06
C ILE A 39 -36.53 0.09 2.47
N PHE A 40 -36.91 -0.99 1.79
CA PHE A 40 -35.95 -1.93 1.21
C PHE A 40 -35.10 -1.30 0.12
N TYR A 41 -35.49 -0.15 -0.42
CA TYR A 41 -34.69 0.55 -1.40
C TYR A 41 -33.54 1.30 -0.76
N CYS A 42 -33.46 1.33 0.57
CA CYS A 42 -32.33 1.91 1.28
C CYS A 42 -31.16 0.94 1.39
N LEU A 43 -31.36 -0.33 1.07
CA LEU A 43 -30.33 -1.34 1.25
C LEU A 43 -29.09 -1.08 0.40
N GLY A 44 -29.26 -0.84 -0.90
CA GLY A 44 -28.11 -0.60 -1.76
C GLY A 44 -27.26 0.57 -1.28
N GLY A 45 -27.92 1.69 -0.96
CA GLY A 45 -27.20 2.81 -0.39
C GLY A 45 -26.46 2.45 0.88
N LEU A 46 -27.09 1.65 1.75
CA LEU A 46 -26.39 1.17 2.93
C LEU A 46 -25.13 0.41 2.55
N THR A 47 -25.22 -0.44 1.52
CA THR A 47 -24.01 -1.09 1.02
C THR A 47 -22.95 -0.04 0.71
N LEU A 48 -23.32 0.99 -0.05
CA LEU A 48 -22.38 2.07 -0.31
C LEU A 48 -21.89 2.69 0.99
N THR A 49 -22.82 2.95 1.91
CA THR A 49 -22.43 3.48 3.22
C THR A 49 -21.33 2.63 3.84
N CYS A 50 -21.54 1.30 3.85
CA CYS A 50 -20.54 0.43 4.44
C CYS A 50 -19.20 0.58 3.74
N PHE A 51 -19.21 0.63 2.40
CA PHE A 51 -17.97 0.81 1.69
C PHE A 51 -17.29 2.11 2.08
N LEU A 52 -18.07 3.18 2.25
CA LEU A 52 -17.48 4.44 2.68
C LEU A 52 -16.75 4.26 4.00
N ILE A 53 -17.38 3.55 4.94
CA ILE A 53 -16.70 3.24 6.19
C ILE A 53 -15.45 2.41 5.92
N GLN A 54 -15.56 1.39 5.06
CA GLN A 54 -14.39 0.63 4.67
C GLN A 54 -13.36 1.50 3.97
N PHE A 55 -13.81 2.53 3.25
CA PHE A 55 -12.85 3.40 2.60
C PHE A 55 -12.13 4.26 3.65
N ALA A 56 -12.82 4.57 4.75
CA ALA A 56 -12.20 5.43 5.76
C ALA A 56 -11.32 4.63 6.71
N THR A 57 -11.94 3.69 7.45
CA THR A 57 -11.20 2.97 8.47
C THR A 57 -10.03 2.18 7.88
N GLY A 58 -10.25 1.50 6.75
CA GLY A 58 -9.15 0.86 6.07
C GLY A 58 -8.06 1.85 5.71
N PHE A 59 -8.46 3.00 5.15
CA PHE A 59 -7.54 4.13 5.02
C PHE A 59 -6.69 4.32 6.26
N ALA A 60 -7.32 4.46 7.43
CA ALA A 60 -6.58 4.69 8.65
C ALA A 60 -5.58 3.57 8.90
N MET A 61 -6.00 2.32 8.66
CA MET A 61 -5.11 1.20 8.92
C MET A 61 -3.97 1.10 7.93
N THR A 62 -4.00 1.89 6.84
CA THR A 62 -2.83 1.95 5.98
C THR A 62 -1.71 2.77 6.58
N PHE A 63 -1.98 3.55 7.63
CA PHE A 63 -0.92 4.34 8.26
C PHE A 63 -0.10 3.54 9.27
N TYR A 64 -0.57 2.36 9.67
CA TYR A 64 0.10 1.58 10.70
C TYR A 64 0.33 0.13 10.33
N TYR A 65 -0.27 -0.38 9.26
CA TYR A 65 -0.11 -1.78 8.88
C TYR A 65 1.05 -1.92 7.92
N LYS A 66 1.91 -2.91 8.17
CA LYS A 66 3.10 -3.14 7.36
C LYS A 66 2.97 -4.48 6.63
N PRO A 67 2.81 -4.48 5.31
CA PRO A 67 2.53 -5.73 4.57
C PRO A 67 3.77 -6.60 4.38
N THR A 68 4.29 -7.13 5.48
CA THR A 68 5.45 -8.00 5.46
C THR A 68 5.21 -9.16 6.41
N VAL A 69 5.58 -10.36 5.97
CA VAL A 69 5.37 -11.56 6.76
C VAL A 69 6.09 -11.53 8.10
N THR A 70 7.13 -10.70 8.23
CA THR A 70 7.81 -10.54 9.51
C THR A 70 7.27 -9.37 10.33
N GLU A 71 6.36 -8.57 9.76
CA GLU A 71 5.84 -7.41 10.47
C GLU A 71 4.34 -7.22 10.33
N ALA A 72 3.64 -8.06 9.57
CA ALA A 72 2.21 -7.87 9.37
C ALA A 72 1.42 -8.14 10.64
N PHE A 73 1.62 -9.32 11.24
CA PHE A 73 0.90 -9.66 12.46
C PHE A 73 1.29 -8.73 13.60
N ALA A 74 2.58 -8.41 13.71
CA ALA A 74 3.03 -7.46 14.72
C ALA A 74 2.42 -6.08 14.51
N SER A 75 2.30 -5.64 13.26
CA SER A 75 1.68 -4.35 13.00
C SER A 75 0.20 -4.36 13.35
N VAL A 76 -0.49 -5.46 13.07
CA VAL A 76 -1.91 -5.54 13.40
C VAL A 76 -2.11 -5.52 14.91
N GLN A 77 -1.31 -6.27 15.65
CA GLN A 77 -1.41 -6.24 17.11
C GLN A 77 -0.95 -4.91 17.69
N TYR A 78 -0.03 -4.21 17.01
CA TYR A 78 0.33 -2.86 17.42
C TYR A 78 -0.83 -1.90 17.23
N ILE A 79 -1.57 -2.05 16.13
CA ILE A 79 -2.78 -1.25 15.91
C ILE A 79 -3.78 -1.51 17.03
N MET A 80 -4.01 -2.78 17.33
CA MET A 80 -5.00 -3.14 18.34
C MET A 80 -4.61 -2.64 19.73
N ASN A 81 -3.32 -2.72 20.07
CA ASN A 81 -2.90 -2.51 21.44
C ASN A 81 -2.29 -1.14 21.70
N GLU A 82 -1.59 -0.54 20.73
CA GLU A 82 -0.83 0.68 20.98
C GLU A 82 -1.46 1.92 20.38
N VAL A 83 -1.91 1.86 19.13
CA VAL A 83 -2.46 3.04 18.48
C VAL A 83 -3.76 3.46 19.16
N ASN A 84 -3.94 4.77 19.31
CA ASN A 84 -5.18 5.28 19.89
C ASN A 84 -6.37 4.91 19.03
N PHE A 85 -7.36 4.26 19.65
CA PHE A 85 -8.58 3.82 18.98
C PHE A 85 -8.29 2.89 17.80
N GLY A 86 -7.10 2.27 17.77
CA GLY A 86 -6.81 1.30 16.73
C GLY A 86 -7.69 0.07 16.81
N TRP A 87 -7.99 -0.37 18.04
CA TRP A 87 -8.99 -1.42 18.22
C TRP A 87 -10.31 -1.03 17.56
N LEU A 88 -10.75 0.21 17.78
CA LEU A 88 -12.02 0.67 17.23
C LEU A 88 -11.98 0.70 15.71
N ILE A 89 -10.89 1.23 15.14
CA ILE A 89 -10.79 1.32 13.69
C ILE A 89 -10.78 -0.06 13.06
N ARG A 90 -9.98 -0.98 13.60
CA ARG A 90 -9.89 -2.30 13.00
C ARG A 90 -11.19 -3.09 13.16
N SER A 91 -11.81 -3.00 14.34
CA SER A 91 -13.07 -3.70 14.56
C SER A 91 -14.17 -3.15 13.69
N ILE A 92 -14.23 -1.81 13.54
CA ILE A 92 -15.19 -1.20 12.64
C ILE A 92 -14.95 -1.66 11.21
N HIS A 93 -13.68 -1.78 10.82
CA HIS A 93 -13.38 -2.24 9.47
C HIS A 93 -13.88 -3.65 9.23
N ARG A 94 -13.59 -4.57 10.14
CA ARG A 94 -14.06 -5.95 9.98
C ARG A 94 -15.59 -6.03 9.99
N TRP A 95 -16.22 -5.36 10.95
CA TRP A 95 -17.68 -5.42 11.05
C TRP A 95 -18.35 -4.78 9.85
N SER A 96 -17.83 -3.66 9.35
CA SER A 96 -18.42 -3.02 8.19
C SER A 96 -18.12 -3.77 6.90
N ALA A 97 -17.05 -4.57 6.85
CA ALA A 97 -16.88 -5.49 5.73
C ALA A 97 -17.99 -6.54 5.73
N SER A 98 -18.20 -7.18 6.89
CA SER A 98 -19.26 -8.17 6.99
C SER A 98 -20.62 -7.56 6.66
N MET A 99 -20.88 -6.35 7.16
CA MET A 99 -22.16 -5.71 6.91
C MET A 99 -22.27 -5.18 5.49
N MET A 100 -21.16 -4.81 4.85
CA MET A 100 -21.18 -4.53 3.42
C MET A 100 -21.69 -5.73 2.64
N VAL A 101 -21.13 -6.91 2.91
CA VAL A 101 -21.56 -8.08 2.15
C VAL A 101 -23.02 -8.43 2.47
N LEU A 102 -23.41 -8.27 3.74
CA LEU A 102 -24.80 -8.56 4.11
C LEU A 102 -25.78 -7.60 3.45
N MET A 103 -25.46 -6.30 3.45
CA MET A 103 -26.32 -5.33 2.80
C MET A 103 -26.33 -5.56 1.29
N MET A 104 -25.22 -6.03 0.73
CA MET A 104 -25.18 -6.39 -0.68
C MET A 104 -26.14 -7.53 -0.98
N ILE A 105 -26.16 -8.55 -0.12
CA ILE A 105 -27.05 -9.68 -0.34
C ILE A 105 -28.50 -9.24 -0.22
N LEU A 106 -28.80 -8.41 0.77
CA LEU A 106 -30.16 -7.89 0.92
C LEU A 106 -30.55 -6.99 -0.25
N HIS A 107 -29.60 -6.23 -0.79
CA HIS A 107 -29.86 -5.40 -1.97
C HIS A 107 -30.16 -6.26 -3.18
N VAL A 108 -29.43 -7.37 -3.36
CA VAL A 108 -29.75 -8.29 -4.45
C VAL A 108 -31.13 -8.90 -4.25
N PHE A 109 -31.48 -9.23 -3.01
CA PHE A 109 -32.81 -9.75 -2.74
C PHE A 109 -33.89 -8.74 -3.12
N ARG A 110 -33.67 -7.47 -2.77
CA ARG A 110 -34.63 -6.43 -3.13
C ARG A 110 -34.74 -6.29 -4.64
N VAL A 111 -33.60 -6.24 -5.33
CA VAL A 111 -33.59 -6.02 -6.77
C VAL A 111 -34.28 -7.16 -7.49
N TYR A 112 -34.01 -8.40 -7.09
CA TYR A 112 -34.64 -9.54 -7.73
C TYR A 112 -36.12 -9.63 -7.39
N LEU A 113 -36.48 -9.42 -6.13
CA LEU A 113 -37.87 -9.54 -5.70
C LEU A 113 -38.70 -8.33 -6.04
N THR A 114 -38.14 -7.33 -6.74
CA THR A 114 -38.93 -6.19 -7.22
C THR A 114 -38.81 -6.03 -8.73
N GLY A 115 -38.19 -6.99 -9.42
CA GLY A 115 -38.05 -6.89 -10.86
C GLY A 115 -37.15 -5.78 -11.33
N GLY A 116 -36.26 -5.29 -10.47
CA GLY A 116 -35.40 -4.19 -10.84
C GLY A 116 -34.31 -4.52 -11.82
N PHE A 117 -34.10 -5.81 -12.11
CA PHE A 117 -33.11 -6.25 -13.08
C PHE A 117 -33.66 -6.35 -14.49
N LYS A 118 -34.98 -6.24 -14.67
CA LYS A 118 -35.58 -6.45 -15.97
C LYS A 118 -35.21 -5.31 -16.92
N LYS A 119 -35.63 -5.46 -18.18
CA LYS A 119 -35.39 -4.44 -19.18
C LYS A 119 -36.05 -3.13 -18.74
N PRO A 120 -35.35 -1.99 -18.84
CA PRO A 120 -34.01 -1.81 -19.42
C PRO A 120 -32.87 -1.74 -18.41
N ARG A 121 -32.85 -2.62 -17.40
CA ARG A 121 -31.85 -2.55 -16.34
C ARG A 121 -30.99 -3.81 -16.28
N GLU A 122 -30.74 -4.44 -17.43
CA GLU A 122 -29.88 -5.61 -17.45
C GLU A 122 -28.43 -5.24 -17.20
N LEU A 123 -27.97 -4.14 -17.79
CA LEU A 123 -26.60 -3.69 -17.58
C LEU A 123 -26.36 -3.30 -16.12
N THR A 124 -27.36 -2.73 -15.46
CA THR A 124 -27.22 -2.42 -14.04
C THR A 124 -27.01 -3.68 -13.23
N TRP A 125 -27.75 -4.75 -13.56
CA TRP A 125 -27.56 -6.01 -12.86
C TRP A 125 -26.19 -6.61 -13.15
N VAL A 126 -25.71 -6.50 -14.39
CA VAL A 126 -24.39 -7.04 -14.74
C VAL A 126 -23.31 -6.30 -13.97
N VAL A 127 -23.38 -4.97 -13.94
CA VAL A 127 -22.41 -4.18 -13.18
C VAL A 127 -22.53 -4.49 -11.69
N GLY A 128 -23.74 -4.76 -11.21
CA GLY A 128 -23.90 -5.13 -9.82
C GLY A 128 -23.26 -6.46 -9.49
N VAL A 129 -23.40 -7.45 -10.38
CA VAL A 129 -22.75 -8.74 -10.16
C VAL A 129 -21.23 -8.57 -10.18
N MET A 130 -20.72 -7.71 -11.06
CA MET A 130 -19.29 -7.41 -11.05
C MET A 130 -18.89 -6.74 -9.74
N LEU A 131 -19.74 -5.87 -9.20
CA LEU A 131 -19.50 -5.26 -7.89
C LEU A 131 -19.45 -6.31 -6.80
N ALA A 132 -20.37 -7.28 -6.86
CA ALA A 132 -20.38 -8.35 -5.87
C ALA A 132 -19.10 -9.18 -5.94
N VAL A 133 -18.66 -9.50 -7.15
CA VAL A 133 -17.40 -10.22 -7.30
C VAL A 133 -16.24 -9.40 -6.75
N THR A 134 -16.23 -8.10 -7.02
CA THR A 134 -15.17 -7.23 -6.51
C THR A 134 -15.15 -7.21 -4.99
N THR A 135 -16.33 -7.12 -4.36
CA THR A 135 -16.37 -7.10 -2.90
C THR A 135 -15.98 -8.44 -2.29
N VAL A 136 -16.41 -9.54 -2.90
CA VAL A 136 -16.02 -10.86 -2.40
C VAL A 136 -14.52 -11.05 -2.49
N THR A 137 -13.91 -10.74 -3.65
CA THR A 137 -12.46 -10.84 -3.73
C THR A 137 -11.77 -9.80 -2.89
N PHE A 138 -12.46 -8.70 -2.56
CA PHE A 138 -11.89 -7.68 -1.69
C PHE A 138 -11.69 -8.26 -0.31
N GLY A 139 -12.73 -8.90 0.22
CA GLY A 139 -12.63 -9.58 1.50
C GLY A 139 -11.67 -10.76 1.47
N VAL A 140 -11.63 -11.47 0.33
CA VAL A 140 -10.67 -12.57 0.19
C VAL A 140 -9.24 -12.07 0.34
N THR A 141 -8.91 -10.96 -0.34
CA THR A 141 -7.56 -10.43 -0.26
C THR A 141 -7.27 -9.85 1.12
N GLY A 142 -8.27 -9.28 1.77
CA GLY A 142 -8.05 -8.70 3.07
C GLY A 142 -8.10 -9.64 4.25
N TYR A 143 -8.62 -10.86 4.08
CA TYR A 143 -8.72 -11.79 5.19
C TYR A 143 -7.36 -12.27 5.68
N SER A 144 -6.31 -12.13 4.88
CA SER A 144 -4.98 -12.61 5.25
C SER A 144 -3.98 -11.48 5.47
N LEU A 145 -4.41 -10.23 5.35
CA LEU A 145 -3.50 -9.12 5.64
C LEU A 145 -2.96 -9.19 7.07
N PRO A 146 -3.77 -9.55 8.08
CA PRO A 146 -3.18 -9.73 9.41
C PRO A 146 -2.12 -10.83 9.46
N TRP A 147 -2.11 -11.73 8.46
CA TRP A 147 -1.10 -12.79 8.37
C TRP A 147 -1.08 -13.64 9.63
N ASP A 148 -2.26 -13.89 10.18
CA ASP A 148 -2.40 -14.80 11.30
C ASP A 148 -2.57 -16.22 10.77
N GLN A 149 -2.88 -17.17 11.65
CA GLN A 149 -3.09 -18.54 11.21
C GLN A 149 -4.29 -18.65 10.27
N VAL A 150 -5.40 -18.00 10.64
CA VAL A 150 -6.65 -18.15 9.89
C VAL A 150 -6.50 -17.59 8.49
N GLY A 151 -6.01 -16.36 8.36
CA GLY A 151 -5.90 -15.74 7.05
C GLY A 151 -4.89 -16.43 6.16
N TYR A 152 -3.71 -16.74 6.72
CA TYR A 152 -2.68 -17.41 5.94
C TYR A 152 -3.17 -18.76 5.44
N TRP A 153 -3.84 -19.54 6.29
CA TRP A 153 -4.26 -20.86 5.84
C TRP A 153 -5.48 -20.79 4.93
N ALA A 154 -6.34 -19.78 5.10
CA ALA A 154 -7.44 -19.60 4.16
C ALA A 154 -6.91 -19.29 2.77
N VAL A 155 -5.88 -18.44 2.68
CA VAL A 155 -5.30 -18.14 1.37
C VAL A 155 -4.54 -19.34 0.83
N LYS A 156 -3.81 -20.07 1.67
CA LYS A 156 -3.13 -21.27 1.20
C LYS A 156 -4.12 -22.30 0.69
N ILE A 157 -5.34 -22.30 1.22
CA ILE A 157 -6.37 -23.22 0.74
C ILE A 157 -6.95 -22.72 -0.58
N VAL A 158 -7.34 -21.45 -0.64
CA VAL A 158 -8.08 -20.96 -1.81
C VAL A 158 -7.18 -20.63 -2.99
N SER A 159 -5.88 -20.47 -2.78
CA SER A 159 -4.97 -20.09 -3.86
C SER A 159 -4.45 -21.29 -4.63
N GLY A 160 -4.37 -22.46 -4.00
CA GLY A 160 -4.00 -23.67 -4.68
C GLY A 160 -5.14 -24.39 -5.36
N VAL A 161 -6.35 -23.84 -5.28
CA VAL A 161 -7.53 -24.42 -5.92
C VAL A 161 -7.39 -24.43 -7.45
N PRO A 162 -6.95 -23.32 -8.11
CA PRO A 162 -6.87 -23.33 -9.57
C PRO A 162 -5.98 -24.43 -10.15
N ALA A 163 -5.23 -25.14 -9.31
CA ALA A 163 -4.35 -26.20 -9.79
C ALA A 163 -5.12 -27.37 -10.42
N ALA A 164 -6.44 -27.45 -10.20
CA ALA A 164 -7.24 -28.50 -10.82
C ALA A 164 -7.40 -28.30 -12.32
N ILE A 165 -7.30 -27.07 -12.79
CA ILE A 165 -7.36 -26.82 -14.24
C ILE A 165 -6.15 -27.49 -14.90
N PRO A 166 -6.33 -28.31 -15.94
CA PRO A 166 -5.20 -29.08 -16.48
C PRO A 166 -4.12 -28.23 -17.14
N VAL A 167 -4.51 -27.31 -18.01
CA VAL A 167 -3.53 -26.60 -18.83
C VAL A 167 -2.85 -25.49 -18.04
N VAL A 168 -3.64 -24.53 -17.57
CA VAL A 168 -3.10 -23.31 -16.97
C VAL A 168 -3.31 -23.31 -15.46
N GLY A 169 -3.38 -24.49 -14.87
CA GLY A 169 -3.63 -24.60 -13.44
C GLY A 169 -2.51 -24.07 -12.58
N ASP A 170 -1.34 -24.70 -12.65
CA ASP A 170 -0.22 -24.28 -11.81
C ASP A 170 0.23 -22.87 -12.15
N GLN A 171 0.10 -22.45 -13.42
CA GLN A 171 0.43 -21.08 -13.78
C GLN A 171 -0.50 -20.09 -13.09
N LEU A 172 -1.80 -20.39 -13.04
CA LEU A 172 -2.73 -19.52 -12.33
C LEU A 172 -2.43 -19.52 -10.83
N VAL A 173 -2.10 -20.68 -10.26
CA VAL A 173 -1.78 -20.76 -8.85
C VAL A 173 -0.56 -19.89 -8.53
N THR A 174 0.46 -19.96 -9.37
CA THR A 174 1.64 -19.12 -9.19
C THR A 174 1.34 -17.64 -9.40
N LEU A 175 0.46 -17.31 -10.34
CA LEU A 175 0.12 -15.92 -10.59
C LEU A 175 -0.64 -15.29 -9.42
N MET A 176 -1.58 -16.01 -8.83
CA MET A 176 -2.29 -15.47 -7.67
C MET A 176 -1.37 -15.36 -6.45
N ARG A 177 -0.54 -16.37 -6.21
CA ARG A 177 0.34 -16.37 -5.06
C ARG A 177 1.56 -15.47 -5.23
N GLY A 178 1.85 -15.00 -6.44
CA GLY A 178 3.02 -14.18 -6.67
C GLY A 178 4.30 -14.97 -6.59
N SER A 179 4.18 -16.28 -6.40
CA SER A 179 5.30 -17.20 -6.31
C SER A 179 4.71 -18.61 -6.34
N GLU A 180 5.59 -19.61 -6.19
CA GLU A 180 5.12 -20.98 -6.19
C GLU A 180 4.37 -21.33 -4.91
N SER A 181 4.72 -20.68 -3.79
CA SER A 181 4.12 -20.95 -2.51
C SER A 181 3.64 -19.67 -1.86
N VAL A 182 2.68 -19.80 -0.95
CA VAL A 182 2.13 -18.64 -0.25
C VAL A 182 3.17 -18.09 0.70
N GLY A 183 3.51 -16.82 0.54
CA GLY A 183 4.53 -16.21 1.36
C GLY A 183 4.55 -14.70 1.27
N GLN A 184 5.76 -14.12 1.22
CA GLN A 184 5.89 -12.67 1.20
C GLN A 184 5.33 -12.08 -0.10
N ALA A 185 5.59 -12.73 -1.23
CA ALA A 185 5.06 -12.24 -2.50
C ALA A 185 3.53 -12.26 -2.49
N THR A 186 2.94 -13.32 -1.94
CA THR A 186 1.49 -13.38 -1.82
C THR A 186 0.95 -12.25 -0.95
N LEU A 187 1.61 -11.97 0.17
CA LEU A 187 1.17 -10.88 1.03
C LEU A 187 1.27 -9.53 0.32
N THR A 188 2.36 -9.30 -0.40
CA THR A 188 2.51 -8.02 -1.10
C THR A 188 1.47 -7.87 -2.20
N ARG A 189 1.25 -8.92 -2.99
CA ARG A 189 0.25 -8.84 -4.06
C ARG A 189 -1.15 -8.66 -3.49
N PHE A 190 -1.47 -9.37 -2.40
CA PHE A 190 -2.80 -9.24 -1.81
C PHE A 190 -2.99 -7.86 -1.19
N TYR A 191 -1.95 -7.30 -0.59
CA TYR A 191 -2.05 -5.94 -0.06
C TYR A 191 -2.23 -4.92 -1.17
N SER A 192 -1.53 -5.09 -2.29
CA SER A 192 -1.72 -4.19 -3.42
C SER A 192 -3.14 -4.30 -3.97
N LEU A 193 -3.65 -5.53 -4.09
CA LEU A 193 -5.03 -5.72 -4.53
C LEU A 193 -6.01 -5.06 -3.57
N HIS A 194 -5.77 -5.22 -2.26
CA HIS A 194 -6.72 -4.76 -1.26
C HIS A 194 -6.74 -3.23 -1.17
N THR A 195 -5.57 -2.60 -1.21
CA THR A 195 -5.49 -1.17 -0.96
C THR A 195 -5.47 -0.33 -2.22
N PHE A 196 -5.00 -0.87 -3.34
CA PHE A 196 -4.90 -0.10 -4.57
C PHE A 196 -5.80 -0.61 -5.68
N VAL A 197 -5.65 -1.87 -6.08
CA VAL A 197 -6.30 -2.34 -7.31
C VAL A 197 -7.81 -2.35 -7.13
N LEU A 198 -8.29 -3.07 -6.15
CA LEU A 198 -9.72 -3.30 -5.97
C LEU A 198 -10.47 -2.06 -5.49
N PRO A 199 -9.89 -1.16 -4.69
CA PRO A 199 -10.59 0.11 -4.45
C PRO A 199 -10.87 0.88 -5.73
N TRP A 200 -9.93 0.93 -6.66
CA TRP A 200 -10.17 1.62 -7.92
C TRP A 200 -11.17 0.83 -8.78
N ALA A 201 -11.07 -0.49 -8.79
CA ALA A 201 -12.01 -1.30 -9.57
C ALA A 201 -13.43 -1.09 -9.07
N ILE A 202 -13.62 -1.15 -7.75
CA ILE A 202 -14.95 -0.96 -7.18
C ILE A 202 -15.41 0.48 -7.32
N ALA A 203 -14.50 1.46 -7.32
CA ALA A 203 -14.93 2.83 -7.59
C ALA A 203 -15.45 2.98 -9.01
N VAL A 204 -14.76 2.40 -9.98
CA VAL A 204 -15.22 2.47 -11.37
C VAL A 204 -16.56 1.75 -11.52
N LEU A 205 -16.69 0.57 -10.91
CA LEU A 205 -17.93 -0.17 -11.01
C LEU A 205 -19.08 0.55 -10.32
N LEU A 206 -18.80 1.18 -9.18
CA LEU A 206 -19.83 1.97 -8.50
C LEU A 206 -20.24 3.17 -9.33
N LEU A 207 -19.27 3.82 -9.98
CA LEU A 207 -19.60 4.93 -10.86
C LEU A 207 -20.51 4.49 -11.99
N LEU A 208 -20.19 3.35 -12.61
CA LEU A 208 -21.04 2.83 -13.68
C LEU A 208 -22.43 2.49 -13.16
N HIS A 209 -22.49 1.82 -12.00
CA HIS A 209 -23.76 1.46 -11.39
C HIS A 209 -24.63 2.68 -11.15
N PHE A 210 -24.06 3.69 -10.49
CA PHE A 210 -24.84 4.87 -10.12
C PHE A 210 -25.19 5.71 -11.33
N LEU A 211 -24.32 5.77 -12.34
CA LEU A 211 -24.66 6.47 -13.57
C LEU A 211 -25.83 5.80 -14.28
N MET A 212 -25.83 4.47 -14.38
CA MET A 212 -26.95 3.78 -14.99
C MET A 212 -28.24 4.00 -14.21
N ILE A 213 -28.16 3.93 -12.88
CA ILE A 213 -29.35 4.12 -12.06
C ILE A 213 -29.89 5.54 -12.22
N ARG A 214 -29.01 6.54 -12.20
CA ARG A 214 -29.45 7.91 -12.35
C ARG A 214 -30.04 8.16 -13.73
N LYS A 215 -29.44 7.57 -14.77
CA LYS A 215 -29.97 7.74 -16.12
C LYS A 215 -31.35 7.12 -16.27
N GLN A 216 -31.54 5.93 -15.71
CA GLN A 216 -32.79 5.20 -15.88
C GLN A 216 -33.75 5.34 -14.72
N GLY A 217 -33.32 5.88 -13.58
CA GLY A 217 -34.19 6.03 -12.44
C GLY A 217 -34.51 4.69 -11.79
N ILE A 218 -35.40 4.75 -10.81
CA ILE A 218 -35.81 3.53 -10.13
C ILE A 218 -36.83 2.79 -10.99
N SER A 219 -36.95 1.49 -10.73
CA SER A 219 -37.83 0.63 -11.51
C SER A 219 -39.29 0.90 -11.19
N GLY A 220 -40.19 0.29 -11.96
CA GLY A 220 -41.60 0.54 -11.84
C GLY A 220 -42.23 -0.13 -10.64
N PRO A 221 -43.46 0.26 -10.32
CA PRO A 221 -44.16 -0.34 -9.18
C PRO A 221 -44.51 -1.79 -9.45
N LEU A 222 -44.65 -2.53 -8.36
CA LEU A 222 -44.94 -3.96 -8.42
C LEU A 222 -46.45 -4.21 -8.52
N SER B 2 -44.28 18.62 -2.81
CA SER B 2 -45.04 18.80 -1.59
C SER B 2 -45.37 17.46 -0.94
N ILE B 3 -46.65 17.12 -0.93
CA ILE B 3 -47.08 15.82 -0.41
C ILE B 3 -46.73 14.72 -1.41
N ILE B 4 -47.18 14.89 -2.66
CA ILE B 4 -46.95 13.90 -3.71
C ILE B 4 -47.27 14.57 -5.04
N LYS B 5 -46.50 14.22 -6.06
CA LYS B 5 -46.74 14.69 -7.42
C LYS B 5 -47.25 13.53 -8.26
N LYS B 6 -48.46 13.67 -8.78
CA LYS B 6 -49.04 12.61 -9.60
C LYS B 6 -48.34 12.56 -10.96
N PRO B 7 -48.24 11.38 -11.55
CA PRO B 7 -47.58 11.27 -12.87
C PRO B 7 -48.36 12.01 -13.93
N ASP B 8 -47.69 12.93 -14.62
CA ASP B 8 -48.32 13.73 -15.67
C ASP B 8 -48.35 12.90 -16.94
N LEU B 9 -49.41 12.10 -17.09
CA LEU B 9 -49.55 11.25 -18.27
C LEU B 9 -49.80 12.05 -19.53
N SER B 10 -50.22 13.32 -19.41
CA SER B 10 -50.40 14.17 -20.57
C SER B 10 -49.08 14.59 -21.21
N ASP B 11 -47.95 14.38 -20.52
CA ASP B 11 -46.63 14.67 -21.08
C ASP B 11 -46.22 13.56 -22.03
N PRO B 12 -45.81 13.89 -23.26
CA PRO B 12 -45.46 12.83 -24.22
C PRO B 12 -44.15 12.14 -23.88
N ASP B 13 -43.14 12.92 -23.47
CA ASP B 13 -41.85 12.33 -23.13
C ASP B 13 -41.95 11.42 -21.91
N LEU B 14 -42.68 11.86 -20.89
CA LEU B 14 -42.84 11.04 -19.69
C LEU B 14 -43.59 9.74 -20.01
N ARG B 15 -44.62 9.82 -20.84
CA ARG B 15 -45.35 8.62 -21.23
C ARG B 15 -44.48 7.68 -22.05
N ALA B 16 -43.64 8.23 -22.93
CA ALA B 16 -42.72 7.40 -23.69
C ALA B 16 -41.71 6.71 -22.78
N LYS B 17 -41.19 7.44 -21.79
CA LYS B 17 -40.28 6.83 -20.82
C LYS B 17 -40.98 5.73 -20.03
N LEU B 18 -42.21 5.97 -19.60
CA LEU B 18 -42.95 4.98 -18.83
C LEU B 18 -43.19 3.73 -19.65
N ALA B 19 -43.48 3.89 -20.95
CA ALA B 19 -43.64 2.73 -21.81
C ALA B 19 -42.34 1.93 -21.93
N LYS B 20 -41.20 2.60 -21.82
CA LYS B 20 -39.90 1.96 -21.94
C LYS B 20 -39.39 1.39 -20.61
N GLY B 21 -40.12 1.60 -19.52
CA GLY B 21 -39.73 1.13 -18.21
C GLY B 21 -39.03 2.16 -17.36
N MET B 22 -38.50 3.23 -17.98
CA MET B 22 -37.84 4.29 -17.26
C MET B 22 -38.84 5.39 -16.91
N GLY B 23 -38.35 6.55 -16.47
CA GLY B 23 -39.21 7.67 -16.20
C GLY B 23 -40.05 7.55 -14.96
N HIS B 24 -39.67 6.69 -14.03
CA HIS B 24 -40.39 6.56 -12.77
C HIS B 24 -39.90 7.52 -11.70
N ASN B 25 -38.79 8.22 -11.93
CA ASN B 25 -38.31 9.23 -11.00
C ASN B 25 -38.89 10.61 -11.28
N TYR B 26 -40.08 10.67 -11.86
CA TYR B 26 -40.71 11.94 -12.23
C TYR B 26 -42.06 12.13 -11.55
N TYR B 27 -42.36 11.33 -10.53
CA TYR B 27 -43.60 11.50 -9.79
C TYR B 27 -43.40 10.99 -8.37
N GLY B 28 -44.25 11.46 -7.47
CA GLY B 28 -44.17 11.10 -6.07
C GLY B 28 -43.64 12.24 -5.21
N GLU B 29 -42.94 11.85 -4.14
CA GLU B 29 -42.30 12.84 -3.30
C GLU B 29 -40.99 13.31 -3.92
N PRO B 30 -40.70 14.61 -3.85
CA PRO B 30 -39.42 15.10 -4.37
C PRO B 30 -38.24 14.47 -3.63
N ALA B 31 -37.18 14.18 -4.39
CA ALA B 31 -36.03 13.51 -3.81
C ALA B 31 -35.22 14.43 -2.89
N TRP B 32 -35.09 15.70 -3.25
CA TRP B 32 -34.35 16.66 -2.44
C TRP B 32 -35.27 17.78 -2.00
N PRO B 33 -35.25 18.19 -0.73
CA PRO B 33 -34.40 17.62 0.32
C PRO B 33 -35.08 16.52 1.12
N ASN B 34 -36.28 16.11 0.70
CA ASN B 34 -37.14 15.27 1.51
C ASN B 34 -36.49 13.92 1.86
N ASP B 35 -35.86 13.28 0.87
CA ASP B 35 -35.26 11.97 1.10
C ASP B 35 -33.74 12.01 1.12
N ILE B 36 -33.12 12.70 0.15
CA ILE B 36 -31.66 12.67 0.05
C ILE B 36 -31.01 13.40 1.20
N LEU B 37 -31.59 14.53 1.62
CA LEU B 37 -30.98 15.35 2.66
C LEU B 37 -31.44 14.99 4.07
N TYR B 38 -32.63 14.41 4.22
CA TYR B 38 -33.16 14.13 5.55
C TYR B 38 -33.33 12.65 5.85
N MET B 39 -33.61 11.82 4.84
CA MET B 39 -33.75 10.39 5.06
C MET B 39 -32.44 9.63 4.87
N PHE B 40 -31.60 10.03 3.93
CA PHE B 40 -30.30 9.37 3.77
C PHE B 40 -29.44 9.51 5.02
N PRO B 41 -29.28 10.70 5.63
CA PRO B 41 -28.46 10.76 6.85
C PRO B 41 -28.98 9.89 7.98
N ILE B 42 -30.29 9.66 8.05
CA ILE B 42 -30.82 8.77 9.09
C ILE B 42 -30.24 7.38 8.93
N CYS B 43 -30.30 6.83 7.72
CA CYS B 43 -29.76 5.50 7.46
C CYS B 43 -28.24 5.48 7.61
N ILE B 44 -27.55 6.53 7.18
CA ILE B 44 -26.09 6.56 7.32
C ILE B 44 -25.69 6.56 8.78
N LEU B 45 -26.34 7.39 9.59
CA LEU B 45 -26.04 7.43 11.02
C LEU B 45 -26.40 6.11 11.69
N GLY B 46 -27.53 5.51 11.30
CA GLY B 46 -27.88 4.21 11.85
C GLY B 46 -26.85 3.15 11.54
N ALA B 47 -26.40 3.09 10.29
CA ALA B 47 -25.39 2.10 9.91
C ALA B 47 -24.08 2.34 10.66
N LEU B 48 -23.65 3.60 10.73
CA LEU B 48 -22.41 3.91 11.44
C LEU B 48 -22.51 3.57 12.91
N GLY B 49 -23.66 3.87 13.54
CA GLY B 49 -23.82 3.56 14.94
C GLY B 49 -23.86 2.07 15.22
N LEU B 50 -24.57 1.31 14.39
CA LEU B 50 -24.58 -0.13 14.55
C LEU B 50 -23.20 -0.73 14.37
N ILE B 51 -22.45 -0.26 13.36
CA ILE B 51 -21.13 -0.82 13.12
C ILE B 51 -20.17 -0.47 14.27
N ALA B 52 -20.24 0.76 14.76
CA ALA B 52 -19.42 1.14 15.90
C ALA B 52 -19.79 0.35 17.15
N GLY B 53 -21.09 0.13 17.37
CA GLY B 53 -21.52 -0.64 18.53
C GLY B 53 -21.07 -2.08 18.46
N LEU B 54 -21.16 -2.69 17.27
CA LEU B 54 -20.66 -4.04 17.10
C LEU B 54 -19.15 -4.10 17.29
N ALA B 55 -18.44 -3.07 16.82
CA ALA B 55 -17.01 -3.02 17.00
C ALA B 55 -16.62 -2.93 18.48
N ILE B 56 -17.32 -2.09 19.24
CA ILE B 56 -17.00 -1.92 20.65
C ILE B 56 -17.41 -3.14 21.47
N LEU B 57 -18.60 -3.68 21.23
CA LEU B 57 -19.11 -4.81 22.00
C LEU B 57 -18.61 -6.15 21.50
N ASP B 58 -18.04 -6.21 20.29
CA ASP B 58 -17.49 -7.45 19.74
C ASP B 58 -16.29 -7.10 18.86
N PRO B 59 -15.16 -6.75 19.48
CA PRO B 59 -14.01 -6.28 18.69
C PRO B 59 -13.41 -7.38 17.82
N ALA B 60 -12.51 -7.00 16.92
CA ALA B 60 -11.81 -7.97 16.10
C ALA B 60 -10.64 -8.55 16.89
N MET B 61 -10.58 -9.88 16.99
CA MET B 61 -9.51 -10.52 17.73
C MET B 61 -8.23 -10.51 16.91
N ILE B 62 -7.10 -10.60 17.61
CA ILE B 62 -5.80 -10.54 16.95
C ILE B 62 -5.46 -11.88 16.33
N GLY B 63 -5.50 -12.94 17.10
CA GLY B 63 -5.21 -14.27 16.63
C GLY B 63 -3.83 -14.75 17.01
N GLU B 64 -3.36 -15.77 16.29
CA GLU B 64 -2.04 -16.32 16.49
C GLU B 64 -1.22 -16.22 15.20
N PRO B 65 0.08 -15.98 15.31
CA PRO B 65 0.87 -15.75 14.09
C PRO B 65 0.90 -16.98 13.20
N ALA B 66 1.02 -16.73 11.90
CA ALA B 66 0.93 -17.80 10.92
C ALA B 66 2.09 -18.77 11.06
N ASP B 67 1.77 -20.05 10.97
CA ASP B 67 2.77 -21.12 10.97
C ASP B 67 2.61 -21.95 9.71
N PRO B 68 3.54 -21.91 8.76
CA PRO B 68 3.38 -22.69 7.53
C PRO B 68 3.42 -24.20 7.74
N PHE B 69 3.85 -24.67 8.91
CA PHE B 69 3.99 -26.09 9.17
C PHE B 69 2.84 -26.69 9.97
N ALA B 70 1.94 -25.87 10.51
CA ALA B 70 0.87 -26.35 11.40
C ALA B 70 -0.45 -25.77 10.92
N THR B 71 -1.18 -26.52 10.11
CA THR B 71 -2.50 -26.09 9.69
C THR B 71 -3.47 -26.20 10.86
N PRO B 72 -4.38 -25.26 11.04
CA PRO B 72 -5.31 -25.32 12.17
C PRO B 72 -6.33 -26.43 11.98
N LEU B 73 -6.93 -26.83 13.11
CA LEU B 73 -7.90 -27.91 13.08
C LEU B 73 -9.10 -27.56 12.21
N GLU B 74 -9.63 -26.35 12.36
CA GLU B 74 -10.77 -25.88 11.58
C GLU B 74 -10.38 -24.57 10.91
N ILE B 75 -10.29 -24.60 9.59
CA ILE B 75 -10.02 -23.41 8.79
C ILE B 75 -11.26 -23.10 7.96
N LEU B 76 -11.64 -21.82 7.92
CA LEU B 76 -12.85 -21.40 7.25
C LEU B 76 -12.65 -20.00 6.70
N PRO B 77 -13.21 -19.70 5.53
CA PRO B 77 -13.18 -18.32 5.04
C PRO B 77 -14.24 -17.46 5.72
N GLU B 78 -14.43 -16.24 5.25
CA GLU B 78 -15.48 -15.40 5.80
C GLU B 78 -16.85 -16.02 5.51
N TRP B 79 -17.84 -15.62 6.32
CA TRP B 79 -19.13 -16.28 6.32
C TRP B 79 -19.76 -16.34 4.93
N TYR B 80 -19.61 -15.27 4.14
CA TYR B 80 -20.20 -15.23 2.81
C TYR B 80 -19.54 -16.18 1.83
N LEU B 81 -18.38 -16.74 2.17
CA LEU B 81 -17.75 -17.79 1.39
C LEU B 81 -18.04 -19.17 1.93
N TYR B 82 -18.89 -19.28 2.95
CA TYR B 82 -19.25 -20.59 3.49
C TYR B 82 -19.87 -21.52 2.46
N PRO B 83 -20.84 -21.10 1.62
CA PRO B 83 -21.38 -22.05 0.63
C PRO B 83 -20.36 -22.53 -0.37
N THR B 84 -19.68 -21.60 -1.04
CA THR B 84 -18.70 -21.98 -2.06
C THR B 84 -17.62 -22.87 -1.48
N PHE B 85 -17.09 -22.50 -0.30
CA PHE B 85 -16.12 -23.36 0.36
C PHE B 85 -16.68 -24.76 0.57
N GLN B 86 -17.95 -24.85 1.00
CA GLN B 86 -18.56 -26.17 1.16
C GLN B 86 -18.54 -26.95 -0.14
N ILE B 87 -18.78 -26.28 -1.27
CA ILE B 87 -18.71 -26.99 -2.54
C ILE B 87 -17.34 -27.63 -2.69
N LEU B 88 -16.29 -26.85 -2.43
CA LEU B 88 -14.93 -27.37 -2.51
C LEU B 88 -14.74 -28.58 -1.61
N ARG B 89 -15.44 -28.62 -0.49
CA ARG B 89 -15.29 -29.73 0.44
C ARG B 89 -15.96 -31.00 -0.10
N ILE B 90 -17.14 -30.86 -0.70
CA ILE B 90 -17.92 -32.06 -1.00
C ILE B 90 -17.83 -32.52 -2.44
N LEU B 91 -17.27 -31.71 -3.33
CA LEU B 91 -17.11 -32.18 -4.70
C LEU B 91 -15.76 -32.88 -4.84
N PRO B 92 -15.75 -34.19 -5.04
CA PRO B 92 -14.46 -34.89 -5.19
C PRO B 92 -13.71 -34.47 -6.43
N ASN B 93 -14.39 -33.97 -7.46
CA ASN B 93 -13.75 -33.48 -8.67
C ASN B 93 -13.46 -32.00 -8.46
N LYS B 94 -12.18 -31.68 -8.23
CA LYS B 94 -11.81 -30.30 -7.92
C LYS B 94 -12.10 -29.37 -9.09
N LEU B 95 -11.92 -29.85 -10.33
CA LEU B 95 -12.31 -29.05 -11.49
C LEU B 95 -13.80 -28.76 -11.48
N LEU B 96 -14.61 -29.77 -11.16
CA LEU B 96 -16.05 -29.54 -11.02
C LEU B 96 -16.35 -28.59 -9.86
N GLY B 97 -15.56 -28.66 -8.79
CA GLY B 97 -15.75 -27.71 -7.69
C GLY B 97 -15.48 -26.28 -8.13
N ILE B 98 -14.41 -26.07 -8.90
CA ILE B 98 -14.12 -24.74 -9.42
C ILE B 98 -15.23 -24.28 -10.35
N ALA B 99 -15.71 -25.17 -11.22
CA ALA B 99 -16.79 -24.80 -12.13
C ALA B 99 -18.05 -24.41 -11.36
N GLY B 100 -18.41 -25.17 -10.33
CA GLY B 100 -19.57 -24.84 -9.53
C GLY B 100 -19.42 -23.55 -8.74
N MET B 101 -18.22 -23.29 -8.22
CA MET B 101 -17.99 -22.05 -7.49
C MET B 101 -18.04 -20.85 -8.42
N ALA B 102 -17.52 -20.98 -9.65
CA ALA B 102 -17.50 -19.88 -10.59
C ALA B 102 -18.82 -19.71 -11.33
N ALA B 103 -19.70 -20.71 -11.29
CA ALA B 103 -20.98 -20.60 -11.96
C ALA B 103 -21.96 -19.70 -11.22
N ILE B 104 -21.64 -19.27 -10.00
CA ILE B 104 -22.53 -18.39 -9.26
C ILE B 104 -22.45 -16.98 -9.83
N PRO B 105 -21.28 -16.33 -9.89
CA PRO B 105 -21.26 -14.98 -10.47
C PRO B 105 -21.58 -14.97 -11.96
N LEU B 106 -21.15 -15.97 -12.71
CA LEU B 106 -21.49 -16.05 -14.13
C LEU B 106 -22.94 -16.45 -14.34
N GLY B 107 -23.50 -17.24 -13.42
CA GLY B 107 -24.90 -17.60 -13.50
C GLY B 107 -25.84 -16.46 -13.14
N LEU B 108 -25.40 -15.54 -12.29
CA LEU B 108 -26.24 -14.38 -11.98
C LEU B 108 -26.27 -13.36 -13.11
N MET B 109 -25.17 -13.24 -13.87
CA MET B 109 -25.15 -12.30 -14.97
C MET B 109 -26.14 -12.66 -16.07
N LEU B 110 -26.62 -13.90 -16.11
CA LEU B 110 -27.62 -14.32 -17.08
C LEU B 110 -29.04 -14.21 -16.55
N VAL B 111 -29.21 -13.81 -15.29
CA VAL B 111 -30.55 -13.70 -14.73
C VAL B 111 -31.43 -12.70 -15.48
N PRO B 112 -30.99 -11.46 -15.74
CA PRO B 112 -31.86 -10.52 -16.47
C PRO B 112 -32.16 -10.94 -17.88
N PHE B 113 -31.37 -11.83 -18.47
CA PHE B 113 -31.60 -12.29 -19.84
C PHE B 113 -32.41 -13.57 -19.91
N ILE B 114 -32.24 -14.48 -18.94
CA ILE B 114 -33.08 -15.67 -18.90
C ILE B 114 -34.52 -15.31 -18.53
N GLU B 115 -34.70 -14.36 -17.62
CA GLU B 115 -36.01 -13.93 -17.17
C GLU B 115 -36.55 -12.75 -17.97
N SER B 116 -36.04 -12.52 -19.17
CA SER B 116 -36.57 -11.48 -20.05
C SER B 116 -37.81 -11.93 -20.79
N VAL B 117 -38.37 -13.10 -20.44
CA VAL B 117 -39.54 -13.61 -21.11
C VAL B 117 -40.78 -12.77 -20.82
N ASN B 118 -40.93 -12.28 -19.59
CA ASN B 118 -42.12 -11.55 -19.19
C ASN B 118 -41.73 -10.21 -18.58
N LYS B 119 -42.60 -9.22 -18.77
CA LYS B 119 -42.40 -7.89 -18.21
C LYS B 119 -42.71 -7.80 -16.72
N PHE B 120 -43.32 -8.83 -16.15
CA PHE B 120 -43.82 -8.75 -14.79
C PHE B 120 -42.70 -8.56 -13.78
N GLN B 121 -42.96 -7.71 -12.79
CA GLN B 121 -41.99 -7.45 -11.73
C GLN B 121 -42.42 -7.97 -10.38
N ASN B 122 -43.71 -8.17 -10.16
CA ASN B 122 -44.19 -8.66 -8.87
C ASN B 122 -43.82 -10.12 -8.70
N PRO B 123 -43.28 -10.52 -7.55
CA PRO B 123 -43.00 -11.94 -7.31
C PRO B 123 -44.20 -12.85 -7.48
N PHE B 124 -45.40 -12.38 -7.14
CA PHE B 124 -46.59 -13.20 -7.27
C PHE B 124 -47.07 -13.33 -8.71
N ARG B 125 -46.40 -12.66 -9.64
CA ARG B 125 -46.64 -12.87 -11.08
C ARG B 125 -45.49 -13.61 -11.73
N ARG B 126 -44.54 -14.12 -10.95
CA ARG B 126 -43.38 -14.86 -11.47
C ARG B 126 -43.24 -16.17 -10.70
N PRO B 127 -44.12 -17.13 -10.95
CA PRO B 127 -44.08 -18.38 -10.15
C PRO B 127 -42.79 -19.16 -10.31
N ILE B 128 -42.36 -19.39 -11.55
CA ILE B 128 -41.15 -20.18 -11.78
C ILE B 128 -39.92 -19.44 -11.27
N ALA B 129 -39.84 -18.14 -11.52
CA ALA B 129 -38.70 -17.36 -11.05
C ALA B 129 -38.59 -17.37 -9.54
N MET B 130 -39.72 -17.22 -8.85
CA MET B 130 -39.70 -17.26 -7.39
C MET B 130 -39.41 -18.64 -6.86
N THR B 131 -39.89 -19.70 -7.52
CA THR B 131 -39.53 -21.05 -7.11
C THR B 131 -38.02 -21.27 -7.21
N VAL B 132 -37.44 -20.84 -8.32
CA VAL B 132 -35.99 -20.96 -8.50
C VAL B 132 -35.25 -20.14 -7.45
N PHE B 133 -35.71 -18.91 -7.20
CA PHE B 133 -35.04 -18.04 -6.24
C PHE B 133 -35.09 -18.62 -4.83
N LEU B 134 -36.26 -19.11 -4.41
CA LEU B 134 -36.39 -19.68 -3.08
C LEU B 134 -35.54 -20.94 -2.95
N PHE B 135 -35.57 -21.80 -3.97
CA PHE B 135 -34.75 -23.02 -3.93
C PHE B 135 -33.27 -22.67 -3.84
N GLY B 136 -32.82 -21.68 -4.63
CA GLY B 136 -31.44 -21.27 -4.59
C GLY B 136 -31.01 -20.62 -3.29
N THR B 137 -31.86 -19.77 -2.72
CA THR B 137 -31.55 -19.18 -1.42
C THR B 137 -31.49 -20.24 -0.34
N ALA B 138 -32.42 -21.19 -0.33
CA ALA B 138 -32.38 -22.27 0.64
C ALA B 138 -31.13 -23.13 0.45
N ALA B 139 -30.75 -23.42 -0.80
CA ALA B 139 -29.57 -24.23 -1.03
C ALA B 139 -28.30 -23.51 -0.60
N ALA B 140 -28.20 -22.20 -0.89
CA ALA B 140 -27.04 -21.44 -0.45
C ALA B 140 -26.95 -21.39 1.06
N LEU B 141 -28.08 -21.16 1.74
CA LEU B 141 -28.08 -21.16 3.19
C LEU B 141 -27.71 -22.52 3.76
N TRP B 142 -28.19 -23.59 3.14
CA TRP B 142 -27.86 -24.94 3.60
C TRP B 142 -26.39 -25.24 3.43
N LEU B 143 -25.80 -24.85 2.29
CA LEU B 143 -24.36 -25.04 2.09
C LEU B 143 -23.55 -24.22 3.08
N GLY B 144 -23.95 -22.97 3.30
CA GLY B 144 -23.25 -22.14 4.28
C GLY B 144 -23.34 -22.69 5.68
N ALA B 145 -24.51 -23.20 6.07
CA ALA B 145 -24.66 -23.83 7.38
C ALA B 145 -23.82 -25.09 7.50
N GLY B 146 -23.78 -25.91 6.45
CA GLY B 146 -22.95 -27.10 6.48
C GLY B 146 -21.47 -26.81 6.49
N ALA B 147 -21.06 -25.64 6.00
CA ALA B 147 -19.63 -25.31 6.01
C ALA B 147 -19.07 -25.27 7.43
N THR B 148 -19.91 -25.08 8.45
CA THR B 148 -19.50 -25.09 9.84
C THR B 148 -19.68 -26.48 10.48
N PHE B 149 -19.62 -27.52 9.68
CA PHE B 149 -19.80 -28.90 10.12
C PHE B 149 -18.65 -29.76 9.61
N PRO B 150 -18.38 -30.89 10.28
CA PRO B 150 -17.46 -31.87 9.71
C PRO B 150 -17.97 -32.38 8.37
N ILE B 151 -17.03 -32.75 7.50
CA ILE B 151 -17.32 -33.10 6.11
C ILE B 151 -18.24 -34.32 6.04
N ASP B 152 -18.35 -35.05 7.15
CA ASP B 152 -19.22 -36.22 7.20
C ASP B 152 -20.69 -35.82 7.30
N LYS B 153 -21.06 -35.10 8.36
CA LYS B 153 -22.43 -34.64 8.56
C LYS B 153 -22.70 -33.28 7.94
N SER B 154 -21.91 -32.89 6.94
CA SER B 154 -22.09 -31.59 6.32
C SER B 154 -23.28 -31.53 5.37
N LEU B 155 -23.77 -32.68 4.91
CA LEU B 155 -24.92 -32.72 4.03
C LEU B 155 -26.24 -32.90 4.76
N THR B 156 -26.21 -33.23 6.04
CA THR B 156 -27.42 -33.43 6.83
C THR B 156 -27.58 -32.42 7.95
N LEU B 157 -26.57 -31.62 8.23
CA LEU B 157 -26.59 -30.65 9.33
C LEU B 157 -26.91 -31.34 10.66
N GLY B 158 -26.32 -32.52 10.83
CA GLY B 158 -26.57 -33.31 12.01
C GLY B 158 -27.93 -33.98 11.98
N LEU B 159 -28.54 -34.04 10.79
CA LEU B 159 -29.85 -34.63 10.60
C LEU B 159 -30.90 -34.01 11.52
N TYR C 1 -4.21 -38.59 32.54
CA TYR C 1 -4.50 -37.49 33.45
C TYR C 1 -3.74 -36.24 33.04
N PRO C 2 -4.26 -35.07 33.41
CA PRO C 2 -3.62 -33.81 32.98
C PRO C 2 -2.17 -33.66 33.41
N PHE C 3 -1.76 -34.26 34.52
CA PHE C 3 -0.35 -34.17 34.90
C PHE C 3 0.53 -34.96 33.93
N TRP C 4 -0.02 -36.02 33.33
CA TRP C 4 0.70 -36.69 32.24
C TRP C 4 0.84 -35.77 31.03
N ALA C 5 -0.08 -34.82 30.84
CA ALA C 5 0.10 -33.81 29.81
C ALA C 5 1.14 -32.78 30.23
N GLN C 6 1.21 -32.44 31.52
CA GLN C 6 2.29 -31.61 32.01
C GLN C 6 3.65 -32.26 31.80
N GLU C 7 3.72 -33.59 31.88
CA GLU C 7 4.98 -34.29 31.67
C GLU C 7 5.31 -34.49 30.20
N THR C 8 4.31 -34.82 29.38
CA THR C 8 4.55 -35.03 27.96
C THR C 8 4.84 -33.73 27.24
N ALA C 9 4.05 -32.70 27.52
CA ALA C 9 4.19 -31.37 26.91
C ALA C 9 4.30 -30.35 28.02
N PRO C 10 5.49 -30.17 28.60
CA PRO C 10 5.63 -29.29 29.76
C PRO C 10 5.53 -27.81 29.43
N LEU C 11 5.46 -27.44 28.16
CA LEU C 11 5.36 -26.03 27.80
C LEU C 11 3.91 -25.57 27.66
N THR C 12 3.17 -26.19 26.74
CA THR C 12 1.81 -25.76 26.45
C THR C 12 0.99 -27.00 26.19
N PRO C 13 -0.26 -27.07 26.67
CA PRO C 13 -1.11 -28.22 26.34
C PRO C 13 -1.65 -28.20 24.93
N ARG C 14 -1.37 -27.15 24.17
CA ARG C 14 -1.85 -26.98 22.80
C ARG C 14 -0.68 -26.96 21.84
N GLU C 15 -0.85 -27.61 20.70
CA GLU C 15 0.13 -27.55 19.62
C GLU C 15 -0.15 -26.36 18.72
N ALA C 16 0.82 -26.05 17.85
CA ALA C 16 0.66 -24.93 16.93
C ALA C 16 -0.49 -25.16 15.97
N THR C 17 -0.85 -26.42 15.72
CA THR C 17 -1.99 -26.75 14.88
C THR C 17 -3.32 -26.54 15.59
N GLY C 18 -3.31 -26.22 16.88
CA GLY C 18 -4.52 -26.05 17.63
C GLY C 18 -4.96 -27.27 18.43
N ARG C 19 -4.45 -28.45 18.08
CA ARG C 19 -4.82 -29.66 18.79
C ARG C 19 -4.24 -29.66 20.19
N ILE C 20 -5.03 -30.08 21.16
CA ILE C 20 -4.59 -30.25 22.53
C ILE C 20 -3.85 -31.57 22.63
N VAL C 21 -2.77 -31.58 23.42
CA VAL C 21 -1.95 -32.79 23.54
C VAL C 21 -2.74 -33.94 24.15
N CYS C 22 -3.87 -33.64 24.80
CA CYS C 22 -4.72 -34.70 25.36
C CYS C 22 -5.12 -35.71 24.30
N ALA C 23 -5.33 -35.25 23.06
CA ALA C 23 -5.78 -36.15 22.00
C ALA C 23 -4.67 -37.09 21.54
N ASN C 24 -3.42 -36.81 21.95
CA ASN C 24 -2.32 -37.69 21.55
C ASN C 24 -2.50 -39.09 22.16
N CYS C 25 -2.95 -39.16 23.41
CA CYS C 25 -3.19 -40.42 24.08
C CYS C 25 -4.66 -40.73 24.28
N HIS C 26 -5.54 -39.75 24.14
CA HIS C 26 -6.99 -39.97 24.16
C HIS C 26 -7.52 -40.06 22.72
N LEU C 27 -7.41 -41.27 22.16
CA LEU C 27 -7.61 -41.45 20.73
C LEU C 27 -9.05 -41.17 20.30
N ALA C 28 -10.01 -41.40 21.19
CA ALA C 28 -11.40 -41.23 20.83
C ALA C 28 -11.75 -39.74 20.71
N GLN C 29 -12.99 -39.47 20.28
CA GLN C 29 -13.47 -38.11 20.12
C GLN C 29 -14.89 -38.03 20.65
N LYS C 30 -15.17 -36.98 21.41
CA LYS C 30 -16.49 -36.77 22.00
C LYS C 30 -16.79 -35.27 21.96
N ALA C 31 -17.82 -34.87 22.68
CA ALA C 31 -18.26 -33.49 22.74
C ALA C 31 -17.88 -32.87 24.08
N ALA C 32 -17.32 -31.67 24.03
CA ALA C 32 -17.02 -30.88 25.22
C ALA C 32 -17.37 -29.44 24.92
N GLU C 33 -18.05 -28.78 25.86
CA GLU C 33 -18.50 -27.42 25.60
C GLU C 33 -18.23 -26.54 26.81
N VAL C 34 -18.04 -25.25 26.58
CA VAL C 34 -17.74 -24.29 27.63
C VAL C 34 -18.64 -23.07 27.45
N GLU C 35 -19.27 -22.65 28.53
CA GLU C 35 -20.16 -21.48 28.54
C GLU C 35 -19.37 -20.31 29.13
N ILE C 36 -18.60 -19.65 28.28
CA ILE C 36 -17.86 -18.44 28.64
C ILE C 36 -18.73 -17.24 28.30
N PRO C 37 -18.84 -16.25 29.18
CA PRO C 37 -19.59 -15.04 28.82
C PRO C 37 -18.95 -14.34 27.63
N GLN C 38 -19.80 -13.76 26.78
CA GLN C 38 -19.28 -13.09 25.59
C GLN C 38 -18.39 -11.92 25.98
N ALA C 39 -18.81 -11.13 26.97
CA ALA C 39 -18.03 -10.02 27.46
C ALA C 39 -17.97 -10.08 28.98
N VAL C 40 -16.83 -9.68 29.53
CA VAL C 40 -16.62 -9.64 30.98
C VAL C 40 -15.99 -8.32 31.35
N LEU C 41 -16.15 -7.94 32.61
CA LEU C 41 -15.52 -6.72 33.10
C LEU C 41 -14.17 -7.03 33.71
N PRO C 42 -13.23 -6.08 33.71
CA PRO C 42 -11.96 -6.31 34.38
C PRO C 42 -12.14 -6.42 35.89
N ASP C 43 -11.30 -7.26 36.50
CA ASP C 43 -11.33 -7.52 37.94
C ASP C 43 -12.73 -7.94 38.39
N THR C 44 -13.29 -8.90 37.66
CA THR C 44 -14.62 -9.43 37.95
C THR C 44 -14.57 -10.93 37.93
N VAL C 45 -14.99 -11.57 39.03
CA VAL C 45 -15.02 -13.03 39.10
C VAL C 45 -16.25 -13.55 38.38
N PHE C 46 -16.03 -14.42 37.40
CA PHE C 46 -17.12 -14.97 36.61
C PHE C 46 -16.93 -16.47 36.45
N GLU C 47 -18.04 -17.18 36.33
CA GLU C 47 -18.03 -18.63 36.19
C GLU C 47 -17.92 -19.03 34.73
N ALA C 48 -17.07 -20.02 34.45
CA ALA C 48 -16.98 -20.66 33.15
C ALA C 48 -17.38 -22.12 33.35
N VAL C 49 -18.53 -22.51 32.78
CA VAL C 49 -19.03 -23.86 32.97
C VAL C 49 -18.53 -24.74 31.84
N VAL C 50 -17.70 -25.72 32.18
CA VAL C 50 -17.19 -26.70 31.23
C VAL C 50 -18.04 -27.97 31.40
N LYS C 51 -18.84 -28.28 30.39
CA LYS C 51 -19.70 -29.45 30.38
C LYS C 51 -19.07 -30.53 29.52
N ILE C 52 -19.04 -31.74 30.06
CA ILE C 52 -18.38 -32.90 29.47
C ILE C 52 -19.46 -33.99 29.36
N PRO C 53 -20.34 -33.91 28.36
CA PRO C 53 -21.51 -34.78 28.35
C PRO C 53 -21.17 -36.22 27.96
N TYR C 54 -21.62 -37.16 28.79
CA TYR C 54 -21.61 -38.57 28.43
C TYR C 54 -22.69 -39.27 29.25
N ASP C 55 -23.09 -40.44 28.80
CA ASP C 55 -24.15 -41.20 29.46
C ASP C 55 -23.64 -41.76 30.79
N LEU C 56 -24.29 -41.37 31.88
CA LEU C 56 -23.84 -41.79 33.20
C LEU C 56 -23.94 -43.30 33.40
N ASP C 57 -24.95 -43.93 32.78
CA ASP C 57 -25.14 -45.37 32.94
C ASP C 57 -24.03 -46.17 32.28
N SER C 58 -23.57 -45.72 31.12
CA SER C 58 -22.52 -46.44 30.38
C SER C 58 -21.25 -46.52 31.20
N GLN C 59 -20.70 -47.73 31.30
CA GLN C 59 -19.52 -48.00 32.09
C GLN C 59 -18.39 -48.53 31.22
N GLN C 60 -17.17 -48.11 31.52
CA GLN C 60 -15.98 -48.50 30.77
C GLN C 60 -15.20 -49.58 31.52
N VAL C 61 -14.35 -50.27 30.77
CA VAL C 61 -13.46 -51.24 31.39
C VAL C 61 -12.41 -50.51 32.21
N LEU C 62 -12.18 -50.98 33.44
CA LEU C 62 -11.23 -50.33 34.33
C LEU C 62 -9.81 -50.82 34.05
N GLY C 63 -8.87 -50.29 34.83
CA GLY C 63 -7.47 -50.64 34.65
C GLY C 63 -7.18 -52.12 34.87
N ASP C 64 -7.94 -52.78 35.73
CA ASP C 64 -7.76 -54.20 35.98
C ASP C 64 -8.47 -55.07 34.95
N GLY C 65 -9.65 -54.63 34.48
CA GLY C 65 -10.39 -55.39 33.49
C GLY C 65 -11.89 -55.33 33.72
N SER C 66 -12.29 -55.02 34.95
CA SER C 66 -13.70 -54.94 35.29
C SER C 66 -14.31 -53.65 34.76
N LYS C 67 -15.64 -53.62 34.69
CA LYS C 67 -16.35 -52.41 34.31
C LYS C 67 -16.37 -51.42 35.46
N GLY C 68 -16.51 -50.14 35.12
CA GLY C 68 -16.52 -49.10 36.13
C GLY C 68 -16.93 -47.79 35.53
N GLY C 69 -17.06 -46.79 36.39
CA GLY C 69 -17.49 -45.47 35.97
C GLY C 69 -16.40 -44.72 35.25
N LEU C 70 -16.73 -43.49 34.85
CA LEU C 70 -15.84 -42.64 34.08
C LEU C 70 -15.49 -41.40 34.88
N ASN C 71 -14.20 -41.07 34.92
CA ASN C 71 -13.73 -39.85 35.56
C ASN C 71 -13.47 -38.79 34.50
N VAL C 72 -13.87 -37.57 34.81
CA VAL C 72 -13.77 -36.46 33.86
C VAL C 72 -12.60 -35.58 34.24
N GLY C 73 -12.03 -34.94 33.23
CA GLY C 73 -10.95 -33.99 33.42
C GLY C 73 -10.94 -33.00 32.28
N ALA C 74 -10.32 -31.84 32.52
CA ALA C 74 -10.36 -30.78 31.52
C ALA C 74 -9.14 -29.89 31.66
N VAL C 75 -8.83 -29.22 30.55
CA VAL C 75 -7.85 -28.13 30.52
C VAL C 75 -8.52 -26.94 29.85
N LEU C 76 -8.45 -25.78 30.49
CA LEU C 76 -9.09 -24.56 30.01
C LEU C 76 -7.99 -23.50 29.89
N MET C 77 -7.69 -23.09 28.66
CA MET C 77 -6.64 -22.11 28.43
C MET C 77 -7.26 -20.73 28.33
N LEU C 78 -7.42 -20.10 29.48
CA LEU C 78 -7.96 -18.75 29.53
C LEU C 78 -6.96 -17.78 28.90
N PRO C 79 -7.43 -16.62 28.45
CA PRO C 79 -6.52 -15.66 27.83
C PRO C 79 -5.44 -15.20 28.80
N GLU C 80 -4.34 -14.71 28.23
CA GLU C 80 -3.21 -14.24 29.03
C GLU C 80 -3.66 -13.12 29.96
N GLY C 81 -3.48 -13.34 31.26
CA GLY C 81 -3.93 -12.42 32.30
C GLY C 81 -5.03 -12.98 33.17
N PHE C 82 -5.86 -13.85 32.62
CA PHE C 82 -6.92 -14.50 33.39
C PHE C 82 -6.31 -15.53 34.35
N LYS C 83 -7.08 -15.86 35.38
CA LYS C 83 -6.65 -16.83 36.38
C LYS C 83 -7.87 -17.27 37.18
N ILE C 84 -7.77 -18.47 37.76
CA ILE C 84 -8.82 -18.94 38.66
C ILE C 84 -8.83 -18.05 39.89
N ALA C 85 -10.01 -17.53 40.21
CA ALA C 85 -10.13 -16.57 41.29
C ALA C 85 -9.79 -17.24 42.63
N PRO C 86 -8.99 -16.60 43.48
CA PRO C 86 -8.71 -17.17 44.79
C PRO C 86 -9.98 -17.23 45.62
N PRO C 87 -10.10 -18.24 46.51
CA PRO C 87 -11.34 -18.43 47.28
C PRO C 87 -11.88 -17.17 47.97
N ASP C 88 -11.02 -16.20 48.24
CA ASP C 88 -11.46 -14.98 48.90
C ASP C 88 -12.28 -14.08 47.97
N ARG C 89 -11.96 -14.07 46.68
CA ARG C 89 -12.72 -13.24 45.73
C ARG C 89 -14.09 -13.82 45.42
N LEU C 90 -14.25 -15.13 45.55
CA LEU C 90 -15.52 -15.77 45.24
C LEU C 90 -16.60 -15.35 46.23
N SER C 91 -17.81 -15.12 45.71
CA SER C 91 -18.96 -14.89 46.56
C SER C 91 -19.43 -16.20 47.19
N GLU C 92 -20.32 -16.08 48.16
CA GLU C 92 -20.81 -17.27 48.85
C GLU C 92 -21.55 -18.21 47.89
N GLY C 93 -22.39 -17.66 47.02
CA GLY C 93 -23.11 -18.50 46.08
C GLY C 93 -22.17 -19.21 45.10
N LEU C 94 -21.23 -18.47 44.53
CA LEU C 94 -20.28 -19.09 43.62
C LEU C 94 -19.38 -20.09 44.32
N LYS C 95 -18.96 -19.77 45.55
CA LYS C 95 -18.13 -20.70 46.32
C LYS C 95 -18.87 -22.00 46.59
N GLU C 96 -20.16 -21.91 46.92
CA GLU C 96 -20.94 -23.13 47.12
C GLU C 96 -21.16 -23.86 45.80
N LYS C 97 -21.29 -23.11 44.70
CA LYS C 97 -21.57 -23.74 43.40
C LYS C 97 -20.36 -24.51 42.88
N VAL C 98 -19.16 -23.94 43.01
CA VAL C 98 -17.98 -24.59 42.47
C VAL C 98 -17.65 -25.88 43.23
N GLY C 99 -17.91 -25.90 44.53
CA GLY C 99 -17.57 -27.07 45.33
C GLY C 99 -16.10 -27.10 45.69
N GLY C 100 -15.66 -28.29 46.07
CA GLY C 100 -14.28 -28.48 46.51
C GLY C 100 -13.33 -28.90 45.42
N THR C 101 -13.72 -28.68 44.16
CA THR C 101 -12.86 -29.03 43.04
C THR C 101 -11.56 -28.25 43.09
N TYR C 102 -10.47 -28.91 42.69
CA TYR C 102 -9.12 -28.38 42.82
C TYR C 102 -8.56 -28.09 41.42
N PHE C 103 -8.03 -26.88 41.25
CA PHE C 103 -7.49 -26.43 39.97
C PHE C 103 -5.99 -26.20 40.08
N GLN C 104 -5.29 -26.39 38.96
CA GLN C 104 -3.85 -26.19 38.92
C GLN C 104 -3.47 -25.28 37.76
N PRO C 105 -2.41 -24.47 37.92
CA PRO C 105 -2.00 -23.56 36.85
C PRO C 105 -1.22 -24.22 35.72
N TYR C 106 -0.90 -25.51 35.83
CA TYR C 106 -0.26 -26.29 34.77
C TYR C 106 1.21 -25.89 34.57
N ARG C 107 1.62 -24.77 35.17
CA ARG C 107 2.98 -24.25 35.00
C ARG C 107 3.15 -22.99 35.84
N GLU C 108 4.38 -22.52 36.00
CA GLU C 108 4.66 -21.24 36.63
C GLU C 108 4.40 -20.12 35.63
N ASP C 109 3.75 -19.06 36.09
CA ASP C 109 3.35 -17.88 35.32
C ASP C 109 2.30 -18.18 34.27
N MET C 110 1.89 -19.45 34.12
CA MET C 110 0.83 -19.82 33.19
C MET C 110 -0.47 -20.14 33.92
N GLU C 111 -0.82 -19.32 34.92
CA GLU C 111 -2.03 -19.51 35.71
C GLU C 111 -3.31 -19.37 34.87
N ASN C 112 -3.22 -18.78 33.68
CA ASN C 112 -4.38 -18.73 32.79
C ASN C 112 -4.78 -20.12 32.30
N VAL C 113 -3.82 -20.95 31.95
CA VAL C 113 -4.10 -22.34 31.59
C VAL C 113 -4.33 -23.13 32.87
N VAL C 114 -5.54 -23.66 33.03
CA VAL C 114 -5.95 -24.30 34.27
C VAL C 114 -6.39 -25.73 33.95
N ILE C 115 -5.83 -26.69 34.66
CA ILE C 115 -6.23 -28.08 34.51
C ILE C 115 -7.03 -28.50 35.73
N VAL C 116 -7.89 -29.49 35.53
CA VAL C 116 -8.67 -30.07 36.62
C VAL C 116 -8.92 -31.53 36.28
N GLY C 117 -8.96 -32.37 37.30
CA GLY C 117 -9.21 -33.78 37.11
C GLY C 117 -8.05 -34.64 37.56
N PRO C 118 -8.29 -35.97 37.64
CA PRO C 118 -9.57 -36.60 37.34
C PRO C 118 -10.62 -36.39 38.43
N LEU C 119 -11.87 -36.19 38.01
CA LEU C 119 -12.99 -36.02 38.91
C LEU C 119 -14.08 -37.03 38.60
N PRO C 120 -14.82 -37.51 39.60
CA PRO C 120 -15.88 -38.48 39.33
C PRO C 120 -16.97 -37.91 38.43
N GLY C 121 -17.07 -38.44 37.23
CA GLY C 121 -17.99 -37.90 36.24
C GLY C 121 -19.45 -38.14 36.52
N GLU C 122 -19.76 -38.94 37.55
CA GLU C 122 -21.16 -39.16 37.91
C GLU C 122 -21.82 -37.86 38.35
N GLN C 123 -21.11 -37.03 39.11
CA GLN C 123 -21.63 -35.75 39.55
C GLN C 123 -20.97 -34.55 38.90
N TYR C 124 -19.73 -34.69 38.43
CA TYR C 124 -19.03 -33.58 37.79
C TYR C 124 -19.23 -33.58 36.27
N GLN C 125 -20.50 -33.64 35.83
CA GLN C 125 -20.79 -33.46 34.42
C GLN C 125 -20.40 -32.06 33.96
N GLU C 126 -20.68 -31.06 34.80
CA GLU C 126 -20.27 -29.69 34.56
C GLU C 126 -19.33 -29.25 35.67
N ILE C 127 -18.21 -28.63 35.28
CA ILE C 127 -17.23 -28.11 36.22
C ILE C 127 -17.23 -26.59 36.09
N VAL C 128 -17.43 -25.90 37.20
CA VAL C 128 -17.51 -24.44 37.19
C VAL C 128 -16.16 -23.88 37.57
N PHE C 129 -15.48 -23.25 36.61
CA PHE C 129 -14.22 -22.58 36.86
C PHE C 129 -14.49 -21.16 37.32
N PRO C 130 -14.09 -20.78 38.53
CA PRO C 130 -14.24 -19.37 38.96
C PRO C 130 -13.10 -18.50 38.41
N VAL C 131 -13.24 -18.11 37.14
CA VAL C 131 -12.19 -17.33 36.50
C VAL C 131 -12.22 -15.91 37.02
N LEU C 132 -11.04 -15.29 37.11
CA LEU C 132 -10.89 -13.91 37.52
C LEU C 132 -10.25 -13.14 36.37
N SER C 133 -11.02 -12.23 35.77
CA SER C 133 -10.51 -11.45 34.66
C SER C 133 -9.44 -10.47 35.14
N PRO C 134 -8.43 -10.19 34.31
CA PRO C 134 -7.38 -9.26 34.73
C PRO C 134 -7.86 -7.81 34.72
N ASP C 135 -7.00 -6.89 35.11
CA ASP C 135 -7.32 -5.47 35.16
C ASP C 135 -6.30 -4.72 34.32
N PRO C 136 -6.61 -4.47 33.04
CA PRO C 136 -5.66 -3.75 32.17
C PRO C 136 -5.30 -2.37 32.66
N ALA C 137 -6.16 -1.76 33.48
CA ALA C 137 -5.84 -0.47 34.07
C ALA C 137 -4.61 -0.56 34.97
N LYS C 138 -4.49 -1.64 35.75
CA LYS C 138 -3.29 -1.89 36.54
C LYS C 138 -2.25 -2.65 35.73
N ASP C 139 -2.61 -3.82 35.22
CA ASP C 139 -1.70 -4.63 34.42
C ASP C 139 -1.49 -3.97 33.06
N LYS C 140 -0.30 -3.40 32.85
CA LYS C 140 0.01 -2.76 31.57
C LYS C 140 0.28 -3.77 30.47
N SER C 141 0.47 -5.05 30.80
CA SER C 141 0.71 -6.08 29.81
C SER C 141 -0.57 -6.69 29.25
N ILE C 142 -1.72 -6.33 29.80
CA ILE C 142 -3.02 -6.86 29.37
C ILE C 142 -3.81 -5.75 28.72
N ASN C 143 -4.48 -6.06 27.62
CA ASN C 143 -5.30 -5.12 26.89
C ASN C 143 -6.73 -5.62 26.78
N TYR C 144 -7.67 -4.69 26.73
CA TYR C 144 -9.05 -5.05 26.44
C TYR C 144 -9.17 -5.55 25.01
N GLY C 145 -10.07 -6.50 24.79
CA GLY C 145 -10.25 -7.02 23.46
C GLY C 145 -10.82 -8.42 23.48
N LYS C 146 -10.97 -8.98 22.28
CA LYS C 146 -11.55 -10.30 22.10
C LYS C 146 -10.43 -11.32 22.02
N PHE C 147 -10.49 -12.34 22.88
CA PHE C 147 -9.45 -13.34 22.99
C PHE C 147 -10.08 -14.73 22.86
N ALA C 148 -9.24 -15.70 22.52
CA ALA C 148 -9.68 -17.07 22.31
C ALA C 148 -9.48 -17.89 23.57
N VAL C 149 -10.54 -18.60 23.96
CA VAL C 149 -10.52 -19.50 25.11
C VAL C 149 -10.62 -20.92 24.53
N HIS C 150 -9.53 -21.67 24.64
CA HIS C 150 -9.53 -23.05 24.19
C HIS C 150 -9.85 -23.98 25.35
N LEU C 151 -10.52 -25.09 25.04
CA LEU C 151 -10.88 -26.07 26.06
C LEU C 151 -10.64 -27.45 25.51
N GLY C 152 -9.99 -28.30 26.30
CA GLY C 152 -9.89 -29.71 25.96
C GLY C 152 -10.35 -30.57 27.12
N ALA C 153 -11.44 -31.31 26.94
CA ALA C 153 -12.02 -32.08 28.02
C ALA C 153 -12.15 -33.55 27.64
N ASN C 154 -11.75 -34.42 28.56
CA ASN C 154 -11.77 -35.86 28.36
C ASN C 154 -12.55 -36.52 29.50
N ARG C 155 -13.17 -37.66 29.21
CA ARG C 155 -13.97 -38.37 30.19
C ARG C 155 -13.65 -39.84 30.33
N GLY C 156 -12.87 -40.43 29.42
CA GLY C 156 -12.55 -41.84 29.47
C GLY C 156 -11.08 -42.08 29.78
N ARG C 157 -10.76 -43.36 29.95
CA ARG C 157 -9.38 -43.77 30.19
C ARG C 157 -8.58 -43.69 28.90
N GLY C 158 -7.34 -43.22 29.03
CA GLY C 158 -6.50 -43.04 27.86
C GLY C 158 -6.05 -44.35 27.26
N GLN C 159 -5.78 -44.31 25.95
CA GLN C 159 -5.35 -45.49 25.22
C GLN C 159 -3.84 -45.69 25.25
N ILE C 160 -3.07 -44.62 25.40
CA ILE C 160 -1.61 -44.67 25.34
C ILE C 160 -1.05 -44.09 26.62
N TYR C 161 -0.13 -44.82 27.24
CA TYR C 161 0.57 -44.34 28.42
C TYR C 161 1.69 -43.40 28.00
N PRO C 162 2.25 -42.62 28.94
CA PRO C 162 3.34 -41.69 28.58
C PRO C 162 4.56 -42.38 28.02
N THR C 163 4.75 -43.67 28.29
CA THR C 163 5.87 -44.43 27.76
C THR C 163 5.54 -45.11 26.43
N GLY C 164 4.35 -44.85 25.90
CA GLY C 164 3.93 -45.44 24.63
C GLY C 164 3.27 -46.78 24.73
N LEU C 165 3.24 -47.40 25.92
CA LEU C 165 2.61 -48.70 26.07
C LEU C 165 1.09 -48.52 26.11
N LEU C 166 0.39 -49.28 25.27
CA LEU C 166 -1.06 -49.14 25.16
C LEU C 166 -1.75 -49.62 26.43
N SER C 167 -2.92 -49.05 26.68
CA SER C 167 -3.76 -49.47 27.79
C SER C 167 -4.73 -50.55 27.31
N ASN C 168 -5.60 -50.99 28.21
CA ASN C 168 -6.59 -52.02 27.89
C ASN C 168 -7.89 -51.44 27.36
N ASN C 169 -8.05 -50.12 27.34
CA ASN C 169 -9.28 -49.49 26.89
C ASN C 169 -9.19 -49.11 25.41
N ASN C 170 -8.93 -50.12 24.59
CA ASN C 170 -8.87 -49.93 23.13
C ASN C 170 -8.93 -51.30 22.45
N ALA C 171 -9.26 -51.27 21.17
CA ALA C 171 -9.28 -52.48 20.35
C ALA C 171 -7.88 -52.79 19.86
N PHE C 172 -7.45 -54.04 20.06
CA PHE C 172 -6.09 -54.44 19.70
C PHE C 172 -6.05 -55.00 18.29
N LYS C 173 -4.89 -54.85 17.65
CA LYS C 173 -4.71 -55.17 16.24
C LYS C 173 -3.53 -56.12 16.07
N ALA C 174 -3.67 -57.06 15.14
CA ALA C 174 -2.57 -57.94 14.81
C ALA C 174 -1.49 -57.18 14.03
N PRO C 175 -0.21 -57.43 14.33
CA PRO C 175 0.85 -56.70 13.61
C PRO C 175 0.86 -56.94 12.12
N ASN C 176 0.65 -58.20 11.69
CA ASN C 176 0.68 -58.56 10.28
C ASN C 176 -0.42 -59.57 10.03
N ALA C 177 -0.37 -60.21 8.85
CA ALA C 177 -1.32 -61.25 8.50
C ALA C 177 -0.75 -62.62 8.83
N GLY C 178 -1.54 -63.44 9.52
CA GLY C 178 -1.08 -64.77 9.87
C GLY C 178 -2.20 -65.62 10.42
N THR C 179 -1.96 -66.93 10.45
CA THR C 179 -2.89 -67.91 10.99
C THR C 179 -2.45 -68.26 12.41
N ILE C 180 -2.77 -67.36 13.35
CA ILE C 180 -2.30 -67.53 14.72
C ILE C 180 -2.95 -68.75 15.38
N SER C 181 -4.27 -68.87 15.24
CA SER C 181 -5.00 -70.10 15.56
C SER C 181 -4.72 -70.59 16.98
N GLU C 182 -4.74 -69.68 17.96
CA GLU C 182 -4.56 -70.09 19.34
C GLU C 182 -5.11 -69.01 20.27
N VAL C 183 -5.87 -69.43 21.28
CA VAL C 183 -6.35 -68.57 22.34
C VAL C 183 -6.09 -69.29 23.66
N ASN C 184 -5.56 -68.57 24.65
CA ASN C 184 -5.30 -69.15 25.96
C ASN C 184 -5.43 -68.06 27.03
N ALA C 185 -6.40 -68.21 27.92
CA ALA C 185 -6.54 -67.26 29.02
C ALA C 185 -5.37 -67.42 29.98
N LEU C 186 -4.71 -66.30 30.30
CA LEU C 186 -3.51 -66.32 31.14
C LEU C 186 -3.92 -66.25 32.62
N GLU C 187 -4.70 -67.24 33.03
CA GLU C 187 -5.15 -67.37 34.41
C GLU C 187 -5.85 -66.11 34.90
N ALA C 188 -6.59 -65.46 34.01
CA ALA C 188 -7.31 -64.24 34.31
C ALA C 188 -8.28 -63.96 33.16
N GLY C 189 -8.97 -62.84 33.26
CA GLY C 189 -9.84 -62.42 32.16
C GLY C 189 -9.06 -62.11 30.90
N GLY C 190 -7.80 -61.72 31.05
CA GLY C 190 -6.97 -61.40 29.89
C GLY C 190 -6.38 -62.64 29.26
N TYR C 191 -6.82 -62.93 28.04
CA TYR C 191 -6.32 -64.05 27.25
C TYR C 191 -5.17 -63.58 26.36
N GLN C 192 -4.44 -64.54 25.82
CA GLN C 192 -3.34 -64.27 24.91
C GLN C 192 -3.49 -65.13 23.67
N LEU C 193 -3.01 -64.59 22.54
CA LEU C 193 -3.06 -65.26 21.26
C LEU C 193 -1.64 -65.66 20.87
N ILE C 194 -1.47 -66.92 20.47
CA ILE C 194 -0.15 -67.40 20.04
C ILE C 194 -0.30 -68.52 19.01
N GLY C 200 1.37 -68.05 10.29
CA GLY C 200 2.77 -67.79 10.59
C GLY C 200 3.02 -67.44 12.04
N THR C 201 4.22 -66.95 12.34
CA THR C 201 4.57 -66.56 13.70
C THR C 201 3.85 -65.28 14.06
N GLU C 202 2.90 -65.37 15.00
CA GLU C 202 2.09 -64.23 15.42
C GLU C 202 2.14 -64.16 16.94
N THR C 203 2.49 -62.99 17.47
CA THR C 203 2.61 -62.76 18.91
C THR C 203 1.75 -61.56 19.28
N VAL C 204 0.54 -61.82 19.79
CA VAL C 204 -0.39 -60.76 20.18
C VAL C 204 -0.83 -61.04 21.61
N ASP C 205 -0.71 -60.02 22.47
CA ASP C 205 -1.15 -60.10 23.85
C ASP C 205 -2.31 -59.15 24.08
N ILE C 206 -3.32 -59.61 24.82
CA ILE C 206 -4.55 -58.86 25.05
C ILE C 206 -4.87 -58.85 26.54
N PRO C 207 -4.95 -57.69 27.18
CA PRO C 207 -5.29 -57.66 28.61
C PRO C 207 -6.75 -57.98 28.89
N ALA C 208 -7.15 -57.84 30.16
CA ALA C 208 -8.50 -58.20 30.58
C ALA C 208 -9.57 -57.22 30.12
N GLY C 209 -9.19 -56.09 29.53
CA GLY C 209 -10.13 -55.07 29.17
C GLY C 209 -11.08 -55.44 28.05
N PRO C 210 -10.57 -55.57 26.82
CA PRO C 210 -11.45 -55.76 25.66
C PRO C 210 -12.01 -57.17 25.54
N GLU C 211 -12.90 -57.37 24.57
CA GLU C 211 -13.53 -58.66 24.31
C GLU C 211 -13.20 -59.10 22.90
N LEU C 212 -13.01 -60.41 22.71
CA LEU C 212 -12.61 -60.94 21.41
C LEU C 212 -13.78 -60.99 20.44
N ILE C 213 -13.48 -60.76 19.17
CA ILE C 213 -14.46 -60.89 18.10
C ILE C 213 -13.93 -61.84 17.04
N VAL C 214 -12.61 -62.03 17.01
CA VAL C 214 -11.99 -62.88 16.01
C VAL C 214 -11.87 -64.29 16.56
N SER C 215 -12.49 -65.25 15.87
CA SER C 215 -12.49 -66.64 16.32
C SER C 215 -11.11 -67.26 16.14
N ALA C 216 -10.88 -68.35 16.87
CA ALA C 216 -9.62 -69.07 16.79
C ALA C 216 -9.61 -70.00 15.58
N GLY C 217 -8.42 -70.41 15.19
CA GLY C 217 -8.26 -71.35 14.09
C GLY C 217 -8.71 -70.82 12.75
N GLN C 218 -8.48 -69.54 12.48
CA GLN C 218 -8.82 -68.94 11.19
C GLN C 218 -7.71 -67.99 10.77
N THR C 219 -7.78 -67.57 9.51
CA THR C 219 -6.79 -66.65 8.95
C THR C 219 -7.07 -65.23 9.42
N VAL C 220 -6.04 -64.57 9.95
CA VAL C 220 -6.12 -63.18 10.36
C VAL C 220 -5.36 -62.33 9.36
N GLU C 221 -6.03 -61.32 8.80
CA GLU C 221 -5.41 -60.46 7.80
C GLU C 221 -4.42 -59.51 8.49
N ALA C 222 -3.79 -58.65 7.71
CA ALA C 222 -2.79 -57.73 8.23
C ALA C 222 -3.50 -56.53 8.87
N GLY C 223 -3.43 -56.44 10.19
CA GLY C 223 -4.00 -55.30 10.89
C GLY C 223 -5.51 -55.23 10.89
N GLU C 224 -6.18 -56.22 11.46
CA GLU C 224 -7.62 -56.18 11.63
C GLU C 224 -7.96 -56.14 13.12
N PHE C 225 -9.13 -55.59 13.42
CA PHE C 225 -9.57 -55.46 14.82
C PHE C 225 -9.82 -56.85 15.40
N LEU C 226 -8.89 -57.33 16.21
CA LEU C 226 -9.07 -58.62 16.85
C LEU C 226 -10.10 -58.55 17.98
N THR C 227 -10.12 -57.45 18.70
CA THR C 227 -10.96 -57.30 19.88
C THR C 227 -12.02 -56.22 19.64
N ASN C 228 -13.02 -56.23 20.51
CA ASN C 228 -13.97 -55.13 20.57
C ASN C 228 -13.28 -53.86 21.06
N ASN C 229 -13.83 -52.71 20.67
CA ASN C 229 -13.33 -51.44 21.15
C ASN C 229 -14.09 -51.06 22.41
N PRO C 230 -13.52 -51.25 23.60
CA PRO C 230 -14.26 -51.04 24.84
C PRO C 230 -14.39 -49.59 25.27
N ASN C 231 -13.83 -48.65 24.51
CA ASN C 231 -13.89 -47.25 24.90
C ASN C 231 -15.32 -46.72 24.75
N VAL C 232 -15.80 -46.04 25.80
CA VAL C 232 -17.11 -45.42 25.77
C VAL C 232 -17.04 -43.91 25.92
N GLY C 233 -15.91 -43.36 26.36
CA GLY C 233 -15.73 -41.93 26.49
C GLY C 233 -15.05 -41.33 25.28
N GLY C 234 -14.30 -40.27 25.50
CA GLY C 234 -13.58 -39.60 24.43
C GLY C 234 -13.15 -38.22 24.86
N PHE C 235 -12.34 -37.59 24.00
CA PHE C 235 -11.80 -36.27 24.24
C PHE C 235 -12.32 -35.29 23.20
N GLY C 236 -12.74 -34.12 23.65
CA GLY C 236 -13.27 -33.11 22.75
C GLY C 236 -12.73 -31.73 23.07
N GLN C 237 -12.58 -30.94 22.03
CA GLN C 237 -12.13 -29.55 22.15
C GLN C 237 -13.26 -28.60 21.80
N LYS C 238 -13.15 -27.37 22.32
CA LYS C 238 -14.13 -26.34 22.04
C LYS C 238 -13.42 -24.99 22.10
N ASP C 239 -13.13 -24.42 20.93
CA ASP C 239 -12.49 -23.12 20.83
C ASP C 239 -13.57 -22.05 20.80
N THR C 240 -13.59 -21.19 21.81
CA THR C 240 -14.58 -20.13 21.91
C THR C 240 -13.91 -18.77 22.11
N GLU C 241 -14.69 -17.73 22.33
CA GLU C 241 -14.15 -16.37 22.45
C GLU C 241 -14.75 -15.66 23.66
N VAL C 242 -13.94 -14.80 24.26
CA VAL C 242 -14.38 -13.95 25.37
C VAL C 242 -13.85 -12.55 25.15
N VAL C 243 -14.66 -11.55 25.49
CA VAL C 243 -14.28 -10.15 25.32
C VAL C 243 -13.99 -9.56 26.69
N LEU C 244 -12.75 -9.13 26.90
CA LEU C 244 -12.40 -8.32 28.05
C LEU C 244 -12.78 -6.89 27.70
N GLN C 245 -13.86 -6.41 28.29
CA GLN C 245 -14.50 -5.17 27.88
C GLN C 245 -14.14 -4.03 28.83
N ASN C 246 -13.88 -2.86 28.26
CA ASN C 246 -13.65 -1.66 29.05
C ASN C 246 -14.99 -0.95 29.26
N PRO C 247 -15.43 -0.77 30.50
CA PRO C 247 -16.74 -0.12 30.72
C PRO C 247 -16.83 1.29 30.17
N THR C 248 -15.71 2.01 30.14
CA THR C 248 -15.72 3.36 29.57
C THR C 248 -16.11 3.33 28.10
N ARG C 249 -15.66 2.30 27.37
CA ARG C 249 -16.05 2.16 25.98
C ARG C 249 -17.56 2.02 25.84
N ILE C 250 -18.19 1.23 26.70
CA ILE C 250 -19.63 1.05 26.63
C ILE C 250 -20.36 2.33 27.02
N LYS C 251 -19.84 3.05 28.03
CA LYS C 251 -20.45 4.32 28.41
C LYS C 251 -20.46 5.29 27.24
N PHE C 252 -19.30 5.48 26.60
CA PHE C 252 -19.24 6.41 25.48
C PHE C 252 -20.01 5.89 24.28
N LEU C 253 -20.09 4.57 24.10
CA LEU C 253 -20.92 4.01 23.03
C LEU C 253 -22.39 4.35 23.26
N VAL C 254 -22.86 4.20 24.50
CA VAL C 254 -24.25 4.52 24.80
C VAL C 254 -24.53 6.00 24.57
N LEU C 255 -23.60 6.86 25.00
CA LEU C 255 -23.77 8.30 24.76
C LEU C 255 -23.81 8.61 23.27
N PHE C 256 -22.92 7.99 22.50
CA PHE C 256 -22.84 8.23 21.06
C PHE C 256 -24.11 7.75 20.35
N LEU C 257 -24.63 6.59 20.75
CA LEU C 257 -25.83 6.08 20.10
C LEU C 257 -27.06 6.90 20.50
N ALA C 258 -27.11 7.39 21.73
CA ALA C 258 -28.19 8.30 22.11
C ALA C 258 -28.13 9.59 21.30
N GLY C 259 -26.92 10.11 21.07
CA GLY C 259 -26.77 11.26 20.21
C GLY C 259 -27.23 10.98 18.79
N ILE C 260 -26.92 9.78 18.28
CA ILE C 260 -27.36 9.40 16.95
C ILE C 260 -28.88 9.36 16.88
N MET C 261 -29.53 8.78 17.89
CA MET C 261 -30.99 8.69 17.87
C MET C 261 -31.63 10.07 17.96
N LEU C 262 -31.07 10.95 18.79
CA LEU C 262 -31.58 12.31 18.86
C LEU C 262 -31.41 13.03 17.51
N SER C 263 -30.27 12.81 16.86
CA SER C 263 -30.04 13.41 15.55
C SER C 263 -31.05 12.90 14.53
N GLN C 264 -31.35 11.60 14.57
CA GLN C 264 -32.35 11.05 13.65
C GLN C 264 -33.73 11.65 13.91
N ILE C 265 -34.10 11.79 15.18
CA ILE C 265 -35.38 12.40 15.51
C ILE C 265 -35.44 13.82 14.96
N LEU C 266 -34.36 14.58 15.15
CA LEU C 266 -34.33 15.95 14.64
C LEU C 266 -34.37 16.00 13.12
N LEU C 267 -33.73 15.03 12.45
CA LEU C 267 -33.80 14.97 11.00
C LEU C 267 -35.23 14.73 10.53
N VAL C 268 -35.95 13.83 11.20
CA VAL C 268 -37.35 13.59 10.82
C VAL C 268 -38.18 14.83 11.08
N LEU C 269 -37.93 15.54 12.19
CA LEU C 269 -38.68 16.75 12.48
C LEU C 269 -38.41 17.83 11.42
N LYS C 270 -37.16 17.97 11.00
CA LYS C 270 -36.83 18.92 9.93
C LYS C 270 -37.52 18.52 8.63
N LYS C 271 -37.58 17.23 8.33
CA LYS C 271 -38.30 16.79 7.13
C LYS C 271 -39.78 17.11 7.24
N LYS C 272 -40.38 16.94 8.42
CA LYS C 272 -41.78 17.30 8.61
C LYS C 272 -41.98 18.79 8.38
N GLN C 273 -41.08 19.62 8.90
CA GLN C 273 -41.19 21.06 8.70
C GLN C 273 -41.07 21.42 7.22
N ILE C 274 -40.14 20.79 6.50
CA ILE C 274 -39.96 21.10 5.09
C ILE C 274 -41.16 20.62 4.28
N GLU C 275 -41.73 19.47 4.64
CA GLU C 275 -42.97 19.02 4.01
C GLU C 275 -44.11 20.00 4.24
N LYS C 276 -44.20 20.53 5.47
CA LYS C 276 -45.21 21.54 5.76
C LYS C 276 -45.00 22.79 4.90
N VAL C 277 -43.75 23.21 4.74
CA VAL C 277 -43.45 24.38 3.92
C VAL C 277 -43.83 24.13 2.47
N GLN C 278 -43.47 22.95 1.94
CA GLN C 278 -43.77 22.62 0.55
C GLN C 278 -45.26 22.51 0.31
N ALA C 279 -46.02 21.97 1.27
CA ALA C 279 -47.46 21.86 1.12
C ALA C 279 -48.12 23.23 0.99
N ALA C 280 -47.50 24.28 1.54
CA ALA C 280 -48.01 25.63 1.39
C ALA C 280 -47.46 26.34 0.16
N GLU C 281 -46.24 26.01 -0.26
CA GLU C 281 -45.70 26.58 -1.49
C GLU C 281 -46.44 26.08 -2.73
N LEU C 282 -46.97 24.85 -2.68
CA LEU C 282 -47.78 24.37 -3.79
C LEU C 282 -49.17 25.01 -3.78
N ASN C 283 -49.65 25.44 -2.62
CA ASN C 283 -50.95 26.11 -2.51
C ASN C 283 -50.78 27.58 -2.90
N PHE C 284 -50.40 27.80 -4.15
CA PHE C 284 -50.20 29.14 -4.67
C PHE C 284 -51.43 29.62 -5.44
N ASP D 9 -49.87 28.60 9.98
CA ASP D 9 -48.70 29.39 9.64
C ASP D 9 -47.63 28.54 8.98
N VAL D 10 -46.77 29.19 8.19
CA VAL D 10 -45.68 28.54 7.47
C VAL D 10 -44.38 28.94 8.15
N PRO D 11 -43.48 28.00 8.43
CA PRO D 11 -42.17 28.37 9.01
C PRO D 11 -41.41 29.29 8.07
N ASP D 12 -41.14 30.50 8.55
CA ASP D 12 -40.47 31.51 7.74
C ASP D 12 -38.96 31.22 7.72
N LEU D 13 -38.18 32.18 7.23
CA LEU D 13 -36.74 31.97 7.13
C LEU D 13 -36.11 31.79 8.51
N GLY D 14 -36.54 32.57 9.50
CA GLY D 14 -35.94 32.46 10.82
C GLY D 14 -36.19 31.12 11.48
N ARG D 15 -37.44 30.65 11.43
CA ARG D 15 -37.77 29.38 12.06
C ARG D 15 -37.09 28.22 11.35
N ARG D 16 -37.07 28.23 10.01
CA ARG D 16 -36.40 27.18 9.27
C ARG D 16 -34.89 27.19 9.52
N GLN D 17 -34.29 28.38 9.60
CA GLN D 17 -32.86 28.45 9.89
C GLN D 17 -32.55 27.96 11.29
N PHE D 18 -33.40 28.29 12.28
CA PHE D 18 -33.21 27.77 13.62
C PHE D 18 -33.33 26.25 13.65
N MET D 19 -34.31 25.72 12.93
CA MET D 19 -34.53 24.28 12.94
C MET D 19 -33.39 23.56 12.24
N ASN D 20 -32.88 24.14 11.15
CA ASN D 20 -31.66 23.65 10.51
C ASN D 20 -30.50 23.66 11.48
N LEU D 21 -30.34 24.77 12.22
CA LEU D 21 -29.27 24.86 13.21
C LEU D 21 -29.36 23.72 14.20
N LEU D 22 -30.56 23.47 14.73
CA LEU D 22 -30.74 22.40 15.70
C LEU D 22 -30.36 21.05 15.12
N THR D 23 -30.96 20.69 13.98
CA THR D 23 -30.74 19.36 13.41
C THR D 23 -29.29 19.15 13.01
N PHE D 24 -28.73 20.09 12.27
CA PHE D 24 -27.38 19.90 11.77
C PHE D 24 -26.31 20.21 12.80
N GLY D 25 -26.64 20.89 13.90
CA GLY D 25 -25.73 20.96 15.02
C GLY D 25 -25.68 19.68 15.81
N THR D 26 -26.80 18.98 15.95
CA THR D 26 -26.74 17.63 16.50
C THR D 26 -25.97 16.70 15.56
N ILE D 27 -26.18 16.86 14.24
CA ILE D 27 -25.39 16.13 13.26
C ILE D 27 -23.91 16.40 13.45
N THR D 28 -23.54 17.67 13.62
CA THR D 28 -22.14 18.04 13.78
C THR D 28 -21.57 17.51 15.08
N GLY D 29 -22.36 17.50 16.15
CA GLY D 29 -21.90 16.91 17.39
C GLY D 29 -21.63 15.43 17.26
N VAL D 30 -22.54 14.70 16.62
CA VAL D 30 -22.31 13.27 16.38
C VAL D 30 -21.09 13.06 15.50
N ALA D 31 -20.94 13.89 14.46
CA ALA D 31 -19.80 13.77 13.55
C ALA D 31 -18.49 14.05 14.26
N ALA D 32 -18.45 15.05 15.14
CA ALA D 32 -17.24 15.35 15.89
C ALA D 32 -16.92 14.25 16.89
N GLY D 33 -17.95 13.70 17.53
CA GLY D 33 -17.73 12.58 18.43
C GLY D 33 -17.19 11.36 17.70
N ALA D 34 -17.61 11.16 16.46
CA ALA D 34 -17.04 10.08 15.65
C ALA D 34 -15.65 10.40 15.11
N LEU D 35 -15.37 11.67 14.82
CA LEU D 35 -14.09 12.05 14.23
C LEU D 35 -12.97 12.15 15.25
N TYR D 36 -13.31 12.40 16.51
CA TYR D 36 -12.28 12.45 17.54
C TYR D 36 -11.46 11.16 17.61
N PRO D 37 -12.06 9.96 17.61
CA PRO D 37 -11.25 8.75 17.47
C PRO D 37 -10.47 8.71 16.17
N ALA D 38 -11.05 9.20 15.07
CA ALA D 38 -10.34 9.18 13.80
C ALA D 38 -9.13 10.10 13.82
N VAL D 39 -9.27 11.29 14.39
CA VAL D 39 -8.14 12.22 14.45
C VAL D 39 -7.09 11.72 15.43
N LYS D 40 -7.51 11.24 16.60
CA LYS D 40 -6.56 10.73 17.58
C LYS D 40 -5.89 9.45 17.11
N TYR D 41 -6.47 8.73 16.16
CA TYR D 41 -5.83 7.55 15.60
C TYR D 41 -4.67 7.93 14.70
N LEU D 42 -4.86 8.93 13.84
CA LEU D 42 -3.81 9.38 12.94
C LEU D 42 -2.66 10.06 13.66
N ILE D 43 -2.86 10.49 14.90
CA ILE D 43 -1.78 11.04 15.72
C ILE D 43 -0.89 9.89 16.17
N PRO D 44 0.42 9.98 15.97
CA PRO D 44 1.29 8.86 16.32
C PRO D 44 1.18 8.54 17.79
N PRO D 45 1.25 7.26 18.16
CA PRO D 45 1.14 6.88 19.58
C PRO D 45 2.27 7.47 20.40
N SER D 46 1.97 7.75 21.67
CA SER D 46 2.95 8.30 22.60
C SER D 46 3.86 7.16 23.08
N SER D 47 4.70 6.70 22.15
CA SER D 47 5.63 5.60 22.41
C SER D 47 7.01 5.95 21.86
N GLY D 48 7.43 7.19 22.05
CA GLY D 48 8.74 7.63 21.60
C GLY D 48 9.85 7.29 22.58
N GLY D 49 9.68 6.19 23.31
CA GLY D 49 10.68 5.77 24.29
C GLY D 49 10.47 6.47 25.64
N SER D 50 11.44 7.30 26.02
CA SER D 50 11.36 8.05 27.28
C SER D 50 12.33 9.21 27.20
N GLY D 51 11.84 10.42 27.44
CA GLY D 51 12.70 11.59 27.40
C GLY D 51 13.60 11.69 28.61
N GLY D 52 14.55 10.76 28.73
CA GLY D 52 15.44 10.73 29.88
C GLY D 52 15.72 9.34 30.38
N GLY D 53 15.14 8.33 29.73
CA GLY D 53 15.32 6.96 30.17
C GLY D 53 15.57 5.96 29.05
N VAL D 54 16.20 6.41 27.96
CA VAL D 54 16.50 5.55 26.81
C VAL D 54 18.01 5.32 26.78
N THR D 55 18.40 4.06 26.61
CA THR D 55 19.81 3.70 26.56
C THR D 55 20.39 4.02 25.18
N ALA D 56 21.63 3.60 24.96
CA ALA D 56 22.36 3.90 23.74
C ALA D 56 22.27 2.70 22.80
N LYS D 57 21.86 2.95 21.56
CA LYS D 57 21.71 1.91 20.55
C LYS D 57 22.76 2.11 19.46
N ASP D 58 23.26 1.00 18.92
CA ASP D 58 24.18 1.07 17.80
C ASP D 58 23.40 1.02 16.49
N ALA D 59 24.13 1.04 15.37
CA ALA D 59 23.47 1.02 14.07
C ALA D 59 22.73 -0.28 13.83
N LEU D 60 23.09 -1.35 14.55
CA LEU D 60 22.43 -2.63 14.44
C LEU D 60 21.21 -2.74 15.34
N GLY D 61 20.88 -1.69 16.08
CA GLY D 61 19.71 -1.69 16.94
C GLY D 61 19.90 -2.33 18.30
N ASN D 62 21.06 -2.92 18.57
CA ASN D 62 21.30 -3.53 19.87
C ASN D 62 21.73 -2.48 20.88
N ASP D 63 21.57 -2.81 22.16
CA ASP D 63 22.18 -2.03 23.23
C ASP D 63 23.70 -2.14 23.13
N VAL D 64 24.38 -1.00 23.18
CA VAL D 64 25.84 -1.03 23.21
C VAL D 64 26.29 -1.34 24.63
N LYS D 65 27.11 -2.38 24.78
CA LYS D 65 27.56 -2.79 26.09
C LYS D 65 28.81 -2.03 26.48
N VAL D 66 28.84 -1.52 27.72
CA VAL D 66 29.93 -0.68 28.17
C VAL D 66 31.23 -1.50 28.24
N THR D 67 31.14 -2.76 28.66
CA THR D 67 32.31 -3.62 28.64
C THR D 67 32.84 -3.79 27.22
N GLU D 68 31.94 -4.00 26.26
CA GLU D 68 32.34 -3.99 24.86
C GLU D 68 32.78 -2.59 24.42
N PHE D 69 32.11 -1.55 24.94
CA PHE D 69 32.47 -0.18 24.58
C PHE D 69 33.83 0.18 25.13
N LEU D 70 34.13 -0.27 26.35
CA LEU D 70 35.45 -0.07 26.93
C LEU D 70 36.49 -0.94 26.23
N ALA D 71 37.73 -0.44 26.20
CA ALA D 71 38.86 -1.13 25.58
C ALA D 71 38.65 -1.37 24.09
N SER D 72 37.80 -0.56 23.46
CA SER D 72 37.55 -0.66 22.03
C SER D 72 37.73 0.66 21.30
N HIS D 73 38.22 1.70 21.98
CA HIS D 73 38.39 3.01 21.39
C HIS D 73 39.65 3.65 21.92
N ASN D 74 40.16 4.63 21.18
CA ASN D 74 41.39 5.31 21.53
C ASN D 74 41.07 6.50 22.45
N ALA D 75 42.10 7.28 22.80
CA ALA D 75 41.93 8.40 23.70
C ALA D 75 41.23 9.56 22.98
N GLY D 76 40.22 10.12 23.65
CA GLY D 76 39.49 11.24 23.08
C GLY D 76 38.76 10.91 21.80
N ASP D 77 38.20 9.71 21.69
CA ASP D 77 37.52 9.28 20.47
C ASP D 77 36.02 9.37 20.65
N ARG D 78 35.33 9.99 19.70
CA ARG D 78 33.88 10.12 19.75
C ARG D 78 33.27 9.27 18.65
N VAL D 79 32.53 8.25 19.06
CA VAL D 79 31.75 7.41 18.14
C VAL D 79 30.28 7.63 18.48
N LEU D 80 29.45 7.79 17.46
CA LEU D 80 28.06 8.10 17.69
C LEU D 80 27.20 6.84 17.71
N ALA D 81 26.13 6.89 18.50
CA ALA D 81 25.21 5.78 18.66
C ALA D 81 23.81 6.33 18.83
N GLN D 82 22.81 5.51 18.50
CA GLN D 82 21.42 5.95 18.58
C GLN D 82 21.07 6.30 20.03
N GLY D 83 20.40 7.45 20.20
CA GLY D 83 20.09 7.94 21.53
C GLY D 83 18.69 8.51 21.68
N LEU D 84 18.61 9.75 22.17
CA LEU D 84 17.31 10.38 22.41
C LEU D 84 16.53 10.49 21.11
N LYS D 85 15.32 9.92 21.10
CA LYS D 85 14.40 9.99 19.97
C LYS D 85 15.04 9.46 18.68
N GLY D 86 15.93 8.48 18.81
CA GLY D 86 16.62 7.94 17.67
C GLY D 86 17.69 8.84 17.08
N ASP D 87 17.93 10.00 17.66
CA ASP D 87 18.95 10.90 17.12
C ASP D 87 20.34 10.39 17.47
N PRO D 88 21.25 10.29 16.51
CA PRO D 88 22.62 9.83 16.82
C PRO D 88 23.33 10.81 17.74
N THR D 89 23.87 10.31 18.83
CA THR D 89 24.58 11.09 19.83
C THR D 89 25.95 10.47 20.05
N TYR D 90 26.98 11.32 20.10
CA TYR D 90 28.34 10.87 20.29
C TYR D 90 28.56 10.47 21.74
N ILE D 91 29.14 9.29 21.96
CA ILE D 91 29.57 8.84 23.28
C ILE D 91 31.08 9.06 23.32
N VAL D 92 31.50 10.08 24.06
CA VAL D 92 32.90 10.52 24.04
C VAL D 92 33.72 9.64 24.97
N VAL D 93 34.83 9.12 24.46
CA VAL D 93 35.85 8.46 25.26
C VAL D 93 36.94 9.50 25.48
N GLN D 94 37.02 10.03 26.69
CA GLN D 94 37.92 11.14 27.01
C GLN D 94 39.37 10.72 27.20
N GLY D 95 39.67 9.42 27.10
CA GLY D 95 41.05 8.97 27.16
C GLY D 95 41.35 7.99 28.29
N ASP D 96 40.81 8.25 29.47
CA ASP D 96 41.01 7.36 30.62
C ASP D 96 39.82 6.43 30.82
N ASP D 97 38.63 7.00 30.94
CA ASP D 97 37.42 6.19 31.05
C ASP D 97 36.84 5.93 29.66
N THR D 98 35.76 5.14 29.63
CA THR D 98 35.06 4.84 28.38
C THR D 98 33.79 5.67 28.23
N ILE D 99 33.51 6.58 29.15
CA ILE D 99 32.30 7.39 29.15
C ILE D 99 32.68 8.83 29.49
N ALA D 100 31.69 9.71 29.41
CA ALA D 100 31.84 11.10 29.81
C ALA D 100 30.53 11.54 30.46
N ASN D 101 30.49 12.78 30.93
CA ASN D 101 29.28 13.31 31.56
C ASN D 101 28.20 13.65 30.54
N TYR D 102 28.57 13.97 29.31
CA TYR D 102 27.64 14.50 28.34
C TYR D 102 27.71 13.71 27.04
N GLY D 103 26.61 13.78 26.28
CA GLY D 103 26.55 13.23 24.95
C GLY D 103 26.12 14.28 23.95
N ILE D 104 26.97 14.54 22.95
CA ILE D 104 26.70 15.62 21.99
C ILE D 104 25.81 15.07 20.88
N ASN D 105 24.67 15.71 20.67
CA ASN D 105 23.71 15.25 19.66
C ASN D 105 24.27 15.57 18.27
N ALA D 106 24.52 14.53 17.47
CA ALA D 106 25.14 14.72 16.17
C ALA D 106 24.23 15.43 15.17
N VAL D 107 22.92 15.44 15.42
CA VAL D 107 21.99 16.07 14.48
C VAL D 107 22.23 17.57 14.50
N CYS D 108 22.56 18.13 13.34
CA CYS D 108 22.91 19.54 13.27
C CYS D 108 21.68 20.42 13.51
N THR D 109 21.95 21.66 13.92
CA THR D 109 20.90 22.63 14.19
C THR D 109 20.62 23.55 13.01
N HIS D 110 21.21 23.30 11.86
CA HIS D 110 20.97 24.12 10.66
C HIS D 110 19.84 23.53 9.84
N LEU D 111 20.00 22.29 9.39
CA LEU D 111 18.96 21.57 8.65
C LEU D 111 18.61 20.24 9.28
N GLY D 112 19.60 19.51 9.80
CA GLY D 112 19.34 18.20 10.36
C GLY D 112 20.36 17.16 9.96
N CYS D 113 21.42 17.58 9.27
CA CYS D 113 22.49 16.67 8.91
C CYS D 113 23.20 16.18 10.17
N VAL D 114 23.83 15.01 10.07
CA VAL D 114 24.60 14.44 11.16
C VAL D 114 26.05 14.90 11.00
N VAL D 115 26.51 15.73 11.91
CA VAL D 115 27.86 16.31 11.77
C VAL D 115 28.89 15.25 12.12
N PRO D 116 29.87 14.98 11.25
CA PRO D 116 31.00 14.14 11.63
C PRO D 116 32.02 14.90 12.47
N TRP D 117 32.88 14.14 13.13
CA TRP D 117 33.89 14.67 14.03
C TRP D 117 35.26 14.45 13.41
N ASN D 118 36.00 15.55 13.22
CA ASN D 118 37.37 15.49 12.74
C ASN D 118 38.27 15.69 13.95
N ALA D 119 38.85 14.58 14.43
CA ALA D 119 39.85 14.66 15.49
C ALA D 119 41.12 15.31 14.96
N SER D 120 41.32 15.29 13.64
CA SER D 120 42.43 15.99 13.04
C SER D 120 42.35 17.49 13.32
N GLU D 121 41.16 18.07 13.16
CA GLU D 121 40.94 19.46 13.52
C GLU D 121 40.23 19.61 14.86
N ASN D 122 39.93 18.49 15.54
CA ASN D 122 39.39 18.51 16.91
C ASN D 122 38.04 19.25 16.95
N LYS D 123 37.25 19.09 15.89
CA LYS D 123 36.01 19.85 15.77
C LYS D 123 34.94 19.03 15.06
N PHE D 124 33.69 19.39 15.29
CA PHE D 124 32.54 18.80 14.60
C PHE D 124 32.28 19.64 13.35
N MET D 125 32.44 19.04 12.18
CA MET D 125 32.31 19.77 10.92
C MET D 125 31.17 19.18 10.10
N CYS D 126 30.10 19.95 9.94
CA CYS D 126 28.97 19.52 9.14
C CYS D 126 29.39 19.38 7.68
N PRO D 127 28.99 18.31 6.98
CA PRO D 127 29.39 18.16 5.58
C PRO D 127 28.43 18.81 4.60
N CYS D 128 27.19 19.10 5.03
CA CYS D 128 26.19 19.63 4.11
C CYS D 128 26.55 21.06 3.67
N HIS D 129 26.94 21.91 4.63
CA HIS D 129 27.26 23.30 4.31
C HIS D 129 28.51 23.81 5.03
N GLY D 130 29.14 23.01 5.87
CA GLY D 130 30.35 23.43 6.54
C GLY D 130 30.18 24.05 7.91
N SER D 131 29.04 23.81 8.57
CA SER D 131 28.89 24.26 9.95
C SER D 131 29.93 23.57 10.84
N GLN D 132 30.52 24.36 11.74
CA GLN D 132 31.61 23.87 12.58
C GLN D 132 31.27 24.12 14.04
N TYR D 133 31.58 23.14 14.88
CA TYR D 133 31.38 23.24 16.32
C TYR D 133 32.70 22.94 17.03
N ASN D 134 32.80 23.41 18.26
CA ASN D 134 33.99 23.16 19.07
C ASN D 134 33.94 21.73 19.60
N ALA D 135 34.87 21.40 20.51
CA ALA D 135 34.92 20.04 21.05
C ALA D 135 33.68 19.69 21.84
N GLU D 136 33.03 20.69 22.45
CA GLU D 136 31.87 20.44 23.30
C GLU D 136 30.54 20.67 22.60
N GLY D 137 30.52 21.38 21.47
CA GLY D 137 29.29 21.57 20.74
C GLY D 137 28.94 23.04 20.52
N LYS D 138 29.63 23.93 21.22
CA LYS D 138 29.40 25.36 21.06
C LYS D 138 29.76 25.79 19.65
N VAL D 139 28.87 26.59 19.03
CA VAL D 139 29.06 26.99 17.65
C VAL D 139 30.22 27.96 17.55
N VAL D 140 31.12 27.70 16.61
CA VAL D 140 32.23 28.60 16.33
C VAL D 140 32.29 29.05 14.88
N ARG D 141 31.77 28.26 13.94
CA ARG D 141 31.76 28.63 12.53
C ARG D 141 30.51 28.05 11.89
N GLY D 142 30.23 28.50 10.67
CA GLY D 142 29.16 27.96 9.87
C GLY D 142 27.82 28.61 10.14
N PRO D 143 26.84 28.33 9.28
CA PRO D 143 25.51 28.92 9.42
C PRO D 143 24.58 28.24 10.42
N ALA D 144 25.11 27.38 11.28
CA ALA D 144 24.27 26.75 12.28
C ALA D 144 23.81 27.80 13.30
N PRO D 145 22.50 28.00 13.47
CA PRO D 145 22.06 29.08 14.36
C PRO D 145 22.34 28.81 15.82
N LEU D 146 22.07 27.60 16.32
CA LEU D 146 22.20 27.29 17.73
C LEU D 146 23.15 26.10 17.90
N SER D 147 23.51 25.84 19.15
CA SER D 147 24.51 24.82 19.47
C SER D 147 23.91 23.42 19.50
N LEU D 148 24.77 22.43 19.34
CA LEU D 148 24.34 21.04 19.35
C LEU D 148 23.80 20.66 20.72
N ALA D 149 22.70 19.92 20.73
CA ALA D 149 22.09 19.49 21.98
C ALA D 149 22.99 18.51 22.72
N LEU D 150 22.87 18.49 24.05
CA LEU D 150 23.67 17.62 24.89
C LEU D 150 22.77 16.55 25.52
N ALA D 151 23.36 15.73 26.39
CA ALA D 151 22.64 14.68 27.10
C ALA D 151 23.48 14.29 28.30
N HIS D 152 22.93 13.38 29.11
CA HIS D 152 23.63 12.81 30.26
C HIS D 152 23.91 11.35 29.99
N ALA D 153 25.19 11.00 29.77
CA ALA D 153 25.60 9.62 29.51
C ALA D 153 26.13 9.05 30.81
N THR D 154 25.34 8.19 31.45
CA THR D 154 25.68 7.64 32.76
C THR D 154 25.63 6.11 32.70
N VAL D 155 26.57 5.47 33.38
CA VAL D 155 26.59 4.03 33.57
C VAL D 155 27.50 3.70 34.74
N THR D 156 27.21 2.57 35.39
CA THR D 156 27.98 2.09 36.54
C THR D 156 28.06 3.14 37.64
N LEU D 161 24.68 1.59 29.61
CA LEU D 161 24.82 3.03 29.40
C LEU D 161 23.49 3.66 29.03
N VAL D 162 23.07 4.65 29.81
CA VAL D 162 21.82 5.35 29.59
C VAL D 162 22.09 6.82 29.42
N LEU D 163 21.51 7.43 28.39
CA LEU D 163 21.64 8.86 28.13
C LEU D 163 20.28 9.52 28.29
N SER D 164 20.24 10.56 29.13
CA SER D 164 19.03 11.25 29.51
C SER D 164 19.03 12.69 28.98
N THR D 165 17.85 13.27 28.92
CA THR D 165 17.69 14.64 28.40
C THR D 165 18.40 15.64 29.31
N TRP D 166 19.13 16.56 28.69
CA TRP D 166 19.90 17.55 29.42
C TRP D 166 19.02 18.71 29.83
N THR D 167 19.12 19.12 31.10
CA THR D 167 18.33 20.22 31.65
C THR D 167 19.17 21.30 32.31
N GLU D 168 20.34 20.95 32.87
CA GLU D 168 21.18 21.92 33.55
C GLU D 168 21.66 23.00 32.57
N THR D 169 22.25 24.05 33.14
CA THR D 169 22.72 25.17 32.32
C THR D 169 23.80 24.71 31.35
N ASP D 170 23.77 25.29 30.15
CA ASP D 170 24.70 24.88 29.09
C ASP D 170 26.09 25.42 29.41
N PHE D 171 27.01 24.51 29.75
CA PHE D 171 28.38 24.84 30.11
C PHE D 171 29.22 25.28 28.93
N ARG D 172 28.63 25.45 27.74
CA ARG D 172 29.37 25.84 26.55
C ARG D 172 29.03 27.26 26.12
N THR D 173 27.76 27.56 25.91
CA THR D 173 27.32 28.90 25.54
C THR D 173 26.90 29.73 26.74
N ASP D 174 26.94 29.17 27.95
CA ASP D 174 26.58 29.87 29.18
C ASP D 174 25.15 30.41 29.12
N GLU D 175 24.20 29.49 29.01
CA GLU D 175 22.79 29.83 28.90
C GLU D 175 21.99 28.57 29.24
N ASP D 176 20.68 28.73 29.37
CA ASP D 176 19.79 27.59 29.56
C ASP D 176 19.75 26.73 28.31
N PRO D 177 19.48 25.43 28.45
CA PRO D 177 19.41 24.57 27.26
C PRO D 177 18.28 24.97 26.32
N TRP D 178 18.64 25.41 25.12
CA TRP D 178 17.63 25.85 24.16
C TRP D 178 16.71 24.70 23.75
N TRP D 179 17.27 23.51 23.58
CA TRP D 179 16.45 22.35 23.23
C TRP D 179 15.50 21.97 24.36
N ALA D 180 15.96 22.09 25.61
CA ALA D 180 15.16 21.76 26.79
C ALA D 180 14.65 20.32 26.76
N MET E 1 -30.39 -10.41 29.53
CA MET E 1 -31.40 -10.99 28.66
C MET E 1 -32.80 -10.79 29.24
N ALA E 2 -32.86 -10.56 30.55
CA ALA E 2 -34.12 -10.30 31.24
C ALA E 2 -34.25 -8.85 31.69
N ALA E 3 -33.28 -8.34 32.45
CA ALA E 3 -33.24 -6.91 32.72
C ALA E 3 -32.94 -6.12 31.46
N GLY E 4 -32.33 -6.77 30.47
CA GLY E 4 -32.16 -6.12 29.17
C GLY E 4 -33.48 -5.80 28.53
N VAL E 5 -34.48 -6.65 28.72
CA VAL E 5 -35.82 -6.36 28.21
C VAL E 5 -36.39 -5.11 28.87
N GLY E 6 -36.21 -4.98 30.19
CA GLY E 6 -36.67 -3.78 30.87
C GLY E 6 -35.95 -2.53 30.40
N ILE E 7 -34.63 -2.63 30.20
CA ILE E 7 -33.88 -1.49 29.69
C ILE E 7 -34.34 -1.12 28.29
N PHE E 8 -34.59 -2.12 27.44
CA PHE E 8 -35.12 -1.87 26.11
C PHE E 8 -36.46 -1.15 26.16
N ILE E 9 -37.38 -1.62 27.00
CA ILE E 9 -38.70 -1.01 27.09
C ILE E 9 -38.58 0.43 27.59
N GLY E 10 -37.78 0.65 28.64
CA GLY E 10 -37.60 1.99 29.14
C GLY E 10 -36.94 2.92 28.13
N TYR E 11 -35.99 2.40 27.37
CA TYR E 11 -35.25 3.20 26.40
C TYR E 11 -36.17 3.62 25.26
N ILE E 12 -36.97 2.67 24.77
CA ILE E 12 -37.96 2.96 23.73
C ILE E 12 -38.99 3.96 24.24
N ALA E 13 -39.46 3.78 25.48
CA ALA E 13 -40.44 4.69 26.04
C ALA E 13 -39.88 6.10 26.15
N VAL E 14 -38.64 6.24 26.64
CA VAL E 14 -38.03 7.55 26.80
C VAL E 14 -37.88 8.23 25.45
N PHE E 15 -37.41 7.50 24.43
CA PHE E 15 -37.17 8.14 23.15
C PHE E 15 -38.46 8.41 22.39
N THR E 16 -39.47 7.56 22.52
CA THR E 16 -40.78 7.87 21.95
C THR E 16 -41.38 9.09 22.64
N GLY E 17 -41.24 9.18 23.97
CA GLY E 17 -41.76 10.33 24.69
C GLY E 17 -41.09 11.62 24.26
N VAL E 18 -39.76 11.61 24.14
CA VAL E 18 -39.08 12.83 23.68
C VAL E 18 -39.38 13.12 22.23
N THR E 19 -39.58 12.11 21.38
CA THR E 19 -39.98 12.35 20.00
C THR E 19 -41.32 13.08 19.94
N LEU E 20 -42.32 12.54 20.64
CA LEU E 20 -43.63 13.18 20.64
C LEU E 20 -43.59 14.55 21.31
N GLY E 21 -42.80 14.69 22.38
CA GLY E 21 -42.69 15.99 23.02
C GLY E 21 -42.09 17.04 22.11
N LEU E 22 -41.01 16.70 21.43
CA LEU E 22 -40.41 17.63 20.47
C LEU E 22 -41.37 17.96 19.35
N LEU E 23 -42.04 16.94 18.81
CA LEU E 23 -42.99 17.16 17.71
C LEU E 23 -44.09 18.12 18.13
N TYR E 24 -44.74 17.86 19.25
CA TYR E 24 -45.89 18.67 19.66
C TYR E 24 -45.46 20.03 20.18
N GLY E 25 -44.32 20.13 20.85
CA GLY E 25 -43.85 21.42 21.32
C GLY E 25 -43.22 22.29 20.26
N LEU E 26 -42.83 21.70 19.13
CA LEU E 26 -42.34 22.48 18.00
C LEU E 26 -43.47 22.86 17.06
N ARG E 27 -44.49 22.01 16.93
CA ARG E 27 -45.70 22.40 16.20
C ARG E 27 -46.51 23.41 17.01
N PHE E 28 -46.39 23.37 18.33
CA PHE E 28 -47.11 24.32 19.18
C PHE E 28 -46.55 25.72 19.05
N VAL E 29 -45.23 25.85 18.91
CA VAL E 29 -44.59 27.15 18.77
C VAL E 29 -44.39 27.44 17.29
N LYS E 30 -45.09 26.68 16.43
CA LYS E 30 -45.10 26.82 14.98
C LYS E 30 -43.72 26.65 14.35
N LEU E 31 -42.76 26.07 15.08
CA LEU E 31 -41.42 25.90 14.52
C LEU E 31 -41.42 24.87 13.39
N ILE E 32 -42.19 23.80 13.54
CA ILE E 32 -42.32 22.82 12.47
C ILE E 32 -43.80 22.63 12.11
N MET F 1 -27.32 -9.88 24.74
CA MET F 1 -27.16 -9.21 26.02
C MET F 1 -26.44 -10.10 27.03
N THR F 2 -25.14 -9.86 27.18
CA THR F 2 -24.24 -10.57 28.10
C THR F 2 -24.46 -12.09 28.13
N ALA F 3 -24.82 -12.66 26.98
CA ALA F 3 -24.97 -14.11 26.85
C ALA F 3 -23.63 -14.72 26.46
N GLU F 4 -23.64 -15.99 26.03
CA GLU F 4 -22.40 -16.66 25.65
C GLU F 4 -22.29 -16.86 24.14
N SER F 5 -23.33 -17.37 23.49
CA SER F 5 -23.38 -17.53 22.04
C SER F 5 -24.67 -16.93 21.51
N MET F 6 -24.54 -16.05 20.53
CA MET F 6 -25.64 -15.24 20.02
C MET F 6 -25.98 -15.58 18.57
N LEU F 7 -25.93 -16.86 18.22
CA LEU F 7 -26.27 -17.26 16.86
C LEU F 7 -27.79 -17.42 16.70
N ALA F 8 -28.38 -18.33 17.46
CA ALA F 8 -29.84 -18.48 17.41
C ALA F 8 -30.52 -17.30 18.06
N ASN F 9 -30.08 -16.91 19.26
CA ASN F 9 -30.66 -15.76 19.93
C ASN F 9 -30.46 -14.49 19.12
N GLY F 10 -29.29 -14.34 18.50
CA GLY F 10 -29.07 -13.17 17.65
C GLY F 10 -30.04 -13.10 16.49
N ALA F 11 -30.28 -14.24 15.83
CA ALA F 11 -31.19 -14.25 14.70
C ALA F 11 -32.62 -13.93 15.13
N PHE F 12 -33.07 -14.57 16.22
CA PHE F 12 -34.42 -14.31 16.70
C PHE F 12 -34.59 -12.86 17.12
N ILE F 13 -33.59 -12.31 17.81
CA ILE F 13 -33.65 -10.91 18.23
C ILE F 13 -33.65 -9.99 17.03
N MET F 14 -32.86 -10.31 16.00
CA MET F 14 -32.79 -9.45 14.83
C MET F 14 -34.15 -9.42 14.12
N ILE F 15 -34.78 -10.58 13.95
CA ILE F 15 -36.10 -10.63 13.32
C ILE F 15 -37.11 -9.85 14.15
N GLY F 16 -37.14 -10.12 15.47
CA GLY F 16 -38.11 -9.45 16.32
C GLY F 16 -37.92 -7.95 16.34
N LEU F 17 -36.68 -7.48 16.36
CA LEU F 17 -36.42 -6.06 16.40
C LEU F 17 -36.72 -5.38 15.07
N THR F 18 -36.51 -6.07 13.95
CA THR F 18 -36.94 -5.50 12.68
C THR F 18 -38.45 -5.31 12.65
N LEU F 19 -39.18 -6.35 13.04
CA LEU F 19 -40.64 -6.25 13.07
C LEU F 19 -41.10 -5.17 14.05
N LEU F 20 -40.46 -5.10 15.22
CA LEU F 20 -40.83 -4.11 16.22
C LEU F 20 -40.50 -2.70 15.76
N GLY F 21 -39.41 -2.52 15.01
CA GLY F 21 -39.09 -1.22 14.48
C GLY F 21 -40.13 -0.75 13.47
N LEU F 22 -40.54 -1.64 12.57
CA LEU F 22 -41.62 -1.28 11.65
C LEU F 22 -42.90 -0.95 12.40
N ALA F 23 -43.25 -1.78 13.39
CA ALA F 23 -44.47 -1.56 14.15
C ALA F 23 -44.42 -0.22 14.89
N TRP F 24 -43.27 0.11 15.45
CA TRP F 24 -43.15 1.35 16.22
C TRP F 24 -43.14 2.57 15.31
N GLY F 25 -42.57 2.43 14.11
CA GLY F 25 -42.70 3.49 13.13
C GLY F 25 -44.15 3.79 12.79
N PHE F 26 -44.93 2.73 12.54
CA PHE F 26 -46.35 2.92 12.29
C PHE F 26 -47.08 3.46 13.51
N VAL F 27 -46.66 3.05 14.71
CA VAL F 27 -47.28 3.56 15.93
C VAL F 27 -47.04 5.05 16.08
N ILE F 28 -45.82 5.51 15.82
CA ILE F 28 -45.52 6.94 15.88
C ILE F 28 -46.30 7.69 14.81
N ILE F 29 -46.43 7.09 13.62
CA ILE F 29 -47.23 7.71 12.56
C ILE F 29 -48.67 7.89 13.03
N LYS F 30 -49.23 6.87 13.68
CA LYS F 30 -50.59 6.97 14.20
C LYS F 30 -50.69 8.01 15.32
N LEU F 31 -49.67 8.10 16.18
CA LEU F 31 -49.72 8.94 17.36
C LEU F 31 -49.31 10.39 17.08
N GLN F 32 -48.84 10.69 15.88
CA GLN F 32 -48.48 12.06 15.53
C GLN F 32 -49.68 12.88 15.08
N GLY F 33 -50.84 12.25 14.92
CA GLY F 33 -52.03 12.98 14.53
C GLY F 33 -51.95 13.50 13.11
N SER F 34 -52.86 14.43 12.81
CA SER F 34 -52.91 15.10 11.53
C SER F 34 -52.66 16.59 11.64
N GLU F 35 -53.41 17.29 12.48
CA GLU F 35 -53.25 18.72 12.66
C GLU F 35 -53.94 19.14 13.95
N GLU F 36 -53.22 19.88 14.79
CA GLU F 36 -53.78 20.33 16.07
C GLU F 36 -54.53 21.64 15.89
N MET G 1 -12.30 -18.77 11.26
CA MET G 1 -13.11 -19.29 12.34
C MET G 1 -14.56 -18.83 12.24
N ILE G 2 -15.41 -19.37 13.09
CA ILE G 2 -16.84 -19.05 13.09
C ILE G 2 -17.11 -17.93 14.08
N GLU G 3 -17.79 -16.88 13.63
CA GLU G 3 -18.22 -15.81 14.50
C GLU G 3 -19.71 -15.95 14.76
N PRO G 4 -20.13 -16.30 15.97
CA PRO G 4 -21.54 -16.65 16.20
C PRO G 4 -22.48 -15.46 16.17
N LEU G 5 -22.04 -14.31 16.71
CA LEU G 5 -22.89 -13.13 16.68
C LEU G 5 -23.14 -12.65 15.26
N LEU G 6 -22.09 -12.62 14.43
CA LEU G 6 -22.26 -12.19 13.05
C LEU G 6 -23.16 -13.15 12.28
N LEU G 7 -22.98 -14.45 12.49
CA LEU G 7 -23.85 -15.42 11.84
C LEU G 7 -25.30 -15.28 12.32
N GLY G 8 -25.50 -14.98 13.60
CA GLY G 8 -26.85 -14.72 14.07
C GLY G 8 -27.47 -13.51 13.40
N ILE G 9 -26.69 -12.44 13.27
CA ILE G 9 -27.19 -11.25 12.58
C ILE G 9 -27.59 -11.59 11.15
N VAL G 10 -26.74 -12.35 10.46
CA VAL G 10 -27.02 -12.70 9.07
C VAL G 10 -28.26 -13.57 8.96
N LEU G 11 -28.35 -14.62 9.78
CA LEU G 11 -29.49 -15.53 9.76
C LEU G 11 -30.76 -14.91 10.31
N GLY G 12 -30.67 -13.75 10.94
CA GLY G 12 -31.87 -13.04 11.34
C GLY G 12 -32.30 -12.04 10.29
N LEU G 13 -31.34 -11.40 9.62
CA LEU G 13 -31.67 -10.37 8.66
C LEU G 13 -32.03 -10.92 7.28
N ILE G 14 -31.55 -12.10 6.92
CA ILE G 14 -31.89 -12.67 5.62
C ILE G 14 -33.37 -13.04 5.57
N PRO G 15 -33.89 -13.92 6.44
CA PRO G 15 -35.29 -14.32 6.31
C PRO G 15 -36.27 -13.17 6.55
N VAL G 16 -35.97 -12.25 7.46
CA VAL G 16 -36.91 -11.15 7.70
C VAL G 16 -36.94 -10.23 6.49
N THR G 17 -35.79 -9.99 5.84
CA THR G 17 -35.78 -9.18 4.62
C THR G 17 -36.55 -9.86 3.50
N LEU G 18 -36.36 -11.17 3.33
CA LEU G 18 -37.10 -11.89 2.30
C LEU G 18 -38.60 -11.84 2.57
N ALA G 19 -39.00 -12.07 3.82
CA ALA G 19 -40.42 -12.02 4.16
C ALA G 19 -41.00 -10.63 3.96
N GLY G 20 -40.26 -9.59 4.33
CA GLY G 20 -40.75 -8.24 4.13
C GLY G 20 -40.88 -7.89 2.66
N LEU G 21 -39.91 -8.31 1.85
CA LEU G 21 -40.01 -8.07 0.41
C LEU G 21 -41.21 -8.78 -0.19
N PHE G 22 -41.45 -10.03 0.21
CA PHE G 22 -42.62 -10.75 -0.28
C PHE G 22 -43.92 -10.11 0.19
N VAL G 23 -43.96 -9.60 1.43
CA VAL G 23 -45.16 -8.97 1.93
C VAL G 23 -45.43 -7.65 1.21
N ALA G 24 -44.39 -6.86 0.96
CA ALA G 24 -44.56 -5.64 0.20
C ALA G 24 -45.02 -5.95 -1.23
N ALA G 25 -44.47 -7.01 -1.81
CA ALA G 25 -44.91 -7.44 -3.13
C ALA G 25 -46.38 -7.83 -3.12
N TYR G 26 -46.83 -8.53 -2.09
CA TYR G 26 -48.23 -8.92 -1.98
C TYR G 26 -49.12 -7.69 -1.83
N LEU G 27 -48.71 -6.73 -1.01
CA LEU G 27 -49.50 -5.52 -0.82
C LEU G 27 -49.61 -4.73 -2.11
N GLN G 28 -48.52 -4.63 -2.87
CA GLN G 28 -48.57 -3.97 -4.17
C GLN G 28 -49.24 -4.83 -5.24
N TYR G 29 -49.43 -6.12 -4.97
CA TYR G 29 -50.06 -7.03 -5.92
C TYR G 29 -51.57 -7.08 -5.76
N LYS G 30 -52.07 -6.77 -4.57
CA LYS G 30 -53.51 -6.69 -4.33
C LYS G 30 -54.05 -5.28 -4.57
N ARG G 31 -53.20 -4.32 -4.90
CA ARG G 31 -53.58 -2.93 -5.11
C ARG G 31 -52.96 -2.43 -6.40
N GLY G 32 -53.51 -1.33 -6.91
CA GLY G 32 -53.05 -0.74 -8.15
C GLY G 32 -51.89 0.22 -7.94
N ASN G 33 -51.47 0.83 -9.04
CA ASN G 33 -50.40 1.80 -9.05
C ASN G 33 -50.98 3.21 -9.18
N GLN G 34 -50.10 4.21 -9.32
CA GLN G 34 -50.54 5.60 -9.42
C GLN G 34 -51.13 5.93 -10.78
N PHE G 35 -50.59 5.36 -11.86
CA PHE G 35 -51.07 5.67 -13.20
C PHE G 35 -51.85 4.50 -13.80
N MET H 1 -28.69 -1.36 35.28
CA MET H 1 -28.04 -2.34 36.15
C MET H 1 -26.69 -2.74 35.58
N ASP H 2 -26.69 -3.73 34.70
CA ASP H 2 -25.47 -4.18 34.03
C ASP H 2 -25.01 -3.13 33.03
N ILE H 3 -23.73 -3.20 32.67
CA ILE H 3 -23.20 -2.28 31.68
C ILE H 3 -23.01 -2.95 30.32
N LEU H 4 -22.63 -4.22 30.29
CA LEU H 4 -22.60 -4.95 29.03
C LEU H 4 -24.01 -5.07 28.45
N THR H 5 -24.97 -5.40 29.30
CA THR H 5 -26.37 -5.41 28.89
C THR H 5 -26.80 -4.03 28.41
N LEU H 6 -26.33 -2.97 29.08
CA LEU H 6 -26.67 -1.62 28.65
C LEU H 6 -26.16 -1.33 27.24
N GLY H 7 -24.92 -1.70 26.94
CA GLY H 7 -24.41 -1.47 25.60
C GLY H 7 -25.11 -2.30 24.55
N TRP H 8 -25.36 -3.58 24.85
CA TRP H 8 -26.07 -4.42 23.89
C TRP H 8 -27.46 -3.87 23.61
N VAL H 9 -28.18 -3.47 24.67
CA VAL H 9 -29.49 -2.87 24.50
C VAL H 9 -29.38 -1.58 23.71
N SER H 10 -28.36 -0.77 23.96
CA SER H 10 -28.23 0.48 23.22
C SER H 10 -28.09 0.22 21.73
N VAL H 11 -27.27 -0.76 21.35
CA VAL H 11 -27.10 -1.07 19.93
C VAL H 11 -28.41 -1.63 19.35
N LEU H 12 -29.08 -2.51 20.08
CA LEU H 12 -30.33 -3.08 19.58
C LEU H 12 -31.41 -2.02 19.40
N VAL H 13 -31.53 -1.10 20.37
CA VAL H 13 -32.50 -0.02 20.25
C VAL H 13 -32.09 0.95 19.16
N LEU H 14 -30.80 1.11 18.90
CA LEU H 14 -30.41 1.95 17.78
C LEU H 14 -30.86 1.33 16.46
N PHE H 15 -30.70 0.03 16.29
CA PHE H 15 -31.21 -0.65 15.10
C PHE H 15 -32.72 -0.46 14.96
N THR H 16 -33.46 -0.77 16.03
CA THR H 16 -34.91 -0.65 16.00
C THR H 16 -35.34 0.78 15.72
N TRP H 17 -34.68 1.75 16.34
CA TRP H 17 -35.05 3.15 16.20
C TRP H 17 -34.69 3.70 14.84
N SER H 18 -33.59 3.22 14.25
CA SER H 18 -33.28 3.62 12.87
C SER H 18 -34.36 3.15 11.92
N ILE H 19 -34.81 1.90 12.07
CA ILE H 19 -35.91 1.43 11.23
C ILE H 19 -37.16 2.26 11.49
N SER H 20 -37.46 2.52 12.76
CA SER H 20 -38.67 3.26 13.10
C SER H 20 -38.64 4.68 12.54
N MET H 21 -37.49 5.33 12.60
CA MET H 21 -37.39 6.70 12.09
C MET H 21 -37.44 6.73 10.58
N VAL H 22 -36.87 5.74 9.90
CA VAL H 22 -37.01 5.70 8.44
C VAL H 22 -38.47 5.48 8.06
N VAL H 23 -39.18 4.63 8.80
CA VAL H 23 -40.58 4.39 8.49
C VAL H 23 -41.43 5.64 8.76
N TRP H 24 -41.23 6.27 9.91
CA TRP H 24 -42.02 7.44 10.27
C TRP H 24 -41.72 8.64 9.38
N GLY H 25 -40.45 8.86 9.05
CA GLY H 25 -40.09 9.98 8.21
C GLY H 25 -40.63 9.88 6.79
N ARG H 26 -40.67 8.67 6.24
CA ARG H 26 -41.20 8.44 4.90
C ARG H 26 -42.70 8.16 4.92
N ASN H 27 -43.33 8.19 6.10
CA ASN H 27 -44.78 8.09 6.23
C ASN H 27 -45.30 6.77 5.65
N GLY H 28 -44.74 5.66 6.08
CA GLY H 28 -45.25 4.36 5.71
C GLY H 28 -44.13 3.43 5.31
N PHE H 29 -44.55 2.23 4.89
CA PHE H 29 -43.61 1.19 4.47
C PHE H 29 -44.12 0.52 3.20
N SER I 3 -15.42 2.93 -35.87
CA SER I 3 -16.37 4.03 -35.85
C SER I 3 -15.71 5.31 -35.37
N LYS I 4 -15.96 6.41 -36.08
CA LYS I 4 -15.40 7.71 -35.72
C LYS I 4 -15.95 8.13 -34.37
N GLU I 5 -17.26 8.41 -34.30
CA GLU I 5 -17.98 8.37 -33.03
C GLU I 5 -19.09 7.32 -33.10
N VAL I 6 -20.04 7.46 -34.02
CA VAL I 6 -21.03 6.44 -34.37
C VAL I 6 -21.38 6.65 -35.84
N THR I 7 -21.16 5.62 -36.66
CA THR I 7 -21.39 5.73 -38.09
C THR I 7 -22.43 4.76 -38.61
N GLU I 8 -22.27 3.46 -38.34
CA GLU I 8 -23.18 2.43 -38.87
C GLU I 8 -23.15 1.26 -37.89
N SER I 9 -24.18 1.15 -37.07
CA SER I 9 -24.24 0.13 -36.04
C SER I 9 -25.67 -0.37 -35.88
N LYS I 10 -25.79 -1.64 -35.46
CA LYS I 10 -27.11 -2.27 -35.32
C LYS I 10 -27.30 -2.87 -33.94
N VAL I 11 -26.23 -3.43 -33.36
CA VAL I 11 -26.26 -3.87 -31.97
C VAL I 11 -26.16 -2.69 -31.01
N PHE I 12 -25.71 -1.53 -31.50
CA PHE I 12 -25.70 -0.31 -30.71
C PHE I 12 -27.09 0.10 -30.25
N GLN I 13 -28.14 -0.32 -30.96
CA GLN I 13 -29.50 0.02 -30.54
C GLN I 13 -29.85 -0.60 -29.19
N TRP I 14 -29.29 -1.77 -28.88
CA TRP I 14 -29.54 -2.39 -27.59
C TRP I 14 -29.07 -1.50 -26.45
N PHE I 15 -27.89 -0.89 -26.59
CA PHE I 15 -27.41 0.04 -25.59
C PHE I 15 -28.13 1.38 -25.65
N ASN I 16 -28.47 1.85 -26.85
CA ASN I 16 -29.07 3.18 -27.00
C ASN I 16 -30.50 3.23 -26.47
N ASP I 17 -31.24 2.12 -26.57
CA ASP I 17 -32.60 2.10 -26.03
C ASP I 17 -32.60 2.06 -24.51
N ARG I 18 -31.50 1.62 -23.91
CA ARG I 18 -31.41 1.48 -22.46
C ARG I 18 -30.71 2.68 -21.82
N LEU I 19 -29.49 2.97 -22.25
CA LEU I 19 -28.68 4.01 -21.64
C LEU I 19 -28.66 5.31 -22.43
N GLU I 20 -29.23 5.34 -23.64
CA GLU I 20 -29.20 6.51 -24.50
C GLU I 20 -27.76 6.99 -24.73
N VAL I 21 -26.98 6.10 -25.35
CA VAL I 21 -25.59 6.39 -25.63
C VAL I 21 -25.45 7.48 -26.68
N GLN I 22 -26.43 7.61 -27.58
CA GLN I 22 -26.38 8.68 -28.57
C GLN I 22 -26.39 10.06 -27.94
N ALA I 23 -26.90 10.19 -26.71
CA ALA I 23 -26.77 11.45 -26.00
C ALA I 23 -25.31 11.79 -25.75
N ILE I 24 -24.53 10.80 -25.28
CA ILE I 24 -23.10 11.00 -25.10
C ILE I 24 -22.43 11.27 -26.43
N SER I 25 -22.83 10.54 -27.48
CA SER I 25 -22.26 10.74 -28.80
C SER I 25 -22.45 12.18 -29.29
N ASP I 26 -23.68 12.68 -29.21
CA ASP I 26 -23.99 14.03 -29.65
C ASP I 26 -23.44 15.09 -28.72
N ASP I 27 -23.19 14.77 -27.46
CA ASP I 27 -22.50 15.71 -26.57
C ASP I 27 -21.03 15.84 -26.94
N ILE I 28 -20.36 14.72 -27.18
CA ILE I 28 -18.94 14.77 -27.56
C ILE I 28 -18.77 15.42 -28.92
N ALA I 29 -19.64 15.07 -29.88
CA ALA I 29 -19.50 15.57 -31.23
C ALA I 29 -20.05 16.99 -31.41
N SER I 30 -20.57 17.60 -30.35
CA SER I 30 -21.05 18.97 -30.42
C SER I 30 -19.98 20.00 -30.09
N LYS I 31 -18.93 19.61 -29.39
CA LYS I 31 -17.86 20.53 -29.07
C LYS I 31 -16.96 20.76 -30.28
N TYR I 32 -16.37 21.95 -30.35
CA TYR I 32 -15.44 22.31 -31.41
C TYR I 32 -14.17 22.87 -30.80
N VAL I 33 -13.08 22.78 -31.56
CA VAL I 33 -11.78 23.30 -31.13
C VAL I 33 -11.55 24.62 -31.85
N PRO I 34 -11.48 25.74 -31.14
CA PRO I 34 -11.33 27.04 -31.79
C PRO I 34 -9.96 27.16 -32.46
N PRO I 35 -9.84 28.01 -33.48
CA PRO I 35 -8.58 28.09 -34.22
C PRO I 35 -7.39 28.55 -33.39
N HIS I 36 -7.62 29.29 -32.30
CA HIS I 36 -6.52 29.83 -31.51
C HIS I 36 -5.88 28.78 -30.60
N VAL I 37 -6.26 27.52 -30.71
CA VAL I 37 -5.68 26.45 -29.92
C VAL I 37 -4.39 26.02 -30.59
N ASN I 38 -3.27 26.19 -29.89
CA ASN I 38 -1.95 25.92 -30.43
C ASN I 38 -1.50 24.51 -30.05
N ILE I 39 -0.24 24.21 -30.35
CA ILE I 39 0.41 23.00 -29.85
C ILE I 39 0.69 23.07 -28.36
N PHE I 40 0.70 24.26 -27.78
CA PHE I 40 0.94 24.44 -26.36
C PHE I 40 -0.27 24.09 -25.51
N TYR I 41 -1.43 23.92 -26.12
CA TYR I 41 -2.62 23.48 -25.40
C TYR I 41 -2.63 21.98 -25.16
N CYS I 42 -1.66 21.25 -25.73
CA CYS I 42 -1.50 19.82 -25.49
C CYS I 42 -0.74 19.52 -24.22
N LEU I 43 -0.16 20.54 -23.58
CA LEU I 43 0.69 20.33 -22.42
C LEU I 43 -0.06 19.80 -21.21
N GLY I 44 -1.18 20.41 -20.84
CA GLY I 44 -1.93 19.94 -19.68
C GLY I 44 -2.35 18.49 -19.84
N GLY I 45 -2.91 18.14 -21.00
CA GLY I 45 -3.21 16.75 -21.27
C GLY I 45 -2.00 15.86 -21.17
N LEU I 46 -0.85 16.33 -21.67
CA LEU I 46 0.38 15.58 -21.50
C LEU I 46 0.66 15.29 -20.03
N THR I 47 0.46 16.28 -19.17
CA THR I 47 0.57 16.03 -17.74
C THR I 47 -0.30 14.85 -17.34
N LEU I 48 -1.57 14.87 -17.74
CA LEU I 48 -2.45 13.75 -17.46
C LEU I 48 -1.85 12.46 -17.99
N THR I 49 -1.34 12.48 -19.23
CA THR I 49 -0.69 11.31 -19.79
C THR I 49 0.38 10.79 -18.85
N CYS I 50 1.28 11.68 -18.41
CA CYS I 50 2.34 11.25 -17.51
C CYS I 50 1.76 10.68 -16.23
N PHE I 51 0.72 11.32 -15.69
CA PHE I 51 0.10 10.78 -14.49
C PHE I 51 -0.45 9.39 -14.73
N LEU I 52 -1.07 9.16 -15.90
CA LEU I 52 -1.55 7.83 -16.20
C LEU I 52 -0.41 6.83 -16.17
N ILE I 53 0.75 7.21 -16.70
CA ILE I 53 1.92 6.34 -16.61
C ILE I 53 2.29 6.12 -15.15
N GLN I 54 2.28 7.17 -14.35
CA GLN I 54 2.49 7.01 -12.91
C GLN I 54 1.42 6.13 -12.30
N PHE I 55 0.18 6.20 -12.81
CA PHE I 55 -0.85 5.32 -12.29
C PHE I 55 -0.60 3.89 -12.75
N ALA I 56 0.00 3.72 -13.93
CA ALA I 56 0.23 2.38 -14.43
C ALA I 56 1.50 1.77 -13.84
N THR I 57 2.65 2.37 -14.13
CA THR I 57 3.91 1.82 -13.67
C THR I 57 4.04 1.81 -12.16
N GLY I 58 3.42 2.77 -11.47
CA GLY I 58 3.37 2.71 -10.03
C GLY I 58 2.57 1.51 -9.58
N PHE I 59 1.39 1.32 -10.19
CA PHE I 59 0.59 0.11 -9.97
C PHE I 59 1.44 -1.14 -10.02
N ALA I 60 2.15 -1.35 -11.14
CA ALA I 60 2.98 -2.54 -11.27
C ALA I 60 3.98 -2.64 -10.12
N MET I 61 4.62 -1.52 -9.77
CA MET I 61 5.63 -1.56 -8.72
C MET I 61 5.04 -1.80 -7.34
N THR I 62 3.71 -1.73 -7.18
CA THR I 62 3.13 -2.10 -5.90
C THR I 62 3.07 -3.60 -5.70
N PHE I 63 3.32 -4.39 -6.76
CA PHE I 63 3.27 -5.84 -6.62
C PHE I 63 4.56 -6.43 -6.08
N TYR I 64 5.64 -5.65 -6.03
CA TYR I 64 6.93 -6.16 -5.59
C TYR I 64 7.61 -5.29 -4.54
N TYR I 65 7.15 -4.07 -4.31
CA TYR I 65 7.78 -3.19 -3.34
C TYR I 65 7.29 -3.51 -1.94
N LYS I 66 8.23 -3.71 -1.00
CA LYS I 66 7.90 -3.98 0.38
C LYS I 66 8.16 -2.72 1.20
N PRO I 67 7.13 -2.03 1.69
CA PRO I 67 7.35 -0.75 2.38
C PRO I 67 7.75 -0.91 3.84
N THR I 68 8.91 -1.54 4.05
CA THR I 68 9.50 -1.66 5.37
C THR I 68 10.99 -1.31 5.29
N VAL I 69 11.53 -0.81 6.40
CA VAL I 69 12.91 -0.35 6.42
C VAL I 69 13.91 -1.48 6.24
N THR I 70 13.51 -2.73 6.45
CA THR I 70 14.41 -3.86 6.25
C THR I 70 14.26 -4.48 4.86
N GLU I 71 13.30 -4.04 4.06
CA GLU I 71 13.07 -4.61 2.74
C GLU I 71 12.80 -3.61 1.64
N ALA I 72 12.69 -2.31 1.94
CA ALA I 72 12.40 -1.33 0.90
C ALA I 72 13.52 -1.29 -0.13
N PHE I 73 14.76 -1.14 0.31
CA PHE I 73 15.90 -1.16 -0.59
C PHE I 73 16.02 -2.51 -1.28
N ALA I 74 15.84 -3.60 -0.52
CA ALA I 74 15.92 -4.93 -1.10
C ALA I 74 14.84 -5.14 -2.14
N SER I 75 13.62 -4.68 -1.86
CA SER I 75 12.55 -4.82 -2.84
C SER I 75 12.80 -3.97 -4.07
N VAL I 76 13.36 -2.78 -3.90
CA VAL I 76 13.66 -1.93 -5.06
C VAL I 76 14.69 -2.59 -5.96
N GLN I 77 15.76 -3.13 -5.37
CA GLN I 77 16.75 -3.81 -6.20
C GLN I 77 16.27 -5.16 -6.71
N TYR I 78 15.31 -5.79 -6.03
CA TYR I 78 14.65 -6.97 -6.57
C TYR I 78 13.84 -6.63 -7.81
N ILE I 79 13.14 -5.48 -7.78
CA ILE I 79 12.44 -4.99 -8.97
C ILE I 79 13.44 -4.74 -10.08
N MET I 80 14.52 -4.03 -9.78
CA MET I 80 15.47 -3.63 -10.81
C MET I 80 16.18 -4.82 -11.43
N ASN I 81 16.56 -5.82 -10.62
CA ASN I 81 17.43 -6.88 -11.08
C ASN I 81 16.72 -8.19 -11.38
N GLU I 82 15.78 -8.61 -10.52
CA GLU I 82 15.20 -9.95 -10.63
C GLU I 82 13.88 -9.98 -11.40
N VAL I 83 12.98 -9.04 -11.13
CA VAL I 83 11.68 -9.05 -11.81
C VAL I 83 11.87 -8.79 -13.29
N ASN I 84 11.07 -9.48 -14.10
CA ASN I 84 11.11 -9.26 -15.54
C ASN I 84 10.65 -7.85 -15.87
N PHE I 85 11.45 -7.14 -16.65
CA PHE I 85 11.18 -5.76 -17.07
C PHE I 85 10.97 -4.82 -15.89
N GLY I 86 11.40 -5.21 -14.70
CA GLY I 86 11.26 -4.33 -13.55
C GLY I 86 12.11 -3.08 -13.65
N TRP I 87 13.30 -3.21 -14.23
CA TRP I 87 14.11 -2.03 -14.53
C TRP I 87 13.32 -1.05 -15.38
N LEU I 88 12.64 -1.56 -16.40
CA LEU I 88 11.88 -0.70 -17.30
C LEU I 88 10.74 -0.01 -16.59
N ILE I 89 9.99 -0.75 -15.77
CA ILE I 89 8.85 -0.17 -15.06
C ILE I 89 9.32 0.90 -14.07
N ARG I 90 10.36 0.61 -13.30
CA ARG I 90 10.83 1.58 -12.31
C ARG I 90 11.43 2.82 -12.98
N SER I 91 12.22 2.62 -14.03
CA SER I 91 12.83 3.76 -14.71
C SER I 91 11.75 4.60 -15.40
N ILE I 92 10.73 3.96 -15.97
CA ILE I 92 9.62 4.69 -16.55
C ILE I 92 8.89 5.48 -15.48
N HIS I 93 8.71 4.90 -14.29
CA HIS I 93 8.06 5.61 -13.21
C HIS I 93 8.85 6.87 -12.82
N ARG I 94 10.16 6.73 -12.65
CA ARG I 94 10.99 7.88 -12.31
C ARG I 94 10.93 8.96 -13.40
N TRP I 95 11.16 8.55 -14.65
CA TRP I 95 11.22 9.51 -15.74
C TRP I 95 9.88 10.17 -15.98
N SER I 96 8.78 9.42 -15.83
CA SER I 96 7.46 9.98 -16.00
C SER I 96 7.03 10.84 -14.82
N ALA I 97 7.57 10.60 -13.62
CA ALA I 97 7.39 11.57 -12.54
C ALA I 97 8.02 12.90 -12.90
N SER I 98 9.29 12.85 -13.34
CA SER I 98 9.97 14.08 -13.72
C SER I 98 9.25 14.77 -14.88
N MET I 99 8.80 14.00 -15.86
CA MET I 99 8.11 14.58 -17.01
C MET I 99 6.72 15.08 -16.65
N MET I 100 6.05 14.44 -15.68
CA MET I 100 4.81 15.01 -15.16
C MET I 100 5.03 16.38 -14.58
N VAL I 101 6.06 16.54 -13.74
CA VAL I 101 6.30 17.84 -13.14
C VAL I 101 6.67 18.86 -14.21
N LEU I 102 7.49 18.45 -15.19
CA LEU I 102 7.89 19.37 -16.26
C LEU I 102 6.70 19.78 -17.12
N MET I 103 5.87 18.82 -17.52
CA MET I 103 4.70 19.13 -18.33
C MET I 103 3.73 20.02 -17.57
N MET I 104 3.57 19.79 -16.26
CA MET I 104 2.73 20.66 -15.45
C MET I 104 3.29 22.07 -15.37
N ILE I 105 4.61 22.21 -15.27
CA ILE I 105 5.21 23.55 -15.23
C ILE I 105 4.96 24.26 -16.56
N LEU I 106 5.17 23.56 -17.68
CA LEU I 106 4.89 24.15 -18.98
C LEU I 106 3.41 24.48 -19.15
N HIS I 107 2.53 23.67 -18.56
CA HIS I 107 1.10 23.94 -18.58
C HIS I 107 0.78 25.20 -17.81
N VAL I 108 1.41 25.40 -16.65
CA VAL I 108 1.23 26.65 -15.91
C VAL I 108 1.71 27.83 -16.75
N PHE I 109 2.85 27.66 -17.44
CA PHE I 109 3.36 28.73 -18.28
C PHE I 109 2.37 29.08 -19.38
N ARG I 110 1.81 28.05 -20.04
CA ARG I 110 0.81 28.27 -21.08
C ARG I 110 -0.41 28.99 -20.51
N VAL I 111 -0.93 28.50 -19.39
CA VAL I 111 -2.15 29.07 -18.82
C VAL I 111 -1.95 30.51 -18.42
N TYR I 112 -0.82 30.83 -17.79
CA TYR I 112 -0.55 32.21 -17.43
C TYR I 112 -0.34 33.09 -18.66
N LEU I 113 0.29 32.55 -19.70
CA LEU I 113 0.63 33.35 -20.87
C LEU I 113 -0.48 33.38 -21.92
N THR I 114 -1.62 32.73 -21.67
CA THR I 114 -2.79 32.85 -22.53
C THR I 114 -4.00 33.39 -21.78
N GLY I 115 -3.82 33.81 -20.54
CA GLY I 115 -4.93 34.32 -19.75
C GLY I 115 -5.99 33.27 -19.52
N GLY I 116 -5.57 32.01 -19.40
CA GLY I 116 -6.52 30.93 -19.18
C GLY I 116 -7.04 30.84 -17.77
N PHE I 117 -6.48 31.64 -16.85
CA PHE I 117 -6.90 31.64 -15.46
C PHE I 117 -7.89 32.74 -15.14
N LYS I 118 -8.00 33.75 -15.99
CA LYS I 118 -8.83 34.91 -15.69
C LYS I 118 -10.30 34.52 -15.64
N LYS I 119 -11.13 35.50 -15.29
CA LYS I 119 -12.57 35.25 -15.19
C LYS I 119 -13.09 34.73 -16.52
N PRO I 120 -13.89 33.64 -16.52
CA PRO I 120 -14.39 32.93 -15.34
C PRO I 120 -13.63 31.65 -14.96
N ARG I 121 -12.30 31.63 -15.08
CA ARG I 121 -11.53 30.42 -14.84
C ARG I 121 -10.71 30.47 -13.56
N GLU I 122 -11.14 31.27 -12.56
CA GLU I 122 -10.37 31.37 -11.32
C GLU I 122 -10.35 30.04 -10.57
N LEU I 123 -11.50 29.37 -10.49
CA LEU I 123 -11.57 28.09 -9.77
C LEU I 123 -10.73 27.04 -10.47
N THR I 124 -10.67 27.07 -11.80
CA THR I 124 -9.84 26.13 -12.53
C THR I 124 -8.37 26.32 -12.15
N TRP I 125 -7.92 27.56 -12.06
CA TRP I 125 -6.53 27.82 -11.65
C TRP I 125 -6.28 27.42 -10.21
N VAL I 126 -7.24 27.65 -9.31
CA VAL I 126 -7.05 27.28 -7.91
C VAL I 126 -6.93 25.76 -7.78
N VAL I 127 -7.82 25.03 -8.43
CA VAL I 127 -7.75 23.57 -8.39
C VAL I 127 -6.50 23.08 -9.10
N GLY I 128 -6.02 23.82 -10.11
CA GLY I 128 -4.74 23.48 -10.71
C GLY I 128 -3.59 23.62 -9.75
N VAL I 129 -3.56 24.70 -8.97
CA VAL I 129 -2.50 24.87 -7.99
C VAL I 129 -2.56 23.77 -6.94
N MET I 130 -3.78 23.39 -6.53
CA MET I 130 -3.90 22.25 -5.62
C MET I 130 -3.40 20.96 -6.25
N LEU I 131 -3.67 20.77 -7.55
CA LEU I 131 -3.12 19.62 -8.27
C LEU I 131 -1.60 19.64 -8.26
N ALA I 132 -1.01 20.83 -8.43
CA ALA I 132 0.44 20.96 -8.41
C ALA I 132 1.00 20.61 -7.04
N VAL I 133 0.35 21.05 -5.98
CA VAL I 133 0.79 20.68 -4.63
C VAL I 133 0.68 19.18 -4.43
N THR I 134 -0.39 18.57 -4.95
CA THR I 134 -0.54 17.12 -4.84
C THR I 134 0.57 16.38 -5.61
N THR I 135 0.94 16.89 -6.78
CA THR I 135 2.01 16.27 -7.55
C THR I 135 3.36 16.39 -6.83
N VAL I 136 3.62 17.56 -6.25
CA VAL I 136 4.85 17.73 -5.47
C VAL I 136 4.85 16.78 -4.28
N THR I 137 3.68 16.59 -3.65
CA THR I 137 3.60 15.63 -2.55
C THR I 137 3.84 14.21 -3.03
N PHE I 138 3.33 13.85 -4.20
CA PHE I 138 3.68 12.57 -4.82
C PHE I 138 5.18 12.41 -4.90
N GLY I 139 5.86 13.40 -5.46
CA GLY I 139 7.31 13.29 -5.63
C GLY I 139 8.04 13.19 -4.30
N VAL I 140 7.62 13.99 -3.31
CA VAL I 140 8.28 13.98 -2.01
C VAL I 140 8.10 12.63 -1.33
N THR I 141 6.87 12.11 -1.32
CA THR I 141 6.61 10.84 -0.64
C THR I 141 7.18 9.66 -1.40
N GLY I 142 7.38 9.77 -2.71
CA GLY I 142 7.95 8.68 -3.46
C GLY I 142 9.46 8.70 -3.47
N TYR I 143 10.05 9.86 -3.18
CA TYR I 143 11.50 9.96 -3.14
C TYR I 143 12.10 9.13 -2.01
N SER I 144 11.37 8.95 -0.90
CA SER I 144 11.88 8.22 0.24
C SER I 144 11.48 6.75 0.25
N LEU I 145 10.59 6.32 -0.65
CA LEU I 145 10.14 4.93 -0.68
C LEU I 145 11.28 3.93 -0.93
N PRO I 146 12.22 4.19 -1.85
CA PRO I 146 13.34 3.26 -2.01
C PRO I 146 14.17 3.07 -0.75
N TRP I 147 14.10 4.02 0.18
CA TRP I 147 14.85 3.97 1.43
C TRP I 147 16.34 3.81 1.17
N ASP I 148 16.79 4.40 0.06
CA ASP I 148 18.22 4.55 -0.17
C ASP I 148 18.70 5.71 0.69
N GLN I 149 19.98 6.03 0.60
CA GLN I 149 20.53 7.06 1.48
C GLN I 149 20.11 8.46 1.06
N VAL I 150 20.06 8.75 -0.25
CA VAL I 150 19.62 10.06 -0.70
C VAL I 150 18.15 10.30 -0.33
N GLY I 151 17.29 9.31 -0.57
CA GLY I 151 15.88 9.49 -0.25
C GLY I 151 15.63 9.59 1.24
N TYR I 152 16.31 8.75 2.02
CA TYR I 152 16.17 8.80 3.47
C TYR I 152 16.62 10.15 4.02
N TRP I 153 17.72 10.68 3.51
CA TRP I 153 18.16 11.97 4.04
C TRP I 153 17.32 13.13 3.52
N ALA I 154 16.79 13.03 2.30
CA ALA I 154 15.87 14.05 1.82
C ALA I 154 14.62 14.10 2.69
N VAL I 155 14.05 12.94 3.04
CA VAL I 155 12.87 12.94 3.89
C VAL I 155 13.23 13.39 5.31
N LYS I 156 14.40 13.01 5.81
CA LYS I 156 14.79 13.45 7.15
C LYS I 156 15.02 14.95 7.22
N ILE I 157 15.40 15.56 6.10
CA ILE I 157 15.58 17.02 6.07
C ILE I 157 14.23 17.71 5.93
N VAL I 158 13.40 17.28 4.97
CA VAL I 158 12.14 17.97 4.73
C VAL I 158 11.13 17.74 5.85
N SER I 159 11.25 16.64 6.60
CA SER I 159 10.33 16.37 7.68
C SER I 159 10.63 17.16 8.94
N GLY I 160 11.90 17.52 9.16
CA GLY I 160 12.28 18.33 10.30
C GLY I 160 12.15 19.82 10.09
N VAL I 161 11.73 20.25 8.90
CA VAL I 161 11.52 21.66 8.61
C VAL I 161 10.45 22.27 9.52
N PRO I 162 9.29 21.63 9.72
CA PRO I 162 8.28 22.23 10.61
C PRO I 162 8.74 22.45 12.03
N ALA I 163 9.92 21.98 12.42
CA ALA I 163 10.40 22.18 13.79
C ALA I 163 10.73 23.64 14.09
N ALA I 164 10.57 24.53 13.13
CA ALA I 164 10.79 25.96 13.34
C ALA I 164 9.55 26.70 13.80
N ILE I 165 8.37 26.17 13.52
CA ILE I 165 7.13 26.79 14.00
C ILE I 165 7.12 26.75 15.53
N PRO I 166 6.87 27.87 16.21
CA PRO I 166 7.10 27.93 17.66
C PRO I 166 6.34 26.92 18.49
N VAL I 167 5.02 26.87 18.36
CA VAL I 167 4.17 26.08 19.24
C VAL I 167 3.88 24.70 18.66
N VAL I 168 3.33 24.64 17.46
CA VAL I 168 2.83 23.37 16.91
C VAL I 168 3.91 22.69 16.07
N GLY I 169 5.15 23.17 16.16
CA GLY I 169 6.23 22.62 15.38
C GLY I 169 6.52 21.16 15.66
N ASP I 170 6.65 20.80 16.95
CA ASP I 170 6.95 19.42 17.31
C ASP I 170 5.82 18.48 16.91
N GLN I 171 4.58 18.90 17.11
CA GLN I 171 3.44 18.07 16.74
C GLN I 171 3.38 17.86 15.23
N LEU I 172 3.68 18.92 14.45
CA LEU I 172 3.71 18.77 13.00
C LEU I 172 4.82 17.84 12.55
N VAL I 173 6.00 17.96 13.16
CA VAL I 173 7.11 17.08 12.80
C VAL I 173 6.74 15.63 13.09
N THR I 174 6.15 15.39 14.26
CA THR I 174 5.73 14.04 14.62
C THR I 174 4.66 13.52 13.67
N LEU I 175 3.73 14.39 13.26
CA LEU I 175 2.67 13.97 12.36
C LEU I 175 3.22 13.57 10.99
N MET I 176 4.14 14.37 10.43
CA MET I 176 4.72 14.01 9.15
C MET I 176 5.63 12.80 9.24
N ARG I 177 6.33 12.62 10.37
CA ARG I 177 7.22 11.49 10.52
C ARG I 177 6.53 10.25 11.06
N GLY I 178 5.37 10.39 11.68
CA GLY I 178 4.72 9.27 12.32
C GLY I 178 5.39 8.80 13.59
N SER I 179 6.46 9.45 14.01
CA SER I 179 7.19 9.12 15.23
C SER I 179 8.08 10.31 15.57
N GLU I 180 8.99 10.12 16.52
CA GLU I 180 9.94 11.18 16.85
C GLU I 180 10.95 11.39 15.72
N SER I 181 11.43 10.30 15.13
CA SER I 181 12.44 10.35 14.09
C SER I 181 11.99 9.55 12.87
N VAL I 182 12.71 9.74 11.77
CA VAL I 182 12.41 9.07 10.51
C VAL I 182 12.77 7.60 10.65
N GLY I 183 11.76 6.74 10.71
CA GLY I 183 11.99 5.31 10.81
C GLY I 183 11.00 4.50 10.01
N GLN I 184 10.44 3.45 10.60
CA GLN I 184 9.43 2.63 9.93
C GLN I 184 8.08 3.31 9.84
N ALA I 185 7.70 4.07 10.87
CA ALA I 185 6.43 4.79 10.82
C ALA I 185 6.41 5.79 9.68
N THR I 186 7.52 6.49 9.47
CA THR I 186 7.61 7.43 8.36
C THR I 186 7.45 6.72 7.02
N LEU I 187 8.12 5.57 6.85
CA LEU I 187 8.00 4.82 5.60
C LEU I 187 6.57 4.33 5.38
N THR I 188 5.91 3.83 6.43
CA THR I 188 4.54 3.36 6.28
C THR I 188 3.60 4.50 5.91
N ARG I 189 3.70 5.64 6.60
CA ARG I 189 2.85 6.77 6.29
C ARG I 189 3.12 7.31 4.89
N PHE I 190 4.39 7.36 4.48
CA PHE I 190 4.71 7.88 3.17
C PHE I 190 4.27 6.93 2.06
N TYR I 191 4.36 5.61 2.29
CA TYR I 191 3.83 4.67 1.33
C TYR I 191 2.32 4.80 1.21
N SER I 192 1.63 4.97 2.33
CA SER I 192 0.18 5.16 2.29
C SER I 192 -0.17 6.44 1.54
N LEU I 193 0.59 7.51 1.77
CA LEU I 193 0.36 8.75 1.04
C LEU I 193 0.59 8.57 -0.45
N HIS I 194 1.70 7.95 -0.82
CA HIS I 194 2.08 7.82 -2.23
C HIS I 194 1.12 6.90 -2.99
N THR I 195 0.67 5.82 -2.37
CA THR I 195 -0.12 4.83 -3.10
C THR I 195 -1.63 4.92 -2.87
N PHE I 196 -2.07 5.46 -1.73
CA PHE I 196 -3.50 5.55 -1.45
C PHE I 196 -3.98 7.00 -1.34
N VAL I 197 -3.39 7.80 -0.46
CA VAL I 197 -3.94 9.12 -0.16
C VAL I 197 -3.89 9.99 -1.41
N LEU I 198 -2.72 10.10 -2.00
CA LEU I 198 -2.47 11.07 -3.07
C LEU I 198 -3.10 10.63 -4.38
N PRO I 199 -3.11 9.34 -4.75
CA PRO I 199 -3.87 8.96 -5.94
C PRO I 199 -5.34 9.38 -5.88
N TRP I 200 -6.00 9.18 -4.74
CA TRP I 200 -7.40 9.57 -4.63
C TRP I 200 -7.55 11.08 -4.57
N ALA I 201 -6.66 11.77 -3.85
CA ALA I 201 -6.73 13.23 -3.80
C ALA I 201 -6.56 13.84 -5.18
N ILE I 202 -5.55 13.36 -5.92
CA ILE I 202 -5.30 13.90 -7.25
C ILE I 202 -6.39 13.48 -8.22
N ALA I 203 -7.02 12.33 -8.01
CA ALA I 203 -8.15 11.95 -8.85
C ALA I 203 -9.33 12.89 -8.63
N VAL I 204 -9.63 13.23 -7.37
CA VAL I 204 -10.70 14.17 -7.10
C VAL I 204 -10.38 15.55 -7.69
N LEU I 205 -9.14 16.01 -7.50
CA LEU I 205 -8.76 17.30 -8.04
C LEU I 205 -8.79 17.31 -9.57
N LEU I 206 -8.37 16.22 -10.20
CA LEU I 206 -8.43 16.11 -11.66
C LEU I 206 -9.87 16.10 -12.14
N LEU I 207 -10.75 15.41 -11.41
CA LEU I 207 -12.16 15.43 -11.78
C LEU I 207 -12.72 16.84 -11.73
N LEU I 208 -12.42 17.58 -10.66
CA LEU I 208 -12.87 18.96 -10.56
C LEU I 208 -12.30 19.81 -11.69
N HIS I 209 -11.01 19.65 -11.95
CA HIS I 209 -10.32 20.43 -12.98
C HIS I 209 -10.94 20.19 -14.35
N PHE I 210 -11.09 18.92 -14.72
CA PHE I 210 -11.64 18.58 -16.03
C PHE I 210 -13.11 18.94 -16.14
N LEU I 211 -13.89 18.79 -15.06
CA LEU I 211 -15.29 19.19 -15.12
C LEU I 211 -15.43 20.69 -15.34
N MET I 212 -14.62 21.49 -14.65
CA MET I 212 -14.68 22.93 -14.85
C MET I 212 -14.25 23.30 -16.27
N ILE I 213 -13.20 22.66 -16.79
CA ILE I 213 -12.77 22.93 -18.16
C ILE I 213 -13.88 22.57 -19.15
N ARG I 214 -14.51 21.43 -18.96
CA ARG I 214 -15.59 20.99 -19.85
C ARG I 214 -16.77 21.96 -19.79
N LYS I 215 -17.13 22.41 -18.59
CA LYS I 215 -18.26 23.32 -18.45
C LYS I 215 -17.98 24.67 -19.09
N GLN I 216 -16.81 25.24 -18.81
CA GLN I 216 -16.48 26.58 -19.29
C GLN I 216 -15.76 26.59 -20.62
N GLY I 217 -15.40 25.43 -21.16
CA GLY I 217 -14.69 25.38 -22.43
C GLY I 217 -13.28 25.90 -22.31
N ILE I 218 -12.59 26.03 -23.44
CA ILE I 218 -11.24 26.58 -23.46
C ILE I 218 -11.34 28.09 -23.45
N SER I 219 -10.24 28.77 -23.09
CA SER I 219 -10.25 30.22 -23.03
C SER I 219 -10.26 30.80 -24.44
N GLY I 220 -10.54 32.10 -24.51
CA GLY I 220 -10.65 32.78 -25.78
C GLY I 220 -9.30 33.08 -26.40
N PRO I 221 -9.33 33.61 -27.61
CA PRO I 221 -8.10 33.98 -28.31
C PRO I 221 -7.43 35.18 -27.65
N LEU I 222 -6.14 35.31 -27.92
CA LEU I 222 -5.34 36.39 -27.33
C LEU I 222 -5.43 37.65 -28.18
N SER J 2 -16.36 21.11 -44.55
CA SER J 2 -16.47 21.49 -43.15
C SER J 2 -15.14 21.28 -42.42
N ILE J 3 -14.22 22.21 -42.62
CA ILE J 3 -12.94 22.18 -41.89
C ILE J 3 -13.01 23.03 -40.63
N ILE J 4 -13.46 24.29 -40.77
CA ILE J 4 -13.56 25.21 -39.65
C ILE J 4 -14.96 25.80 -39.63
N LYS J 5 -15.60 25.77 -38.47
CA LYS J 5 -16.94 26.33 -38.30
C LYS J 5 -16.81 27.70 -37.66
N LYS J 6 -17.38 28.71 -38.31
CA LYS J 6 -17.36 30.07 -37.80
C LYS J 6 -18.31 30.20 -36.62
N PRO J 7 -18.01 31.09 -35.67
CA PRO J 7 -18.94 31.32 -34.57
C PRO J 7 -20.21 32.03 -35.04
N ASP J 8 -21.35 31.43 -34.76
CA ASP J 8 -22.64 31.98 -35.17
C ASP J 8 -23.04 33.06 -34.18
N LEU J 9 -22.64 34.29 -34.46
CA LEU J 9 -22.95 35.42 -33.58
C LEU J 9 -24.44 35.76 -33.57
N SER J 10 -25.22 35.21 -34.49
CA SER J 10 -26.66 35.41 -34.51
C SER J 10 -27.40 34.55 -33.51
N ASP J 11 -26.68 33.88 -32.61
CA ASP J 11 -27.27 33.05 -31.57
C ASP J 11 -27.17 33.74 -30.22
N PRO J 12 -28.30 34.08 -29.59
CA PRO J 12 -28.24 34.80 -28.31
C PRO J 12 -27.51 34.03 -27.22
N ASP J 13 -27.65 32.70 -27.19
CA ASP J 13 -26.96 31.92 -26.16
C ASP J 13 -25.46 31.92 -26.36
N LEU J 14 -25.01 31.71 -27.61
CA LEU J 14 -23.58 31.77 -27.90
C LEU J 14 -23.03 33.17 -27.65
N ARG J 15 -23.80 34.20 -27.99
CA ARG J 15 -23.36 35.57 -27.73
C ARG J 15 -23.22 35.82 -26.23
N ALA J 16 -24.18 35.35 -25.43
CA ALA J 16 -24.09 35.51 -23.98
C ALA J 16 -22.88 34.77 -23.43
N LYS J 17 -22.63 33.55 -23.90
CA LYS J 17 -21.47 32.80 -23.43
C LYS J 17 -20.17 33.50 -23.81
N LEU J 18 -20.08 34.02 -25.03
CA LEU J 18 -18.88 34.75 -25.46
C LEU J 18 -18.68 36.02 -24.65
N ALA J 19 -19.77 36.70 -24.29
CA ALA J 19 -19.66 37.86 -23.40
C ALA J 19 -19.16 37.43 -22.02
N LYS J 20 -19.63 36.29 -21.53
CA LYS J 20 -19.20 35.77 -20.24
C LYS J 20 -17.80 35.18 -20.27
N GLY J 21 -17.19 35.02 -21.45
CA GLY J 21 -15.88 34.47 -21.62
C GLY J 21 -15.86 33.03 -22.09
N MET J 22 -16.96 32.32 -21.96
CA MET J 22 -17.06 30.94 -22.40
C MET J 22 -17.55 30.89 -23.84
N GLY J 23 -17.97 29.71 -24.29
CA GLY J 23 -18.51 29.58 -25.62
C GLY J 23 -17.48 29.46 -26.72
N HIS J 24 -16.20 29.34 -26.37
CA HIS J 24 -15.15 29.19 -27.36
C HIS J 24 -14.96 27.74 -27.80
N ASN J 25 -15.70 26.81 -27.22
CA ASN J 25 -15.74 25.43 -27.67
C ASN J 25 -16.94 25.16 -28.58
N TYR J 26 -17.44 26.20 -29.25
CA TYR J 26 -18.58 26.07 -30.15
C TYR J 26 -18.24 26.49 -31.58
N TYR J 27 -16.97 26.69 -31.90
CA TYR J 27 -16.56 27.03 -33.25
C TYR J 27 -15.15 26.51 -33.49
N GLY J 28 -14.78 26.46 -34.76
CA GLY J 28 -13.52 25.88 -35.16
C GLY J 28 -13.68 24.46 -35.67
N GLU J 29 -12.56 23.74 -35.68
CA GLU J 29 -12.58 22.35 -36.09
C GLU J 29 -13.32 21.51 -35.05
N PRO J 30 -14.03 20.46 -35.48
CA PRO J 30 -14.72 19.60 -34.51
C PRO J 30 -13.73 18.87 -33.61
N ALA J 31 -14.07 18.80 -32.33
CA ALA J 31 -13.20 18.14 -31.37
C ALA J 31 -13.09 16.65 -31.66
N TRP J 32 -14.22 16.00 -31.95
CA TRP J 32 -14.24 14.59 -32.28
C TRP J 32 -14.70 14.40 -33.71
N PRO J 33 -14.02 13.55 -34.51
CA PRO J 33 -12.83 12.79 -34.12
C PRO J 33 -11.51 13.47 -34.46
N ASN J 34 -11.58 14.72 -34.94
CA ASN J 34 -10.40 15.36 -35.52
C ASN J 34 -9.26 15.49 -34.50
N ASP J 35 -9.58 15.94 -33.29
CA ASP J 35 -8.54 16.19 -32.30
C ASP J 35 -8.47 15.08 -31.26
N ILE J 36 -9.59 14.77 -30.61
CA ILE J 36 -9.57 13.82 -29.50
C ILE J 36 -9.22 12.40 -29.95
N LEU J 37 -9.60 12.00 -31.15
CA LEU J 37 -9.38 10.63 -31.61
C LEU J 37 -8.12 10.46 -32.43
N TYR J 38 -7.63 11.50 -33.09
CA TYR J 38 -6.48 11.38 -33.98
C TYR J 38 -5.27 12.20 -33.55
N MET J 39 -5.46 13.30 -32.84
CA MET J 39 -4.34 14.11 -32.36
C MET J 39 -3.94 13.77 -30.92
N PHE J 40 -4.91 13.45 -30.06
CA PHE J 40 -4.57 13.06 -28.70
C PHE J 40 -3.71 11.80 -28.67
N PRO J 41 -4.04 10.72 -29.38
CA PRO J 41 -3.15 9.54 -29.35
C PRO J 41 -1.77 9.80 -29.89
N ILE J 42 -1.60 10.78 -30.78
CA ILE J 42 -0.25 11.12 -31.26
C ILE J 42 0.59 11.62 -30.09
N CYS J 43 0.04 12.53 -29.29
CA CYS J 43 0.77 13.03 -28.14
C CYS J 43 0.95 11.96 -27.08
N ILE J 44 -0.06 11.09 -26.91
CA ILE J 44 0.06 9.99 -25.94
C ILE J 44 1.22 9.08 -26.33
N LEU J 45 1.27 8.68 -27.60
CA LEU J 45 2.34 7.80 -28.06
C LEU J 45 3.69 8.49 -28.05
N GLY J 46 3.73 9.78 -28.35
CA GLY J 46 4.99 10.51 -28.23
C GLY J 46 5.51 10.53 -26.81
N ALA J 47 4.62 10.81 -25.85
CA ALA J 47 5.04 10.80 -24.44
C ALA J 47 5.47 9.42 -24.01
N LEU J 48 4.73 8.38 -24.41
CA LEU J 48 5.11 7.01 -24.06
C LEU J 48 6.47 6.65 -24.62
N GLY J 49 6.71 6.95 -25.90
CA GLY J 49 7.99 6.63 -26.50
C GLY J 49 9.14 7.41 -25.87
N LEU J 50 8.94 8.70 -25.63
CA LEU J 50 10.00 9.50 -25.01
C LEU J 50 10.33 8.99 -23.61
N ILE J 51 9.30 8.70 -22.80
CA ILE J 51 9.56 8.26 -21.43
C ILE J 51 10.18 6.86 -21.42
N ALA J 52 9.72 5.97 -22.29
CA ALA J 52 10.33 4.64 -22.37
C ALA J 52 11.78 4.72 -22.84
N GLY J 53 12.07 5.61 -23.80
CA GLY J 53 13.43 5.76 -24.26
C GLY J 53 14.33 6.35 -23.19
N LEU J 54 13.83 7.31 -22.43
CA LEU J 54 14.60 7.85 -21.31
C LEU J 54 14.83 6.79 -20.26
N ALA J 55 13.84 5.93 -20.02
CA ALA J 55 13.99 4.84 -19.07
C ALA J 55 15.05 3.84 -19.52
N ILE J 56 15.06 3.49 -20.81
CA ILE J 56 15.99 2.50 -21.33
C ILE J 56 17.41 3.07 -21.40
N LEU J 57 17.57 4.26 -21.97
CA LEU J 57 18.89 4.84 -22.15
C LEU J 57 19.48 5.38 -20.86
N ASP J 58 18.66 5.83 -19.93
CA ASP J 58 19.11 6.34 -18.63
C ASP J 58 18.30 5.68 -17.53
N PRO J 59 18.61 4.42 -17.22
CA PRO J 59 17.82 3.69 -16.22
C PRO J 59 17.99 4.28 -14.83
N ALA J 60 16.98 4.05 -14.00
CA ALA J 60 17.01 4.52 -12.62
C ALA J 60 18.10 3.79 -11.85
N MET J 61 18.71 4.50 -10.91
CA MET J 61 19.79 3.95 -10.08
C MET J 61 19.23 3.53 -8.72
N ILE J 62 19.72 2.38 -8.24
CA ILE J 62 19.23 1.84 -6.98
C ILE J 62 19.72 2.70 -5.81
N GLY J 63 21.02 2.98 -5.78
CA GLY J 63 21.62 3.81 -4.75
C GLY J 63 22.28 2.99 -3.65
N GLU J 64 22.54 3.67 -2.55
CA GLU J 64 23.15 3.08 -1.37
C GLU J 64 22.11 2.93 -0.27
N PRO J 65 22.08 1.81 0.45
CA PRO J 65 21.06 1.64 1.49
C PRO J 65 21.18 2.70 2.58
N ALA J 66 20.04 3.03 3.17
CA ALA J 66 19.97 4.13 4.12
C ALA J 66 20.87 3.90 5.32
N ASP J 67 21.60 4.93 5.71
CA ASP J 67 22.45 4.91 6.89
C ASP J 67 22.05 6.09 7.76
N PRO J 68 21.29 5.86 8.84
CA PRO J 68 20.88 6.98 9.71
C PRO J 68 22.05 7.66 10.42
N PHE J 69 23.24 7.07 10.37
CA PHE J 69 24.39 7.59 11.10
C PHE J 69 25.40 8.31 10.20
N ALA J 70 25.20 8.28 8.88
CA ALA J 70 26.13 8.88 7.94
C ALA J 70 25.37 9.77 6.97
N THR J 71 25.58 11.08 7.06
CA THR J 71 24.94 12.02 6.16
C THR J 71 25.76 12.14 4.88
N PRO J 72 25.13 12.07 3.69
CA PRO J 72 25.89 12.24 2.46
C PRO J 72 26.45 13.64 2.34
N LEU J 73 27.54 13.76 1.58
CA LEU J 73 28.12 15.07 1.31
C LEU J 73 27.15 15.96 0.55
N GLU J 74 26.44 15.39 -0.42
CA GLU J 74 25.43 16.12 -1.19
C GLU J 74 24.08 15.47 -0.95
N ILE J 75 23.12 16.25 -0.46
CA ILE J 75 21.73 15.83 -0.31
C ILE J 75 20.86 16.83 -1.06
N LEU J 76 19.95 16.31 -1.88
CA LEU J 76 19.15 17.16 -2.72
C LEU J 76 17.79 16.52 -2.99
N PRO J 77 16.71 17.29 -3.00
CA PRO J 77 15.42 16.74 -3.44
C PRO J 77 15.38 16.58 -4.94
N GLU J 78 14.22 16.29 -5.49
CA GLU J 78 14.10 16.27 -6.94
C GLU J 78 14.26 17.68 -7.50
N TRP J 79 14.42 17.76 -8.83
CA TRP J 79 14.85 19.01 -9.46
C TRP J 79 13.88 20.15 -9.19
N TYR J 80 12.58 19.89 -9.25
CA TYR J 80 11.59 20.94 -9.07
C TYR J 80 11.58 21.50 -7.65
N LEU J 81 12.13 20.78 -6.68
CA LEU J 81 12.27 21.28 -5.33
C LEU J 81 13.59 21.99 -5.10
N TYR J 82 14.40 22.13 -6.15
CA TYR J 82 15.68 22.84 -6.01
C TYR J 82 15.51 24.28 -5.53
N PRO J 83 14.60 25.10 -6.08
CA PRO J 83 14.48 26.46 -5.55
C PRO J 83 14.05 26.51 -4.09
N THR J 84 12.96 25.82 -3.73
CA THR J 84 12.50 25.84 -2.35
C THR J 84 13.58 25.33 -1.40
N PHE J 85 14.23 24.21 -1.75
CA PHE J 85 15.36 23.74 -0.97
C PHE J 85 16.40 24.83 -0.81
N GLN J 86 16.70 25.55 -1.89
CA GLN J 86 17.63 26.68 -1.78
C GLN J 86 17.12 27.71 -0.79
N ILE J 87 15.83 28.04 -0.87
CA ILE J 87 15.26 29.01 0.07
C ILE J 87 15.42 28.51 1.50
N LEU J 88 15.40 27.18 1.68
CA LEU J 88 15.54 26.63 3.02
C LEU J 88 16.96 26.82 3.57
N ARG J 89 17.96 26.83 2.68
CA ARG J 89 19.33 26.69 3.14
C ARG J 89 20.11 28.00 3.21
N ILE J 90 19.70 29.03 2.48
CA ILE J 90 20.35 30.34 2.62
C ILE J 90 19.60 31.30 3.54
N LEU J 91 18.30 31.11 3.74
CA LEU J 91 17.59 31.96 4.66
C LEU J 91 17.97 31.59 6.09
N PRO J 92 18.56 32.50 6.87
CA PRO J 92 19.00 32.11 8.21
C PRO J 92 17.84 31.81 9.15
N ASN J 93 16.76 32.58 9.08
CA ASN J 93 15.58 32.34 9.89
C ASN J 93 14.80 31.18 9.27
N LYS J 94 14.74 30.05 9.99
CA LYS J 94 14.02 28.89 9.47
C LYS J 94 12.54 29.20 9.29
N LEU J 95 11.97 30.04 10.15
CA LEU J 95 10.58 30.45 9.98
C LEU J 95 10.39 31.21 8.66
N LEU J 96 11.35 32.08 8.33
CA LEU J 96 11.27 32.78 7.05
C LEU J 96 11.42 31.82 5.87
N GLY J 97 12.26 30.79 6.03
CA GLY J 97 12.35 29.78 4.98
C GLY J 97 11.04 29.03 4.78
N ILE J 98 10.38 28.67 5.89
CA ILE J 98 9.08 28.01 5.79
C ILE J 98 8.06 28.94 5.13
N ALA J 99 8.08 30.22 5.49
CA ALA J 99 7.16 31.18 4.89
C ALA J 99 7.41 31.32 3.39
N GLY J 100 8.69 31.38 2.98
CA GLY J 100 9.00 31.47 1.57
C GLY J 100 8.63 30.21 0.81
N MET J 101 8.78 29.04 1.42
CA MET J 101 8.39 27.80 0.77
C MET J 101 6.87 27.67 0.67
N ALA J 102 6.14 28.19 1.65
CA ALA J 102 4.68 28.09 1.65
C ALA J 102 4.01 29.22 0.88
N ALA J 103 4.73 30.30 0.57
CA ALA J 103 4.14 31.42 -0.16
C ALA J 103 4.09 31.17 -1.66
N ILE J 104 4.66 30.08 -2.16
CA ILE J 104 4.58 29.77 -3.57
C ILE J 104 3.20 29.21 -3.91
N PRO J 105 2.71 28.16 -3.25
CA PRO J 105 1.34 27.71 -3.55
C PRO J 105 0.28 28.73 -3.17
N LEU J 106 0.46 29.45 -2.06
CA LEU J 106 -0.52 30.44 -1.64
C LEU J 106 -0.44 31.70 -2.49
N GLY J 107 0.75 32.06 -2.96
CA GLY J 107 0.87 33.19 -3.87
C GLY J 107 0.42 32.89 -5.27
N LEU J 108 0.49 31.62 -5.68
CA LEU J 108 0.05 31.25 -7.02
C LEU J 108 -1.47 31.20 -7.14
N MET J 109 -2.19 30.97 -6.03
CA MET J 109 -3.64 30.98 -6.07
C MET J 109 -4.22 32.38 -6.13
N LEU J 110 -3.43 33.40 -5.77
CA LEU J 110 -3.88 34.78 -5.83
C LEU J 110 -3.62 35.41 -7.20
N VAL J 111 -2.99 34.68 -8.12
CA VAL J 111 -2.75 35.21 -9.47
C VAL J 111 -4.05 35.54 -10.19
N PRO J 112 -5.06 34.67 -10.23
CA PRO J 112 -6.31 35.05 -10.93
C PRO J 112 -7.09 36.16 -10.25
N PHE J 113 -6.78 36.47 -8.98
CA PHE J 113 -7.45 37.54 -8.26
C PHE J 113 -6.67 38.83 -8.22
N ILE J 114 -5.33 38.75 -8.13
CA ILE J 114 -4.51 39.95 -8.25
C ILE J 114 -4.64 40.55 -9.64
N GLU J 115 -4.60 39.69 -10.67
CA GLU J 115 -4.68 40.13 -12.06
C GLU J 115 -6.11 40.18 -12.58
N SER J 116 -7.09 40.31 -11.69
CA SER J 116 -8.49 40.46 -12.06
C SER J 116 -8.85 41.89 -12.40
N VAL J 117 -7.85 42.77 -12.57
CA VAL J 117 -8.13 44.17 -12.85
C VAL J 117 -8.50 44.40 -14.31
N ASN J 118 -7.95 43.61 -15.23
CA ASN J 118 -8.23 43.76 -16.65
C ASN J 118 -8.48 42.40 -17.28
N LYS J 119 -9.30 42.38 -18.32
CA LYS J 119 -9.67 41.16 -19.01
C LYS J 119 -8.74 40.84 -20.19
N PHE J 120 -7.53 41.41 -20.20
CA PHE J 120 -6.60 41.20 -21.30
C PHE J 120 -5.92 39.85 -21.14
N GLN J 121 -6.05 38.99 -22.15
CA GLN J 121 -5.41 37.69 -22.14
C GLN J 121 -4.07 37.68 -22.84
N ASN J 122 -3.84 38.59 -23.77
CA ASN J 122 -2.57 38.64 -24.49
C ASN J 122 -1.49 39.20 -23.59
N PRO J 123 -0.35 38.53 -23.46
CA PRO J 123 0.74 39.06 -22.62
C PRO J 123 1.19 40.45 -23.02
N PHE J 124 1.19 40.78 -24.30
CA PHE J 124 1.65 42.09 -24.74
C PHE J 124 0.70 43.22 -24.34
N ARG J 125 -0.50 42.90 -23.88
CA ARG J 125 -1.43 43.90 -23.36
C ARG J 125 -1.40 43.98 -21.84
N ARG J 126 -0.60 43.15 -21.18
CA ARG J 126 -0.43 43.20 -19.73
C ARG J 126 1.07 43.16 -19.43
N PRO J 127 1.76 44.31 -19.54
CA PRO J 127 3.22 44.30 -19.38
C PRO J 127 3.68 44.08 -17.95
N ILE J 128 2.94 44.59 -16.95
CA ILE J 128 3.35 44.40 -15.57
C ILE J 128 3.31 42.92 -15.19
N ALA J 129 2.25 42.22 -15.61
CA ALA J 129 2.16 40.79 -15.35
C ALA J 129 3.30 40.03 -16.01
N MET J 130 3.66 40.42 -17.23
CA MET J 130 4.75 39.74 -17.92
C MET J 130 6.09 40.01 -17.24
N THR J 131 6.32 41.24 -16.78
CA THR J 131 7.56 41.52 -16.07
C THR J 131 7.64 40.72 -14.78
N VAL J 132 6.52 40.65 -14.03
CA VAL J 132 6.51 39.87 -12.79
C VAL J 132 6.75 38.40 -13.09
N PHE J 133 6.11 37.86 -14.13
CA PHE J 133 6.30 36.45 -14.46
C PHE J 133 7.72 36.15 -14.90
N LEU J 134 8.30 37.04 -15.71
CA LEU J 134 9.68 36.82 -16.14
C LEU J 134 10.65 36.90 -14.97
N PHE J 135 10.44 37.86 -14.06
CA PHE J 135 11.25 37.92 -12.87
C PHE J 135 11.11 36.66 -12.03
N GLY J 136 9.88 36.15 -11.91
CA GLY J 136 9.66 34.93 -11.14
C GLY J 136 10.32 33.72 -11.76
N THR J 137 10.23 33.58 -13.08
CA THR J 137 10.90 32.48 -13.77
C THR J 137 12.40 32.58 -13.60
N ALA J 138 12.96 33.78 -13.76
CA ALA J 138 14.40 33.96 -13.59
C ALA J 138 14.84 33.64 -12.17
N ALA J 139 14.05 34.09 -11.18
CA ALA J 139 14.41 33.82 -9.79
C ALA J 139 14.32 32.33 -9.47
N ALA J 140 13.28 31.66 -9.95
CA ALA J 140 13.15 30.23 -9.71
C ALA J 140 14.29 29.45 -10.36
N LEU J 141 14.63 29.80 -11.61
CA LEU J 141 15.75 29.13 -12.27
C LEU J 141 17.07 29.41 -11.57
N TRP J 142 17.28 30.65 -11.12
CA TRP J 142 18.51 31.00 -10.40
C TRP J 142 18.63 30.26 -9.08
N LEU J 143 17.53 30.15 -8.32
CA LEU J 143 17.56 29.36 -7.09
C LEU J 143 17.77 27.87 -7.37
N GLY J 144 17.14 27.34 -8.41
CA GLY J 144 17.35 25.94 -8.75
C GLY J 144 18.78 25.66 -9.16
N ALA J 145 19.38 26.57 -9.93
CA ALA J 145 20.78 26.43 -10.28
C ALA J 145 21.68 26.53 -9.06
N GLY J 146 21.39 27.46 -8.15
CA GLY J 146 22.20 27.59 -6.96
C GLY J 146 22.09 26.40 -6.01
N ALA J 147 20.96 25.71 -6.04
CA ALA J 147 20.78 24.54 -5.19
C ALA J 147 21.80 23.45 -5.47
N THR J 148 22.43 23.46 -6.65
CA THR J 148 23.48 22.51 -7.01
C THR J 148 24.87 23.11 -6.82
N PHE J 149 25.04 23.97 -5.84
CA PHE J 149 26.30 24.64 -5.57
C PHE J 149 26.56 24.60 -4.06
N PRO J 150 27.81 24.77 -3.66
CA PRO J 150 28.09 24.98 -2.23
C PRO J 150 27.39 26.22 -1.73
N ILE J 151 26.98 26.19 -0.46
CA ILE J 151 26.11 27.21 0.12
C ILE J 151 26.76 28.60 0.01
N ASP J 152 28.09 28.64 -0.06
CA ASP J 152 28.77 29.91 -0.22
C ASP J 152 28.61 30.47 -1.63
N LYS J 153 28.67 29.61 -2.65
CA LYS J 153 28.55 30.02 -4.03
C LYS J 153 27.14 29.95 -4.58
N SER J 154 26.17 29.55 -3.76
CA SER J 154 24.80 29.37 -4.25
C SER J 154 24.15 30.67 -4.68
N LEU J 155 24.68 31.82 -4.25
CA LEU J 155 24.06 33.10 -4.59
C LEU J 155 24.51 33.59 -5.96
N THR J 156 25.81 33.71 -6.17
CA THR J 156 26.35 34.26 -7.42
C THR J 156 26.61 33.21 -8.48
N LEU J 157 26.49 31.92 -8.15
CA LEU J 157 26.69 30.81 -9.07
C LEU J 157 28.12 30.71 -9.60
N GLY J 158 29.04 31.53 -9.08
CA GLY J 158 30.41 31.52 -9.56
C GLY J 158 30.96 32.90 -9.81
N LEU J 159 30.09 33.84 -10.23
CA LEU J 159 30.45 35.24 -10.46
C LEU J 159 31.56 35.34 -11.51
N PHE J 160 31.20 34.92 -12.72
CA PHE J 160 32.08 34.98 -13.89
C PHE J 160 33.36 34.16 -13.71
N TYR K 1 49.83 9.06 0.41
CA TYR K 1 49.87 8.20 -0.76
C TYR K 1 48.71 7.22 -0.76
N PRO K 2 48.36 6.68 -1.93
CA PRO K 2 47.26 5.71 -1.98
C PRO K 2 47.45 4.51 -1.06
N PHE K 3 48.68 4.00 -0.91
CA PHE K 3 48.87 2.87 -0.02
C PHE K 3 48.67 3.25 1.44
N TRP K 4 48.83 4.53 1.79
CA TRP K 4 48.46 4.96 3.13
C TRP K 4 46.95 4.92 3.33
N ALA K 5 46.18 5.15 2.26
CA ALA K 5 44.74 4.91 2.34
C ALA K 5 44.43 3.43 2.42
N GLN K 6 45.22 2.59 1.74
CA GLN K 6 45.09 1.14 1.90
C GLN K 6 45.37 0.70 3.33
N GLU K 7 46.34 1.31 4.00
CA GLU K 7 46.70 0.96 5.36
C GLU K 7 45.76 1.53 6.41
N THR K 8 45.23 2.74 6.19
CA THR K 8 44.35 3.37 7.17
C THR K 8 42.93 2.85 7.06
N ALA K 9 42.42 2.72 5.83
CA ALA K 9 41.07 2.22 5.56
C ALA K 9 41.19 1.07 4.58
N PRO K 10 41.48 -0.15 5.06
CA PRO K 10 41.78 -1.26 4.15
C PRO K 10 40.57 -1.89 3.49
N LEU K 11 39.35 -1.56 3.92
CA LEU K 11 38.17 -2.20 3.34
C LEU K 11 37.63 -1.44 2.14
N THR K 12 37.60 -0.11 2.22
CA THR K 12 37.12 0.72 1.13
C THR K 12 37.61 2.15 1.33
N PRO K 13 37.94 2.88 0.26
CA PRO K 13 38.39 4.26 0.42
C PRO K 13 37.25 5.24 0.69
N ARG K 14 36.00 4.84 0.46
CA ARG K 14 34.84 5.71 0.62
C ARG K 14 34.10 5.30 1.88
N GLU K 15 33.95 6.25 2.80
CA GLU K 15 33.23 5.98 4.03
C GLU K 15 31.73 5.91 3.76
N ALA K 16 30.97 5.56 4.80
CA ALA K 16 29.52 5.45 4.66
C ALA K 16 28.88 6.80 4.34
N THR K 17 29.57 7.90 4.62
CA THR K 17 29.05 9.23 4.31
C THR K 17 29.35 9.67 2.88
N GLY K 18 30.01 8.82 2.09
CA GLY K 18 30.36 9.16 0.73
C GLY K 18 31.67 9.90 0.58
N ARG K 19 32.38 10.14 1.68
CA ARG K 19 33.63 10.89 1.64
C ARG K 19 34.81 9.94 1.56
N ILE K 20 35.73 10.21 0.62
CA ILE K 20 36.91 9.38 0.48
C ILE K 20 37.84 9.63 1.67
N VAL K 21 38.53 8.58 2.11
CA VAL K 21 39.35 8.63 3.31
C VAL K 21 40.60 9.46 3.07
N CYS K 22 40.83 9.87 1.82
CA CYS K 22 41.96 10.73 1.49
C CYS K 22 41.82 12.12 2.08
N ALA K 23 40.59 12.53 2.43
CA ALA K 23 40.36 13.84 3.01
C ALA K 23 40.72 13.90 4.49
N ASN K 24 40.97 12.76 5.13
CA ASN K 24 41.38 12.76 6.53
C ASN K 24 42.74 13.44 6.71
N CYS K 25 43.62 13.33 5.73
CA CYS K 25 44.96 13.88 5.81
C CYS K 25 45.18 15.03 4.83
N HIS K 26 44.66 14.93 3.62
CA HIS K 26 44.71 16.02 2.64
C HIS K 26 43.56 16.98 2.92
N LEU K 27 43.86 18.12 3.55
CA LEU K 27 42.80 18.98 4.06
C LEU K 27 42.21 19.90 2.99
N ALA K 28 43.02 20.38 2.05
CA ALA K 28 42.51 21.31 1.06
C ALA K 28 41.58 20.62 0.08
N GLN K 29 40.66 21.41 -0.49
CA GLN K 29 39.64 20.90 -1.39
C GLN K 29 39.64 21.76 -2.65
N LYS K 30 39.94 21.12 -3.79
CA LYS K 30 39.91 21.78 -5.08
C LYS K 30 39.08 20.97 -6.06
N ALA K 31 39.25 21.22 -7.36
CA ALA K 31 38.46 20.55 -8.38
C ALA K 31 39.14 19.26 -8.81
N ALA K 32 38.34 18.21 -9.00
CA ALA K 32 38.80 16.95 -9.58
C ALA K 32 37.68 16.38 -10.42
N GLU K 33 37.91 16.17 -11.72
CA GLU K 33 36.86 15.78 -12.65
C GLU K 33 37.13 14.40 -13.21
N VAL K 34 36.06 13.69 -13.54
CA VAL K 34 36.16 12.41 -14.24
C VAL K 34 35.22 12.43 -15.43
N GLU K 35 35.75 12.15 -16.62
CA GLU K 35 34.97 11.99 -17.83
C GLU K 35 34.81 10.49 -18.06
N ILE K 36 33.63 10.00 -17.71
CA ILE K 36 33.22 8.62 -17.96
C ILE K 36 32.11 8.66 -19.01
N PRO K 37 32.05 7.71 -19.94
CA PRO K 37 30.93 7.70 -20.88
C PRO K 37 29.61 7.52 -20.16
N GLN K 38 28.57 8.17 -20.70
CA GLN K 38 27.25 8.08 -20.11
C GLN K 38 26.75 6.64 -20.10
N ALA K 39 26.97 5.92 -21.20
CA ALA K 39 26.60 4.52 -21.30
C ALA K 39 27.73 3.76 -21.95
N VAL K 40 27.98 2.54 -21.47
CA VAL K 40 28.97 1.65 -22.06
C VAL K 40 28.31 0.30 -22.30
N LEU K 41 28.77 -0.38 -23.34
CA LEU K 41 28.28 -1.70 -23.69
C LEU K 41 29.06 -2.76 -22.93
N PRO K 42 28.44 -3.93 -22.70
CA PRO K 42 29.14 -4.97 -21.94
C PRO K 42 30.34 -5.53 -22.68
N ASP K 43 31.36 -5.89 -21.92
CA ASP K 43 32.60 -6.47 -22.45
C ASP K 43 33.24 -5.57 -23.50
N THR K 44 33.25 -4.27 -23.22
CA THR K 44 33.90 -3.28 -24.08
C THR K 44 34.87 -2.47 -23.24
N VAL K 45 36.00 -2.11 -23.84
CA VAL K 45 37.01 -1.31 -23.17
C VAL K 45 36.76 0.16 -23.47
N PHE K 46 36.67 0.97 -22.43
CA PHE K 46 36.47 2.41 -22.57
C PHE K 46 37.42 3.15 -21.65
N GLU K 47 37.73 4.39 -22.03
CA GLU K 47 38.67 5.20 -21.28
C GLU K 47 37.93 6.15 -20.34
N ALA K 48 38.38 6.18 -19.09
CA ALA K 48 37.89 7.13 -18.09
C ALA K 48 38.96 8.20 -17.94
N VAL K 49 38.62 9.44 -18.29
CA VAL K 49 39.61 10.51 -18.29
C VAL K 49 39.50 11.26 -16.96
N VAL K 50 40.44 11.02 -16.06
CA VAL K 50 40.49 11.70 -14.77
C VAL K 50 41.33 12.96 -14.95
N LYS K 51 40.67 14.11 -14.91
CA LYS K 51 41.36 15.40 -14.94
C LYS K 51 41.60 15.85 -13.51
N ILE K 52 42.84 16.22 -13.23
CA ILE K 52 43.30 16.56 -11.89
C ILE K 52 43.93 17.94 -11.99
N PRO K 53 43.13 18.99 -12.19
CA PRO K 53 43.68 20.26 -12.67
C PRO K 53 44.28 21.12 -11.57
N TYR K 54 45.42 21.75 -11.90
CA TYR K 54 46.08 22.75 -11.06
C TYR K 54 47.13 23.43 -11.92
N ASP K 55 47.39 24.70 -11.62
CA ASP K 55 48.33 25.47 -12.43
C ASP K 55 49.75 24.91 -12.27
N LEU K 56 50.45 24.79 -13.39
CA LEU K 56 51.78 24.19 -13.40
C LEU K 56 52.87 25.17 -12.99
N ASP K 57 52.55 26.44 -12.79
CA ASP K 57 53.54 27.44 -12.40
C ASP K 57 53.57 27.67 -10.89
N SER K 58 52.79 26.92 -10.12
CA SER K 58 52.75 27.03 -8.68
C SER K 58 53.46 25.82 -8.08
N GLN K 59 54.54 26.08 -7.35
CA GLN K 59 55.35 25.01 -6.77
C GLN K 59 55.14 24.95 -5.26
N GLN K 60 54.92 23.75 -4.75
CA GLN K 60 54.69 23.52 -3.34
C GLN K 60 56.01 23.27 -2.61
N VAL K 61 55.97 23.43 -1.29
CA VAL K 61 57.12 23.10 -0.47
C VAL K 61 57.26 21.58 -0.38
N LEU K 62 58.49 21.12 -0.22
CA LEU K 62 58.79 19.71 -0.10
C LEU K 62 59.09 19.35 1.35
N GLY K 63 59.33 18.06 1.58
CA GLY K 63 59.56 17.59 2.94
C GLY K 63 60.80 18.19 3.58
N ASP K 64 61.88 18.33 2.82
CA ASP K 64 63.12 18.88 3.37
C ASP K 64 62.96 20.34 3.75
N GLY K 65 62.19 21.10 2.97
CA GLY K 65 62.00 22.51 3.24
C GLY K 65 62.06 23.35 1.98
N SER K 66 62.64 22.79 0.92
CA SER K 66 62.71 23.48 -0.35
C SER K 66 61.40 23.31 -1.12
N LYS K 67 61.20 24.18 -2.11
CA LYS K 67 60.00 24.12 -2.94
C LYS K 67 60.25 23.22 -4.14
N GLY K 68 59.15 22.85 -4.80
CA GLY K 68 59.25 21.97 -5.96
C GLY K 68 57.87 21.67 -6.51
N GLY K 69 57.87 20.85 -7.57
CA GLY K 69 56.64 20.50 -8.24
C GLY K 69 55.77 19.55 -7.45
N LEU K 70 54.55 19.37 -7.93
CA LEU K 70 53.56 18.53 -7.27
C LEU K 70 53.47 17.16 -7.95
N ASN K 71 52.89 16.21 -7.24
CA ASN K 71 52.66 14.87 -7.75
C ASN K 71 51.19 14.52 -7.61
N VAL K 72 50.55 14.17 -8.72
CA VAL K 72 49.13 13.85 -8.70
C VAL K 72 48.95 12.40 -8.24
N GLY K 73 47.72 12.11 -7.81
CA GLY K 73 47.34 10.76 -7.45
C GLY K 73 45.82 10.68 -7.45
N ALA K 74 45.27 9.48 -7.62
CA ALA K 74 43.82 9.36 -7.71
C ALA K 74 43.38 7.97 -7.27
N VAL K 75 42.11 7.89 -6.87
CA VAL K 75 41.43 6.63 -6.64
C VAL K 75 40.10 6.68 -7.38
N LEU K 76 39.84 5.68 -8.22
CA LEU K 76 38.64 5.60 -9.02
C LEU K 76 37.87 4.36 -8.60
N MET K 77 36.72 4.57 -7.97
CA MET K 77 35.85 3.48 -7.53
C MET K 77 34.81 3.26 -8.62
N LEU K 78 34.97 2.17 -9.35
CA LEU K 78 34.05 1.78 -10.40
C LEU K 78 32.99 0.84 -9.84
N PRO K 79 31.86 0.69 -10.52
CA PRO K 79 30.86 -0.28 -10.10
C PRO K 79 31.41 -1.70 -10.18
N GLU K 80 30.72 -2.59 -9.46
CA GLU K 80 31.17 -3.98 -9.37
C GLU K 80 31.18 -4.62 -10.76
N GLY K 81 32.27 -5.32 -11.07
CA GLY K 81 32.48 -5.94 -12.34
C GLY K 81 33.44 -5.19 -13.25
N PHE K 82 33.49 -3.86 -13.13
CA PHE K 82 34.43 -3.06 -13.90
C PHE K 82 35.84 -3.24 -13.36
N LYS K 83 36.81 -3.18 -14.26
CA LYS K 83 38.21 -3.29 -13.87
C LYS K 83 39.07 -2.68 -14.95
N ILE K 84 40.33 -2.36 -14.59
CA ILE K 84 41.26 -1.84 -15.57
C ILE K 84 41.57 -2.91 -16.60
N ALA K 85 41.40 -2.57 -17.87
CA ALA K 85 41.59 -3.53 -18.93
C ALA K 85 43.04 -3.99 -18.98
N PRO K 86 43.29 -5.28 -19.19
CA PRO K 86 44.67 -5.76 -19.30
C PRO K 86 45.33 -5.22 -20.55
N PRO K 87 46.67 -5.19 -20.61
CA PRO K 87 47.34 -4.70 -21.82
C PRO K 87 47.02 -5.52 -23.06
N ASP K 88 46.50 -6.74 -22.91
CA ASP K 88 46.16 -7.56 -24.07
C ASP K 88 44.94 -7.05 -24.81
N ARG K 89 43.94 -6.54 -24.10
CA ARG K 89 42.66 -6.23 -24.73
C ARG K 89 42.57 -4.79 -25.22
N LEU K 90 43.14 -3.84 -24.49
CA LEU K 90 43.08 -2.44 -24.89
C LEU K 90 43.86 -2.20 -26.19
N SER K 91 43.36 -1.26 -26.98
CA SER K 91 43.87 -1.02 -28.32
C SER K 91 45.23 -0.32 -28.26
N GLU K 92 45.91 -0.29 -29.42
CA GLU K 92 47.22 0.35 -29.51
C GLU K 92 47.12 1.85 -29.32
N GLY K 93 46.05 2.48 -29.82
CA GLY K 93 45.84 3.90 -29.55
C GLY K 93 45.65 4.17 -28.08
N LEU K 94 44.80 3.37 -27.42
CA LEU K 94 44.68 3.47 -25.98
C LEU K 94 45.97 3.05 -25.28
N LYS K 95 46.76 2.17 -25.88
CA LYS K 95 48.03 1.78 -25.28
C LYS K 95 49.00 2.96 -25.24
N GLU K 96 49.07 3.74 -26.32
CA GLU K 96 49.93 4.92 -26.30
C GLU K 96 49.29 6.08 -25.55
N LYS K 97 47.97 6.05 -25.35
CA LYS K 97 47.33 7.09 -24.57
C LYS K 97 47.52 6.91 -23.07
N VAL K 98 47.43 5.67 -22.58
CA VAL K 98 47.61 5.43 -21.16
C VAL K 98 49.07 5.49 -20.75
N GLY K 99 49.99 5.30 -21.69
CA GLY K 99 51.40 5.27 -21.34
C GLY K 99 51.74 4.09 -20.44
N GLY K 100 52.73 4.31 -19.58
CA GLY K 100 53.14 3.28 -18.65
C GLY K 100 52.53 3.45 -17.27
N THR K 101 51.32 4.00 -17.23
CA THR K 101 50.64 4.22 -15.96
C THR K 101 50.34 2.90 -15.27
N TYR K 102 50.56 2.85 -13.96
CA TYR K 102 50.38 1.65 -13.16
C TYR K 102 49.14 1.78 -12.29
N PHE K 103 48.26 0.79 -12.38
CA PHE K 103 47.01 0.77 -11.62
C PHE K 103 46.99 -0.43 -10.69
N GLN K 104 46.65 -0.19 -9.42
CA GLN K 104 46.50 -1.27 -8.45
C GLN K 104 45.04 -1.42 -8.06
N PRO K 105 44.59 -2.64 -7.76
CA PRO K 105 43.18 -2.86 -7.41
C PRO K 105 42.79 -2.41 -6.01
N TYR K 106 43.72 -1.86 -5.24
CA TYR K 106 43.46 -1.31 -3.90
C TYR K 106 43.15 -2.42 -2.90
N ARG K 107 42.95 -3.63 -3.39
CA ARG K 107 42.55 -4.79 -2.60
C ARG K 107 42.45 -5.97 -3.54
N GLU K 108 42.48 -7.18 -2.97
CA GLU K 108 42.27 -8.38 -3.75
C GLU K 108 40.77 -8.59 -3.97
N ASP K 109 40.39 -8.93 -5.20
CA ASP K 109 39.02 -9.10 -5.67
C ASP K 109 38.23 -7.80 -5.67
N MET K 110 38.85 -6.68 -5.31
CA MET K 110 38.22 -5.36 -5.35
C MET K 110 38.76 -4.54 -6.51
N GLU K 111 38.91 -5.17 -7.67
CA GLU K 111 39.55 -4.54 -8.82
C GLU K 111 38.75 -3.37 -9.38
N ASN K 112 37.50 -3.19 -8.95
CA ASN K 112 36.73 -2.04 -9.39
C ASN K 112 37.21 -0.73 -8.80
N VAL K 113 37.89 -0.76 -7.65
CA VAL K 113 38.45 0.43 -7.03
C VAL K 113 39.94 0.41 -7.32
N VAL K 114 40.39 1.29 -8.22
CA VAL K 114 41.76 1.29 -8.69
C VAL K 114 42.44 2.59 -8.29
N ILE K 115 43.62 2.48 -7.69
CA ILE K 115 44.38 3.64 -7.25
C ILE K 115 45.56 3.84 -8.20
N VAL K 116 46.08 5.06 -8.21
CA VAL K 116 47.24 5.41 -9.01
C VAL K 116 47.94 6.58 -8.36
N GLY K 117 49.27 6.61 -8.46
CA GLY K 117 50.05 7.68 -7.90
C GLY K 117 51.08 7.19 -6.91
N PRO K 118 52.04 8.05 -6.54
CA PRO K 118 52.19 9.43 -7.01
C PRO K 118 52.81 9.55 -8.39
N LEU K 119 52.12 10.25 -9.30
CA LEU K 119 52.65 10.56 -10.62
C LEU K 119 52.94 12.05 -10.73
N PRO K 120 54.01 12.43 -11.42
CA PRO K 120 54.34 13.86 -11.53
C PRO K 120 53.22 14.64 -12.20
N GLY K 121 52.98 15.84 -11.69
CA GLY K 121 51.92 16.68 -12.22
C GLY K 121 52.28 17.42 -13.49
N GLU K 122 53.55 17.37 -13.91
CA GLU K 122 53.95 18.05 -15.14
C GLU K 122 53.41 17.36 -16.38
N GLN K 123 53.10 16.07 -16.31
CA GLN K 123 52.58 15.34 -17.45
C GLN K 123 51.39 14.45 -17.14
N TYR K 124 50.96 14.35 -15.89
CA TYR K 124 49.84 13.49 -15.52
C TYR K 124 48.70 14.27 -14.87
N GLN K 125 48.50 15.52 -15.31
CA GLN K 125 47.27 16.21 -14.90
C GLN K 125 46.03 15.60 -15.53
N GLU K 126 46.21 14.74 -16.54
CA GLU K 126 45.10 14.04 -17.19
C GLU K 126 45.49 12.58 -17.31
N ILE K 127 44.80 11.71 -16.58
CA ILE K 127 45.14 10.29 -16.51
C ILE K 127 44.04 9.50 -17.20
N VAL K 128 44.44 8.61 -18.09
CA VAL K 128 43.48 7.75 -18.79
C VAL K 128 43.43 6.41 -18.10
N PHE K 129 42.23 6.01 -17.67
CA PHE K 129 42.02 4.70 -17.08
C PHE K 129 41.41 3.79 -18.13
N PRO K 130 42.09 2.74 -18.56
CA PRO K 130 41.48 1.80 -19.52
C PRO K 130 40.53 0.82 -18.82
N VAL K 131 39.31 1.30 -18.55
CA VAL K 131 38.32 0.51 -17.84
C VAL K 131 37.74 -0.55 -18.77
N LEU K 132 37.48 -1.74 -18.20
CA LEU K 132 36.86 -2.85 -18.91
C LEU K 132 35.48 -3.07 -18.32
N SER K 133 34.46 -3.03 -19.16
CA SER K 133 33.12 -3.22 -18.62
C SER K 133 32.77 -4.69 -18.53
N PRO K 134 32.03 -5.09 -17.50
CA PRO K 134 31.62 -6.49 -17.37
C PRO K 134 30.51 -6.83 -18.34
N ASP K 135 30.23 -8.12 -18.52
CA ASP K 135 29.14 -8.57 -19.39
C ASP K 135 28.19 -9.41 -18.53
N PRO K 136 27.00 -8.88 -18.24
CA PRO K 136 26.01 -9.66 -17.47
C PRO K 136 25.59 -10.96 -18.15
N ALA K 137 25.98 -11.19 -19.41
CA ALA K 137 25.66 -12.46 -20.05
C ALA K 137 26.52 -13.59 -19.52
N LYS K 138 27.81 -13.34 -19.32
CA LYS K 138 28.67 -14.36 -18.73
C LYS K 138 28.55 -14.35 -17.20
N ASP K 139 28.83 -13.20 -16.59
CA ASP K 139 28.68 -13.07 -15.14
C ASP K 139 27.22 -12.86 -14.77
N LYS K 140 26.69 -13.73 -13.92
CA LYS K 140 25.30 -13.66 -13.52
C LYS K 140 25.06 -12.79 -12.30
N SER K 141 26.10 -12.42 -11.57
CA SER K 141 25.96 -11.53 -10.42
C SER K 141 26.00 -10.06 -10.81
N ILE K 142 26.24 -9.76 -12.08
CA ILE K 142 26.34 -8.39 -12.57
C ILE K 142 25.13 -8.11 -13.45
N ASN K 143 24.55 -6.92 -13.29
CA ASN K 143 23.34 -6.54 -14.00
C ASN K 143 23.58 -5.29 -14.83
N TYR K 144 22.75 -5.11 -15.85
CA TYR K 144 22.74 -3.86 -16.59
C TYR K 144 22.07 -2.76 -15.76
N GLY K 145 22.27 -1.52 -16.18
CA GLY K 145 21.63 -0.40 -15.53
C GLY K 145 22.63 0.68 -15.21
N LYS K 146 22.18 1.69 -14.50
CA LYS K 146 23.01 2.84 -14.15
C LYS K 146 23.66 2.60 -12.79
N PHE K 147 24.93 2.94 -12.69
CA PHE K 147 25.72 2.75 -11.47
C PHE K 147 26.56 3.99 -11.22
N ALA K 148 27.00 4.13 -9.96
CA ALA K 148 27.80 5.27 -9.55
C ALA K 148 29.28 5.00 -9.76
N VAL K 149 29.99 6.04 -10.18
CA VAL K 149 31.44 6.00 -10.35
C VAL K 149 32.00 7.12 -9.49
N HIS K 150 32.80 6.77 -8.49
CA HIS K 150 33.34 7.76 -7.57
C HIS K 150 34.81 8.00 -7.88
N LEU K 151 35.28 9.21 -7.59
CA LEU K 151 36.66 9.58 -7.85
C LEU K 151 37.17 10.49 -6.74
N GLY K 152 38.40 10.24 -6.30
CA GLY K 152 39.07 11.15 -5.39
C GLY K 152 40.49 11.40 -5.83
N ALA K 153 40.84 12.66 -6.13
CA ALA K 153 42.12 13.00 -6.72
C ALA K 153 42.83 14.04 -5.88
N ASN K 154 44.15 13.90 -5.76
CA ASN K 154 44.98 14.77 -4.95
C ASN K 154 46.19 15.26 -5.73
N ARG K 155 46.66 16.44 -5.35
CA ARG K 155 47.78 17.14 -5.99
C ARG K 155 49.01 17.32 -5.13
N GLY K 156 48.88 17.83 -3.90
CA GLY K 156 50.02 18.15 -3.08
C GLY K 156 50.29 17.12 -1.99
N ARG K 157 51.19 17.50 -1.10
CA ARG K 157 51.54 16.65 0.02
C ARG K 157 50.45 16.68 1.08
N GLY K 158 50.35 15.59 1.84
CA GLY K 158 49.33 15.46 2.87
C GLY K 158 49.75 16.16 4.15
N GLN K 159 48.75 16.61 4.91
CA GLN K 159 49.03 17.30 6.16
C GLN K 159 49.43 16.33 7.26
N ILE K 160 48.81 15.16 7.29
CA ILE K 160 48.91 14.24 8.41
C ILE K 160 49.38 12.88 7.92
N TYR K 161 50.39 12.32 8.58
CA TYR K 161 50.86 10.99 8.30
C TYR K 161 49.92 9.95 8.93
N PRO K 162 50.02 8.68 8.49
CA PRO K 162 49.20 7.64 9.13
C PRO K 162 49.47 7.47 10.62
N THR K 163 50.55 8.03 11.14
CA THR K 163 50.85 8.01 12.56
C THR K 163 50.30 9.23 13.30
N GLY K 164 49.51 10.05 12.61
CA GLY K 164 48.94 11.24 13.20
C GLY K 164 49.83 12.46 13.24
N LEU K 165 51.11 12.32 12.91
CA LEU K 165 52.03 13.45 12.94
C LEU K 165 51.75 14.39 11.77
N LEU K 166 52.06 15.67 11.98
CA LEU K 166 51.81 16.70 10.97
C LEU K 166 53.03 16.86 10.08
N SER K 167 52.78 16.99 8.78
CA SER K 167 53.84 17.29 7.83
C SER K 167 54.18 18.77 7.89
N ASN K 168 55.19 19.16 7.11
CA ASN K 168 55.55 20.57 7.02
C ASN K 168 54.73 21.33 5.98
N ASN K 169 53.82 20.67 5.29
CA ASN K 169 52.99 21.31 4.28
C ASN K 169 51.64 21.76 4.86
N ASN K 170 51.69 22.52 5.95
CA ASN K 170 50.47 23.06 6.55
C ASN K 170 50.84 24.19 7.50
N ALA K 171 49.83 24.96 7.88
CA ALA K 171 50.02 26.06 8.80
C ALA K 171 50.02 25.55 10.23
N PHE K 172 51.00 25.99 11.02
CA PHE K 172 51.17 25.54 12.39
C PHE K 172 50.60 26.59 13.36
N LYS K 173 50.03 26.10 14.46
CA LYS K 173 49.31 26.94 15.41
C LYS K 173 49.97 26.90 16.78
N ALA K 174 49.47 27.74 17.67
CA ALA K 174 49.93 27.78 19.06
C ALA K 174 49.08 26.85 19.92
N PRO K 175 49.70 26.15 20.88
CA PRO K 175 48.88 25.40 21.86
C PRO K 175 47.94 26.28 22.64
N ASN K 176 48.37 27.50 22.98
CA ASN K 176 47.55 28.45 23.73
C ASN K 176 48.17 29.83 23.57
N ALA K 177 47.68 30.79 24.36
CA ALA K 177 48.16 32.16 24.31
C ALA K 177 49.32 32.37 25.28
N GLY K 178 50.29 33.16 24.85
CA GLY K 178 51.45 33.43 25.68
C GLY K 178 52.36 34.45 25.02
N THR K 179 53.56 34.57 25.60
CA THR K 179 54.59 35.51 25.13
C THR K 179 55.84 34.70 24.81
N ILE K 180 56.01 34.35 23.53
CA ILE K 180 57.11 33.47 23.14
C ILE K 180 58.41 34.26 23.01
N SER K 181 58.45 35.20 22.07
CA SER K 181 59.60 36.08 21.83
C SER K 181 60.90 35.33 21.56
N GLU K 182 60.83 34.10 21.05
CA GLU K 182 62.01 33.29 20.79
C GLU K 182 61.91 32.69 19.39
N VAL K 183 62.53 33.37 18.41
CA VAL K 183 62.54 32.90 17.04
C VAL K 183 63.99 32.64 16.65
N ASN K 184 64.29 31.41 16.23
CA ASN K 184 65.65 31.05 15.84
C ASN K 184 65.59 29.91 14.84
N ALA K 185 66.37 30.03 13.76
CA ALA K 185 66.43 28.96 12.77
C ALA K 185 67.17 27.76 13.33
N LEU K 186 66.49 26.62 13.40
CA LEU K 186 67.05 25.40 13.96
C LEU K 186 67.96 24.70 12.93
N GLU K 187 69.01 25.43 12.55
CA GLU K 187 70.00 25.00 11.55
C GLU K 187 69.36 24.73 10.19
N ALA K 188 68.09 25.08 10.01
CA ALA K 188 67.38 24.88 8.76
C ALA K 188 66.30 25.95 8.66
N GLY K 189 65.33 25.72 7.78
CA GLY K 189 64.21 26.65 7.67
C GLY K 189 63.22 26.59 8.81
N GLY K 190 63.41 25.71 9.77
CA GLY K 190 62.49 25.58 10.88
C GLY K 190 62.88 26.44 12.08
N TYR K 191 61.87 26.78 12.88
CA TYR K 191 62.05 27.60 14.06
C TYR K 191 61.66 26.82 15.31
N GLN K 192 62.08 27.33 16.46
CA GLN K 192 61.75 26.73 17.75
C GLN K 192 61.20 27.85 18.64
N LEU K 193 59.88 27.89 18.80
CA LEU K 193 59.24 28.93 19.58
C LEU K 193 59.01 28.43 21.00
N ILE K 194 59.59 29.15 21.96
CA ILE K 194 59.49 28.78 23.37
C ILE K 194 58.80 29.89 24.16
N GLY K 200 53.80 32.51 28.45
CA GLY K 200 55.18 32.86 28.18
C GLY K 200 55.97 31.75 27.52
N THR K 201 56.70 30.98 28.33
CA THR K 201 57.51 29.88 27.83
C THR K 201 56.59 28.73 27.43
N GLU K 202 56.40 28.55 26.12
CA GLU K 202 55.51 27.53 25.59
C GLU K 202 56.19 26.83 24.42
N THR K 203 56.31 25.51 24.54
CA THR K 203 57.11 24.72 23.60
C THR K 203 56.32 24.47 22.33
N VAL K 204 56.87 24.88 21.19
CA VAL K 204 56.32 24.52 19.89
C VAL K 204 57.45 24.58 18.87
N ASP K 205 57.41 23.68 17.89
CA ASP K 205 58.46 23.55 16.88
C ASP K 205 57.85 23.69 15.49
N ILE K 206 58.41 24.60 14.69
CA ILE K 206 58.00 24.82 13.32
C ILE K 206 59.01 24.13 12.41
N PRO K 207 58.58 23.20 11.56
CA PRO K 207 59.53 22.52 10.67
C PRO K 207 60.06 23.43 9.58
N ALA K 208 60.94 22.89 8.73
CA ALA K 208 61.64 23.72 7.75
C ALA K 208 60.71 24.22 6.65
N GLY K 209 59.55 23.60 6.48
CA GLY K 209 58.67 23.93 5.39
C GLY K 209 58.08 25.33 5.45
N PRO K 210 57.20 25.57 6.42
CA PRO K 210 56.47 26.85 6.44
C PRO K 210 57.35 28.03 6.82
N GLU K 211 56.79 29.24 6.68
CA GLU K 211 57.49 30.47 7.03
C GLU K 211 56.70 31.21 8.10
N LEU K 212 57.39 31.67 9.13
CA LEU K 212 56.72 32.34 10.25
C LEU K 212 56.05 33.63 9.80
N ILE K 213 54.83 33.85 10.28
CA ILE K 213 54.10 35.07 9.99
C ILE K 213 53.98 35.99 11.20
N VAL K 214 53.88 35.44 12.41
CA VAL K 214 53.73 36.27 13.61
C VAL K 214 55.09 36.83 14.01
N SER K 215 55.12 38.12 14.33
CA SER K 215 56.35 38.76 14.74
C SER K 215 56.74 38.32 16.15
N ALA K 216 58.05 38.26 16.39
CA ALA K 216 58.55 37.87 17.70
C ALA K 216 58.26 38.94 18.73
N GLY K 217 58.11 38.52 19.99
CA GLY K 217 57.86 39.45 21.07
C GLY K 217 56.46 40.00 21.12
N GLN K 218 55.49 39.30 20.52
CA GLN K 218 54.11 39.73 20.52
C GLN K 218 53.26 38.66 21.20
N THR K 219 52.35 39.10 22.07
CA THR K 219 51.45 38.19 22.78
C THR K 219 50.46 37.59 21.78
N VAL K 220 50.70 36.36 21.39
CA VAL K 220 49.84 35.67 20.42
C VAL K 220 48.66 35.06 21.17
N GLU K 221 47.53 34.92 20.47
CA GLU K 221 46.34 34.36 21.07
C GLU K 221 46.45 32.84 21.17
N ALA K 222 45.38 32.21 21.61
CA ALA K 222 45.32 30.76 21.76
C ALA K 222 44.84 30.12 20.48
N GLY K 223 45.59 29.13 19.99
CA GLY K 223 45.22 28.45 18.76
C GLY K 223 45.23 29.32 17.52
N GLU K 224 46.23 30.18 17.39
CA GLU K 224 46.33 31.10 16.26
C GLU K 224 47.43 30.65 15.31
N PHE K 225 47.27 30.98 14.03
CA PHE K 225 48.24 30.58 13.02
C PHE K 225 49.60 31.21 13.28
N LEU K 226 50.58 30.37 13.61
CA LEU K 226 51.95 30.83 13.77
C LEU K 226 52.64 31.08 12.44
N THR K 227 52.33 30.27 11.42
CA THR K 227 52.90 30.42 10.09
C THR K 227 51.76 30.49 9.08
N ASN K 228 52.12 30.67 7.81
CA ASN K 228 51.16 30.67 6.73
C ASN K 228 50.85 29.24 6.31
N ASN K 229 49.95 29.10 5.34
CA ASN K 229 49.56 27.78 4.84
C ASN K 229 50.18 27.56 3.47
N PRO K 230 51.22 26.73 3.36
CA PRO K 230 51.88 26.54 2.06
C PRO K 230 51.24 25.46 1.22
N ASN K 231 50.03 25.05 1.57
CA ASN K 231 49.37 23.95 0.87
C ASN K 231 48.91 24.38 -0.51
N VAL K 232 49.76 24.18 -1.51
CA VAL K 232 49.40 24.49 -2.88
C VAL K 232 48.38 23.50 -3.44
N GLY K 233 48.52 22.21 -3.14
CA GLY K 233 47.64 21.20 -3.68
C GLY K 233 46.31 21.11 -2.98
N GLY K 234 45.81 19.89 -2.81
CA GLY K 234 44.52 19.64 -2.21
C GLY K 234 43.96 18.32 -2.68
N PHE K 235 42.81 17.95 -2.12
CA PHE K 235 42.10 16.74 -2.49
C PHE K 235 40.67 17.10 -2.85
N GLY K 236 40.20 16.61 -4.00
CA GLY K 236 38.82 16.81 -4.40
C GLY K 236 38.22 15.52 -4.92
N GLN K 237 36.93 15.34 -4.64
CA GLN K 237 36.21 14.15 -5.05
C GLN K 237 35.01 14.52 -5.92
N LYS K 238 34.54 13.54 -6.67
CA LYS K 238 33.44 13.74 -7.60
C LYS K 238 32.79 12.39 -7.92
N ASP K 239 31.46 12.36 -7.93
CA ASP K 239 30.71 11.17 -8.31
C ASP K 239 29.90 11.43 -9.57
N THR K 240 29.97 10.48 -10.50
CA THR K 240 29.20 10.50 -11.74
C THR K 240 28.45 9.17 -11.88
N GLU K 241 27.80 8.98 -13.01
CA GLU K 241 27.02 7.78 -13.26
C GLU K 241 27.33 7.23 -14.64
N VAL K 242 27.47 5.91 -14.72
CA VAL K 242 27.69 5.22 -15.98
C VAL K 242 26.62 4.15 -16.15
N VAL K 243 26.13 4.01 -17.38
CA VAL K 243 25.09 3.05 -17.71
C VAL K 243 25.72 1.85 -18.40
N LEU K 244 25.70 0.70 -17.75
CA LEU K 244 26.03 -0.55 -18.41
C LEU K 244 24.80 -0.93 -19.22
N GLN K 245 24.86 -0.68 -20.53
CA GLN K 245 23.70 -0.77 -21.41
C GLN K 245 23.64 -2.13 -22.09
N ASN K 246 22.41 -2.59 -22.33
CA ASN K 246 22.17 -3.83 -23.05
C ASN K 246 21.82 -3.51 -24.49
N PRO K 247 22.60 -3.97 -25.47
CA PRO K 247 22.27 -3.65 -26.87
C PRO K 247 20.90 -4.13 -27.31
N THR K 248 20.42 -5.25 -26.77
CA THR K 248 19.09 -5.73 -27.12
C THR K 248 18.02 -4.74 -26.70
N ARG K 249 18.21 -4.11 -25.53
CA ARG K 249 17.28 -3.08 -25.07
C ARG K 249 17.19 -1.95 -26.10
N ILE K 250 18.33 -1.50 -26.61
CA ILE K 250 18.33 -0.39 -27.56
C ILE K 250 17.73 -0.83 -28.89
N LYS K 251 17.99 -2.06 -29.33
CA LYS K 251 17.40 -2.55 -30.57
C LYS K 251 15.88 -2.55 -30.49
N PHE K 252 15.34 -3.12 -29.41
CA PHE K 252 13.89 -3.15 -29.26
C PHE K 252 13.32 -1.75 -29.03
N LEU K 253 14.10 -0.86 -28.41
CA LEU K 253 13.66 0.53 -28.26
C LEU K 253 13.53 1.20 -29.62
N VAL K 254 14.51 0.98 -30.50
CA VAL K 254 14.46 1.56 -31.83
C VAL K 254 13.26 1.03 -32.60
N LEU K 255 13.03 -0.28 -32.52
CA LEU K 255 11.86 -0.86 -33.17
C LEU K 255 10.56 -0.25 -32.64
N PHE K 256 10.47 -0.11 -31.32
CA PHE K 256 9.27 0.42 -30.69
C PHE K 256 9.01 1.86 -31.11
N LEU K 257 10.07 2.68 -31.14
CA LEU K 257 9.89 4.09 -31.52
C LEU K 257 9.54 4.24 -32.98
N ALA K 258 10.15 3.41 -33.86
CA ALA K 258 9.77 3.43 -35.26
C ALA K 258 8.31 3.05 -35.46
N GLY K 259 7.85 2.03 -34.72
CA GLY K 259 6.44 1.69 -34.77
C GLY K 259 5.54 2.82 -34.29
N ILE K 260 5.97 3.51 -33.24
CA ILE K 260 5.19 4.65 -32.73
C ILE K 260 5.07 5.72 -33.79
N MET K 261 6.17 6.04 -34.48
CA MET K 261 6.11 7.09 -35.50
C MET K 261 5.32 6.66 -36.73
N LEU K 262 5.39 5.38 -37.09
CA LEU K 262 4.52 4.90 -38.17
C LEU K 262 3.05 5.03 -37.78
N SER K 263 2.74 4.73 -36.51
CA SER K 263 1.37 4.90 -36.02
C SER K 263 0.94 6.36 -36.06
N GLN K 264 1.85 7.27 -35.70
CA GLN K 264 1.52 8.70 -35.77
C GLN K 264 1.24 9.15 -37.20
N ILE K 265 2.06 8.69 -38.15
CA ILE K 265 1.83 9.02 -39.56
C ILE K 265 0.48 8.51 -40.00
N LEU K 266 0.15 7.26 -39.64
CA LEU K 266 -1.13 6.69 -40.02
C LEU K 266 -2.29 7.44 -39.38
N LEU K 267 -2.10 7.91 -38.15
CA LEU K 267 -3.14 8.70 -37.48
C LEU K 267 -3.39 10.01 -38.22
N VAL K 268 -2.32 10.67 -38.66
CA VAL K 268 -2.49 11.92 -39.40
C VAL K 268 -3.17 11.66 -40.74
N LEU K 269 -2.81 10.56 -41.40
CA LEU K 269 -3.48 10.23 -42.67
C LEU K 269 -4.96 9.93 -42.46
N LYS K 270 -5.28 9.24 -41.36
CA LYS K 270 -6.68 9.00 -41.03
C LYS K 270 -7.42 10.31 -40.77
N LYS K 271 -6.77 11.25 -40.08
CA LYS K 271 -7.40 12.56 -39.88
C LYS K 271 -7.63 13.28 -41.20
N LYS K 272 -6.68 13.17 -42.13
CA LYS K 272 -6.87 13.79 -43.44
C LYS K 272 -8.06 13.17 -44.18
N GLN K 273 -8.18 11.84 -44.12
CA GLN K 273 -9.31 11.17 -44.75
C GLN K 273 -10.63 11.61 -44.13
N ILE K 274 -10.69 11.71 -42.80
CA ILE K 274 -11.90 12.16 -42.14
C ILE K 274 -12.19 13.63 -42.46
N GLU K 275 -11.16 14.44 -42.63
CA GLU K 275 -11.37 15.83 -43.05
C GLU K 275 -12.02 15.89 -44.42
N LYS K 276 -11.54 15.07 -45.35
CA LYS K 276 -12.17 15.03 -46.68
C LYS K 276 -13.61 14.54 -46.59
N VAL K 277 -13.85 13.54 -45.74
CA VAL K 277 -15.22 13.04 -45.57
C VAL K 277 -16.13 14.13 -45.02
N GLN K 278 -15.66 14.87 -44.03
CA GLN K 278 -16.46 15.95 -43.45
C GLN K 278 -16.70 17.07 -44.47
N ALA K 279 -15.69 17.42 -45.26
CA ALA K 279 -15.89 18.39 -46.32
C ALA K 279 -16.92 17.91 -47.34
N ALA K 280 -16.96 16.61 -47.62
CA ALA K 280 -18.03 16.07 -48.44
C ALA K 280 -19.40 16.21 -47.76
N GLU K 281 -19.48 15.89 -46.48
CA GLU K 281 -20.74 16.01 -45.75
C GLU K 281 -21.25 17.44 -45.65
N LEU K 282 -20.36 18.43 -45.72
CA LEU K 282 -20.81 19.82 -45.79
C LEU K 282 -21.25 20.23 -47.19
N ASN K 283 -20.48 19.87 -48.21
CA ASN K 283 -20.84 20.18 -49.60
C ASN K 283 -21.67 19.05 -50.20
N PHE K 284 -22.83 18.83 -49.59
CA PHE K 284 -23.73 17.76 -50.02
C PHE K 284 -24.34 18.07 -51.39
N ASP L 9 -16.02 10.16 -55.17
CA ASP L 9 -14.79 10.94 -55.01
C ASP L 9 -14.43 11.10 -53.54
N VAL L 10 -15.17 10.41 -52.67
CA VAL L 10 -14.96 10.50 -51.23
C VAL L 10 -14.81 9.09 -50.66
N PRO L 11 -14.10 8.92 -49.54
CA PRO L 11 -13.96 7.58 -48.96
C PRO L 11 -15.30 7.05 -48.46
N ASP L 12 -15.74 5.94 -49.05
CA ASP L 12 -16.98 5.30 -48.65
C ASP L 12 -16.74 4.47 -47.39
N LEU L 13 -17.70 3.61 -47.04
CA LEU L 13 -17.55 2.80 -45.84
C LEU L 13 -16.36 1.86 -45.94
N GLY L 14 -16.17 1.22 -47.09
CA GLY L 14 -15.10 0.25 -47.22
C GLY L 14 -13.72 0.87 -47.09
N ARG L 15 -13.48 1.99 -47.77
CA ARG L 15 -12.17 2.63 -47.71
C ARG L 15 -11.91 3.21 -46.33
N ARG L 16 -12.93 3.81 -45.71
CA ARG L 16 -12.77 4.33 -44.36
C ARG L 16 -12.47 3.21 -43.37
N GLN L 17 -13.15 2.08 -43.49
CA GLN L 17 -12.86 0.95 -42.62
C GLN L 17 -11.46 0.39 -42.87
N PHE L 18 -11.01 0.37 -44.13
CA PHE L 18 -9.65 -0.09 -44.41
C PHE L 18 -8.62 0.84 -43.77
N MET L 19 -8.83 2.15 -43.87
CA MET L 19 -7.90 3.10 -43.26
C MET L 19 -7.92 2.97 -41.74
N ASN L 20 -9.11 2.80 -41.15
CA ASN L 20 -9.20 2.56 -39.72
C ASN L 20 -8.45 1.29 -39.33
N LEU L 21 -8.61 0.23 -40.12
CA LEU L 21 -7.92 -1.03 -39.85
C LEU L 21 -6.41 -0.82 -39.87
N LEU L 22 -5.90 -0.14 -40.89
CA LEU L 22 -4.46 0.09 -40.97
C LEU L 22 -3.96 0.90 -39.78
N THR L 23 -4.59 2.05 -39.53
CA THR L 23 -4.12 2.95 -38.48
C THR L 23 -4.19 2.28 -37.11
N PHE L 24 -5.35 1.76 -36.75
CA PHE L 24 -5.51 1.19 -35.42
C PHE L 24 -4.90 -0.20 -35.29
N GLY L 25 -4.59 -0.88 -36.39
CA GLY L 25 -3.80 -2.09 -36.31
C GLY L 25 -2.35 -1.78 -36.00
N THR L 26 -1.82 -0.71 -36.59
CA THR L 26 -0.49 -0.28 -36.20
C THR L 26 -0.47 0.18 -34.74
N ILE L 27 -1.50 0.92 -34.33
CA ILE L 27 -1.59 1.33 -32.93
C ILE L 27 -1.71 0.11 -32.01
N THR L 28 -2.47 -0.91 -32.43
CA THR L 28 -2.60 -2.12 -31.62
C THR L 28 -1.29 -2.90 -31.56
N GLY L 29 -0.52 -2.91 -32.64
CA GLY L 29 0.80 -3.52 -32.59
C GLY L 29 1.72 -2.81 -31.62
N VAL L 30 1.70 -1.47 -31.65
CA VAL L 30 2.49 -0.70 -30.68
C VAL L 30 2.02 -0.99 -29.26
N ALA L 31 0.70 -1.05 -29.06
CA ALA L 31 0.15 -1.32 -27.74
C ALA L 31 0.53 -2.71 -27.25
N ALA L 32 0.53 -3.70 -28.13
CA ALA L 32 0.95 -5.04 -27.75
C ALA L 32 2.43 -5.07 -27.40
N GLY L 33 3.25 -4.37 -28.18
CA GLY L 33 4.67 -4.28 -27.87
C GLY L 33 4.95 -3.56 -26.57
N ALA L 34 4.04 -2.67 -26.16
CA ALA L 34 4.19 -1.98 -24.89
C ALA L 34 3.57 -2.74 -23.72
N LEU L 35 2.58 -3.59 -23.97
CA LEU L 35 1.93 -4.36 -22.91
C LEU L 35 2.58 -5.70 -22.66
N TYR L 36 3.37 -6.21 -23.61
CA TYR L 36 4.16 -7.41 -23.32
C TYR L 36 5.10 -7.21 -22.14
N PRO L 37 5.86 -6.11 -22.05
CA PRO L 37 6.65 -5.91 -20.82
C PRO L 37 5.81 -5.85 -19.56
N ALA L 38 4.64 -5.21 -19.60
CA ALA L 38 3.81 -5.12 -18.41
C ALA L 38 3.31 -6.49 -17.97
N VAL L 39 2.81 -7.29 -18.91
CA VAL L 39 2.35 -8.64 -18.58
C VAL L 39 3.51 -9.50 -18.08
N LYS L 40 4.66 -9.44 -18.75
CA LYS L 40 5.81 -10.22 -18.29
C LYS L 40 6.27 -9.77 -16.92
N TYR L 41 6.07 -8.50 -16.58
CA TYR L 41 6.40 -8.01 -15.24
C TYR L 41 5.44 -8.56 -14.20
N LEU L 42 4.14 -8.53 -14.49
CA LEU L 42 3.16 -9.00 -13.52
C LEU L 42 3.25 -10.51 -13.27
N ILE L 43 3.81 -11.27 -14.20
CA ILE L 43 4.09 -12.68 -13.97
C ILE L 43 5.29 -12.78 -13.04
N PRO L 44 5.18 -13.47 -11.90
CA PRO L 44 6.30 -13.56 -10.97
C PRO L 44 7.51 -14.21 -11.61
N PRO L 45 8.71 -13.70 -11.31
CA PRO L 45 9.91 -14.27 -11.94
C PRO L 45 10.21 -15.66 -11.41
N SER L 46 10.63 -16.54 -12.31
CA SER L 46 10.99 -17.92 -11.95
C SER L 46 12.33 -17.90 -11.24
N SER L 47 12.28 -17.91 -9.90
CA SER L 47 13.50 -17.86 -9.09
C SER L 47 13.46 -18.86 -7.95
N GLY L 48 12.72 -19.97 -8.13
CA GLY L 48 12.66 -21.00 -7.12
C GLY L 48 13.78 -22.00 -7.23
N GLY L 49 14.72 -21.74 -8.12
CA GLY L 49 15.86 -22.64 -8.35
C GLY L 49 15.57 -23.65 -9.46
N SER L 50 15.35 -24.90 -9.07
CA SER L 50 15.04 -25.97 -10.01
C SER L 50 14.36 -27.09 -9.24
N GLY L 51 13.96 -28.13 -9.97
CA GLY L 51 13.37 -29.30 -9.33
C GLY L 51 14.36 -30.12 -8.52
N GLY L 52 15.64 -30.03 -8.84
CA GLY L 52 16.67 -30.74 -8.11
C GLY L 52 17.58 -29.80 -7.35
N GLY L 53 17.22 -28.52 -7.30
CA GLY L 53 18.05 -27.54 -6.63
C GLY L 53 17.37 -26.84 -5.47
N VAL L 54 16.55 -27.58 -4.72
CA VAL L 54 15.87 -27.04 -3.54
C VAL L 54 16.32 -27.86 -2.34
N THR L 55 17.03 -27.22 -1.42
CA THR L 55 17.49 -27.90 -0.22
C THR L 55 16.40 -27.92 0.85
N ALA L 56 16.67 -28.65 1.93
CA ALA L 56 15.72 -28.78 3.03
C ALA L 56 15.96 -27.66 4.03
N LYS L 57 15.04 -26.71 4.07
CA LYS L 57 15.14 -25.55 4.96
C LYS L 57 14.25 -25.76 6.18
N ASP L 58 14.69 -25.22 7.32
CA ASP L 58 13.94 -25.33 8.56
C ASP L 58 12.85 -24.26 8.61
N ALA L 59 12.24 -24.07 9.78
CA ALA L 59 11.20 -23.07 9.94
C ALA L 59 11.76 -21.66 9.74
N LEU L 60 12.96 -21.41 10.27
CA LEU L 60 13.58 -20.10 10.17
C LEU L 60 14.16 -19.81 8.78
N GLY L 61 14.18 -20.81 7.89
CA GLY L 61 14.72 -20.64 6.56
C GLY L 61 16.12 -21.16 6.37
N ASN L 62 16.77 -21.65 7.43
CA ASN L 62 18.11 -22.21 7.32
C ASN L 62 18.04 -23.70 7.06
N ASP L 63 19.05 -24.22 6.36
CA ASP L 63 19.12 -25.64 6.07
C ASP L 63 19.50 -26.43 7.31
N VAL L 64 18.89 -27.59 7.48
CA VAL L 64 19.21 -28.49 8.57
C VAL L 64 20.26 -29.48 8.09
N LYS L 65 21.42 -29.50 8.74
CA LYS L 65 22.48 -30.41 8.37
C LYS L 65 22.14 -31.84 8.78
N VAL L 66 22.61 -32.80 7.98
CA VAL L 66 22.36 -34.20 8.28
C VAL L 66 23.02 -34.61 9.59
N THR L 67 24.19 -34.04 9.88
CA THR L 67 24.90 -34.39 11.11
C THR L 67 24.13 -33.96 12.34
N GLU L 68 23.36 -32.87 12.26
CA GLU L 68 22.67 -32.35 13.43
C GLU L 68 21.58 -33.30 13.93
N PHE L 69 21.00 -34.10 13.04
CA PHE L 69 19.85 -34.92 13.43
C PHE L 69 20.19 -35.91 14.54
N LEU L 70 21.46 -36.31 14.64
CA LEU L 70 21.88 -37.15 15.76
C LEU L 70 21.83 -36.34 17.05
N ALA L 71 21.33 -36.97 18.12
CA ALA L 71 21.18 -36.40 19.45
C ALA L 71 20.25 -35.18 19.48
N SER L 72 19.56 -34.89 18.37
CA SER L 72 18.60 -33.79 18.32
C SER L 72 17.17 -34.28 18.13
N HIS L 73 16.97 -35.49 17.62
CA HIS L 73 15.65 -36.06 17.45
C HIS L 73 15.69 -37.53 17.87
N ASN L 74 14.51 -38.08 18.16
CA ASN L 74 14.41 -39.45 18.61
C ASN L 74 14.56 -40.40 17.43
N ALA L 75 14.32 -41.69 17.67
CA ALA L 75 14.47 -42.72 16.64
C ALA L 75 13.12 -42.96 15.97
N GLY L 76 13.10 -42.93 14.64
CA GLY L 76 11.88 -43.13 13.90
C GLY L 76 11.01 -41.90 13.73
N ASP L 77 11.47 -40.74 14.19
CA ASP L 77 10.64 -39.54 14.14
C ASP L 77 10.58 -38.98 12.71
N ARG L 78 9.52 -38.22 12.45
CA ARG L 78 9.32 -37.54 11.18
C ARG L 78 9.15 -36.06 11.48
N VAL L 79 9.98 -35.22 10.87
CA VAL L 79 10.05 -33.80 11.20
C VAL L 79 9.82 -32.96 9.95
N LEU L 80 9.09 -31.87 10.11
CA LEU L 80 8.75 -31.01 8.98
C LEU L 80 9.88 -30.04 8.66
N ALA L 81 10.16 -29.89 7.36
CA ALA L 81 11.13 -28.91 6.88
C ALA L 81 10.69 -28.41 5.52
N GLN L 82 11.13 -27.20 5.17
CA GLN L 82 10.79 -26.66 3.86
C GLN L 82 11.37 -27.55 2.76
N GLY L 83 10.56 -27.81 1.74
CA GLY L 83 10.94 -28.75 0.70
C GLY L 83 10.75 -28.24 -0.71
N LEU L 84 10.54 -29.16 -1.65
CA LEU L 84 10.36 -28.80 -3.05
C LEU L 84 9.15 -27.91 -3.22
N LYS L 85 9.31 -26.86 -4.02
CA LYS L 85 8.25 -25.87 -4.30
C LYS L 85 7.79 -25.17 -3.03
N GLY L 86 8.66 -25.13 -2.01
CA GLY L 86 8.36 -24.41 -0.78
C GLY L 86 7.42 -25.10 0.17
N ASP L 87 6.64 -26.08 -0.29
CA ASP L 87 5.69 -26.74 0.59
C ASP L 87 6.42 -27.57 1.64
N PRO L 88 5.85 -27.69 2.84
CA PRO L 88 6.49 -28.48 3.89
C PRO L 88 6.60 -29.95 3.50
N THR L 89 7.68 -30.58 3.91
CA THR L 89 7.95 -31.99 3.65
C THR L 89 8.42 -32.64 4.94
N TYR L 90 7.86 -33.80 5.25
CA TYR L 90 8.32 -34.63 6.36
C TYR L 90 9.59 -35.34 5.96
N ILE L 91 10.71 -34.92 6.55
CA ILE L 91 11.96 -35.66 6.50
C ILE L 91 11.86 -36.76 7.56
N VAL L 92 12.14 -37.99 7.17
CA VAL L 92 11.95 -39.14 8.04
C VAL L 92 13.29 -39.57 8.63
N VAL L 93 13.31 -39.80 9.93
CA VAL L 93 14.43 -40.47 10.60
C VAL L 93 14.10 -41.95 10.67
N GLN L 94 15.04 -42.79 10.25
CA GLN L 94 14.81 -44.22 10.15
C GLN L 94 15.16 -44.97 11.44
N GLY L 95 15.44 -44.26 12.53
CA GLY L 95 15.74 -44.90 13.80
C GLY L 95 17.22 -45.15 14.00
N ASP L 96 17.85 -45.80 13.04
CA ASP L 96 19.29 -46.06 13.07
C ASP L 96 20.07 -44.96 12.34
N ASP L 97 19.65 -44.60 11.14
CA ASP L 97 20.24 -43.48 10.41
C ASP L 97 19.52 -42.20 10.82
N THR L 98 19.80 -41.11 10.10
CA THR L 98 19.14 -39.84 10.35
C THR L 98 18.12 -39.44 9.30
N ILE L 99 18.28 -39.89 8.05
CA ILE L 99 17.35 -39.57 6.97
C ILE L 99 17.15 -40.82 6.13
N ALA L 100 16.32 -40.70 5.10
CA ALA L 100 16.12 -41.74 4.10
C ALA L 100 16.36 -41.16 2.71
N ASN L 101 16.06 -41.97 1.70
CA ASN L 101 16.23 -41.53 0.31
C ASN L 101 15.05 -40.71 -0.19
N TYR L 102 13.99 -40.55 0.59
CA TYR L 102 12.83 -39.79 0.17
C TYR L 102 12.30 -38.96 1.33
N GLY L 103 11.60 -37.88 0.99
CA GLY L 103 10.87 -37.09 1.96
C GLY L 103 9.42 -36.98 1.54
N ILE L 104 8.49 -37.10 2.48
CA ILE L 104 7.08 -37.21 2.15
C ILE L 104 6.45 -35.82 2.18
N ASN L 105 5.93 -35.37 1.04
CA ASN L 105 5.30 -34.07 0.97
C ASN L 105 4.08 -34.04 1.89
N ALA L 106 4.09 -33.15 2.88
CA ALA L 106 3.07 -33.12 3.91
C ALA L 106 1.80 -32.42 3.48
N VAL L 107 1.78 -31.78 2.31
CA VAL L 107 0.59 -31.07 1.84
C VAL L 107 -0.43 -32.09 1.36
N CYS L 108 -1.65 -31.98 1.88
CA CYS L 108 -2.70 -32.91 1.52
C CYS L 108 -3.06 -32.77 0.05
N THR L 109 -3.41 -33.89 -0.57
CA THR L 109 -3.75 -33.95 -1.99
C THR L 109 -5.22 -33.71 -2.25
N HIS L 110 -6.01 -33.45 -1.21
CA HIS L 110 -7.42 -33.14 -1.38
C HIS L 110 -7.67 -31.63 -1.44
N LEU L 111 -7.24 -30.90 -0.41
CA LEU L 111 -7.48 -29.47 -0.36
C LEU L 111 -6.21 -28.64 -0.24
N GLY L 112 -5.23 -29.09 0.55
CA GLY L 112 -3.96 -28.40 0.62
C GLY L 112 -3.37 -28.25 2.00
N CYS L 113 -4.04 -28.81 3.01
CA CYS L 113 -3.57 -28.68 4.38
C CYS L 113 -2.34 -29.55 4.62
N VAL L 114 -1.48 -29.10 5.54
CA VAL L 114 -0.28 -29.84 5.92
C VAL L 114 -0.70 -30.99 6.83
N VAL L 115 -0.43 -32.21 6.40
CA VAL L 115 -0.89 -33.40 7.12
C VAL L 115 0.09 -33.74 8.24
N PRO L 116 -0.33 -33.70 9.50
CA PRO L 116 0.57 -34.09 10.59
C PRO L 116 0.79 -35.59 10.64
N TRP L 117 1.93 -35.96 11.22
CA TRP L 117 2.26 -37.35 11.42
C TRP L 117 1.57 -37.89 12.69
N ASN L 118 1.34 -39.20 12.70
CA ASN L 118 0.75 -39.86 13.86
C ASN L 118 1.52 -41.17 14.07
N ALA L 119 2.50 -41.12 14.98
CA ALA L 119 3.38 -42.27 15.19
C ALA L 119 2.63 -43.44 15.80
N SER L 120 1.66 -43.18 16.66
CA SER L 120 0.95 -44.26 17.35
C SER L 120 0.21 -45.15 16.36
N GLU L 121 -0.57 -44.54 15.47
CA GLU L 121 -1.32 -45.32 14.49
C GLU L 121 -0.63 -45.38 13.14
N ASN L 122 0.58 -44.85 13.03
CA ASN L 122 1.45 -45.04 11.86
C ASN L 122 0.80 -44.59 10.57
N LYS L 123 0.16 -43.41 10.63
CA LYS L 123 -0.53 -42.89 9.46
C LYS L 123 -0.49 -41.36 9.48
N PHE L 124 -0.53 -40.79 8.28
CA PHE L 124 -0.65 -39.34 8.11
C PHE L 124 -2.13 -38.99 8.10
N MET L 125 -2.57 -38.21 9.09
CA MET L 125 -3.99 -37.93 9.28
C MET L 125 -4.23 -36.44 9.05
N CYS L 126 -4.93 -36.13 7.97
CA CYS L 126 -5.26 -34.74 7.68
C CYS L 126 -6.24 -34.23 8.73
N PRO L 127 -5.96 -33.10 9.40
CA PRO L 127 -6.83 -32.67 10.51
C PRO L 127 -8.10 -31.99 10.06
N CYS L 128 -8.21 -31.60 8.80
CA CYS L 128 -9.38 -30.86 8.32
C CYS L 128 -10.50 -31.76 7.81
N HIS L 129 -10.17 -32.88 7.18
CA HIS L 129 -11.19 -33.78 6.66
C HIS L 129 -10.93 -35.24 7.01
N GLY L 130 -9.89 -35.52 7.78
CA GLY L 130 -9.67 -36.87 8.29
C GLY L 130 -9.13 -37.87 7.30
N SER L 131 -8.64 -37.43 6.15
CA SER L 131 -8.08 -38.37 5.18
C SER L 131 -6.79 -38.96 5.71
N GLN L 132 -6.53 -40.21 5.34
CA GLN L 132 -5.44 -40.99 5.90
C GLN L 132 -4.44 -41.39 4.83
N TYR L 133 -3.16 -41.26 5.18
CA TYR L 133 -2.06 -41.77 4.38
C TYR L 133 -1.20 -42.68 5.23
N ASN L 134 -0.64 -43.70 4.62
CA ASN L 134 0.18 -44.66 5.36
C ASN L 134 1.56 -44.05 5.62
N ALA L 135 2.44 -44.82 6.26
CA ALA L 135 3.75 -44.31 6.67
C ALA L 135 4.64 -43.94 5.49
N GLU L 136 4.19 -44.14 4.25
CA GLU L 136 4.98 -43.85 3.07
C GLU L 136 4.29 -42.92 2.08
N GLY L 137 3.07 -42.47 2.37
CA GLY L 137 2.36 -41.53 1.52
C GLY L 137 1.17 -42.10 0.78
N LYS L 138 1.05 -43.41 0.70
CA LYS L 138 -0.07 -44.02 -0.02
C LYS L 138 -1.38 -43.74 0.70
N VAL L 139 -2.43 -43.49 -0.09
CA VAL L 139 -3.73 -43.16 0.47
C VAL L 139 -4.32 -44.39 1.16
N VAL L 140 -4.82 -44.19 2.38
CA VAL L 140 -5.50 -45.25 3.10
C VAL L 140 -7.00 -45.01 3.23
N ARG L 141 -7.46 -43.77 3.43
CA ARG L 141 -8.87 -43.48 3.64
C ARG L 141 -9.08 -42.00 3.34
N GLY L 142 -10.31 -41.54 3.55
CA GLY L 142 -10.64 -40.15 3.44
C GLY L 142 -10.91 -39.71 2.01
N PRO L 143 -11.32 -38.45 1.84
CA PRO L 143 -11.64 -37.94 0.51
C PRO L 143 -10.44 -37.54 -0.33
N ALA L 144 -9.23 -37.92 0.06
CA ALA L 144 -8.05 -37.54 -0.72
C ALA L 144 -7.98 -38.35 -2.00
N PRO L 145 -7.95 -37.72 -3.17
CA PRO L 145 -7.89 -38.47 -4.43
C PRO L 145 -6.53 -39.08 -4.71
N LEU L 146 -5.45 -38.33 -4.49
CA LEU L 146 -4.10 -38.75 -4.81
C LEU L 146 -3.28 -38.91 -3.54
N SER L 147 -2.09 -39.48 -3.70
CA SER L 147 -1.18 -39.75 -2.59
C SER L 147 -0.18 -38.61 -2.42
N LEU L 148 0.38 -38.53 -1.21
CA LEU L 148 1.34 -37.48 -0.91
C LEU L 148 2.55 -37.59 -1.82
N ALA L 149 3.04 -36.43 -2.27
CA ALA L 149 4.21 -36.41 -3.13
C ALA L 149 5.46 -36.82 -2.35
N LEU L 150 6.51 -37.13 -3.09
CA LEU L 150 7.77 -37.62 -2.51
C LEU L 150 8.90 -36.68 -2.91
N ALA L 151 9.69 -36.28 -1.93
CA ALA L 151 10.84 -35.42 -2.14
C ALA L 151 12.11 -36.25 -1.99
N HIS L 152 12.87 -36.38 -3.08
CA HIS L 152 14.05 -37.24 -3.12
C HIS L 152 15.17 -36.57 -2.31
N ALA L 153 15.41 -37.09 -1.12
CA ALA L 153 16.54 -36.61 -0.32
C ALA L 153 17.85 -37.05 -0.95
N THR L 154 18.83 -36.14 -0.96
CA THR L 154 20.07 -36.38 -1.69
C THR L 154 21.28 -36.51 -0.77
N VAL L 155 21.55 -35.52 0.08
CA VAL L 155 22.78 -35.51 0.87
C VAL L 155 22.54 -36.23 2.18
N THR L 156 23.39 -37.22 2.47
CA THR L 156 23.29 -37.99 3.70
C THR L 156 24.58 -37.93 4.49
N LEU L 161 21.01 -31.55 3.76
CA LEU L 161 20.41 -32.41 2.74
C LEU L 161 19.56 -31.60 1.77
N VAL L 162 19.44 -32.09 0.54
CA VAL L 162 18.72 -31.41 -0.53
C VAL L 162 17.52 -32.27 -0.92
N LEU L 163 16.35 -31.64 -0.97
CA LEU L 163 15.12 -32.33 -1.35
C LEU L 163 14.82 -32.10 -2.83
N SER L 164 15.51 -32.87 -3.67
CA SER L 164 15.29 -32.79 -5.10
C SER L 164 13.94 -33.42 -5.46
N THR L 165 13.61 -33.33 -6.75
CA THR L 165 12.35 -33.87 -7.24
C THR L 165 12.47 -35.37 -7.47
N TRP L 166 11.51 -36.13 -6.93
CA TRP L 166 11.43 -37.56 -7.18
C TRP L 166 10.65 -37.80 -8.47
N THR L 167 11.33 -38.29 -9.49
CA THR L 167 10.71 -38.60 -10.77
C THR L 167 10.68 -40.10 -11.08
N GLU L 168 11.36 -40.93 -10.30
CA GLU L 168 11.26 -42.37 -10.48
C GLU L 168 9.85 -42.84 -10.16
N THR L 169 9.45 -43.95 -10.77
CA THR L 169 8.09 -44.44 -10.61
C THR L 169 7.77 -44.69 -9.14
N ASP L 170 6.50 -44.54 -8.80
CA ASP L 170 6.06 -44.66 -7.41
C ASP L 170 6.30 -46.07 -6.91
N PHE L 171 6.88 -46.17 -5.71
CA PHE L 171 6.96 -47.43 -4.99
C PHE L 171 5.75 -47.66 -4.09
N ARG L 172 4.72 -46.83 -4.23
CA ARG L 172 3.49 -46.96 -3.46
C ARG L 172 2.30 -47.32 -4.33
N THR L 173 2.01 -46.51 -5.36
CA THR L 173 0.85 -46.70 -6.21
C THR L 173 1.18 -47.37 -7.54
N ASP L 174 2.47 -47.61 -7.82
CA ASP L 174 2.91 -48.28 -9.04
C ASP L 174 2.43 -47.54 -10.29
N GLU L 175 2.90 -46.30 -10.42
CA GLU L 175 2.57 -45.46 -11.57
C GLU L 175 3.64 -44.38 -11.68
N ASP L 176 3.48 -43.50 -12.67
CA ASP L 176 4.35 -42.34 -12.79
C ASP L 176 4.01 -41.30 -11.73
N PRO L 177 5.01 -40.58 -11.22
CA PRO L 177 4.73 -39.54 -10.23
C PRO L 177 3.73 -38.49 -10.72
N TRP L 178 2.61 -38.36 -10.01
CA TRP L 178 1.61 -37.37 -10.40
C TRP L 178 2.14 -35.95 -10.25
N TRP L 179 3.02 -35.73 -9.27
CA TRP L 179 3.67 -34.43 -9.13
C TRP L 179 4.80 -34.23 -10.13
N ALA L 180 5.51 -35.31 -10.49
CA ALA L 180 6.62 -35.26 -11.44
C ALA L 180 7.72 -34.29 -11.00
N MET M 1 27.98 12.24 -31.38
CA MET M 1 27.59 13.64 -31.44
C MET M 1 27.78 14.20 -32.85
N ALA M 2 28.55 13.47 -33.66
CA ALA M 2 28.75 13.83 -35.06
C ALA M 2 28.12 12.81 -35.99
N ALA M 3 28.41 11.52 -35.82
CA ALA M 3 27.69 10.50 -36.56
C ALA M 3 26.23 10.44 -36.16
N GLY M 4 25.92 10.86 -34.93
CA GLY M 4 24.53 10.98 -34.52
C GLY M 4 23.76 11.97 -35.38
N VAL M 5 24.44 13.05 -35.80
CA VAL M 5 23.81 14.01 -36.70
C VAL M 5 23.46 13.34 -38.03
N GLY M 6 24.38 12.52 -38.55
CA GLY M 6 24.09 11.81 -39.80
C GLY M 6 22.95 10.83 -39.66
N ILE M 7 22.93 10.09 -38.55
CA ILE M 7 21.85 9.14 -38.31
C ILE M 7 20.52 9.88 -38.21
N PHE M 8 20.49 11.00 -37.49
CA PHE M 8 19.27 11.79 -37.36
C PHE M 8 18.81 12.33 -38.70
N ILE M 9 19.73 12.84 -39.51
CA ILE M 9 19.37 13.39 -40.82
C ILE M 9 18.79 12.29 -41.70
N GLY M 10 19.47 11.15 -41.78
CA GLY M 10 18.96 10.06 -42.58
C GLY M 10 17.62 9.55 -42.08
N TYR M 11 17.43 9.57 -40.77
CA TYR M 11 16.21 8.99 -40.19
C TYR M 11 15.02 9.90 -40.46
N ILE M 12 15.21 11.22 -40.29
CA ILE M 12 14.21 12.19 -40.67
C ILE M 12 13.90 12.09 -42.16
N ALA M 13 14.93 11.97 -43.01
CA ALA M 13 14.70 11.86 -44.44
C ALA M 13 13.87 10.62 -44.77
N VAL M 14 14.22 9.49 -44.17
CA VAL M 14 13.49 8.25 -44.45
C VAL M 14 12.04 8.36 -44.04
N PHE M 15 11.78 8.89 -42.83
CA PHE M 15 10.40 8.91 -42.36
C PHE M 15 9.58 9.98 -43.07
N THR M 16 10.19 11.11 -43.43
CA THR M 16 9.49 12.09 -44.24
C THR M 16 9.17 11.53 -45.63
N GLY M 17 10.11 10.78 -46.21
CA GLY M 17 9.86 10.15 -47.49
C GLY M 17 8.73 9.15 -47.43
N VAL M 18 8.71 8.30 -46.40
CA VAL M 18 7.61 7.33 -46.32
C VAL M 18 6.29 8.04 -46.01
N THR M 19 6.32 9.13 -45.24
CA THR M 19 5.11 9.91 -44.99
C THR M 19 4.53 10.45 -46.28
N LEU M 20 5.36 11.14 -47.07
CA LEU M 20 4.89 11.70 -48.34
C LEU M 20 4.48 10.59 -49.31
N GLY M 21 5.21 9.49 -49.33
CA GLY M 21 4.84 8.38 -50.20
C GLY M 21 3.49 7.80 -49.84
N LEU M 22 3.25 7.58 -48.55
CA LEU M 22 1.95 7.08 -48.12
C LEU M 22 0.84 8.07 -48.46
N LEU M 23 1.07 9.35 -48.19
CA LEU M 23 0.04 10.36 -48.47
C LEU M 23 -0.32 10.39 -49.95
N TYR M 24 0.69 10.50 -50.81
CA TYR M 24 0.42 10.60 -52.24
C TYR M 24 -0.09 9.29 -52.82
N GLY M 25 0.35 8.15 -52.28
CA GLY M 25 -0.19 6.88 -52.73
C GLY M 25 -1.65 6.70 -52.39
N LEU M 26 -2.04 7.03 -51.16
CA LEU M 26 -3.44 6.93 -50.79
C LEU M 26 -4.28 7.96 -51.52
N ARG M 27 -3.73 9.13 -51.83
CA ARG M 27 -4.43 10.06 -52.70
C ARG M 27 -4.58 9.50 -54.10
N PHE M 28 -3.60 8.71 -54.56
CA PHE M 28 -3.62 8.15 -55.90
C PHE M 28 -4.63 7.01 -56.02
N VAL M 29 -4.77 6.19 -54.98
CA VAL M 29 -5.70 5.07 -55.00
C VAL M 29 -7.04 5.44 -54.37
N LYS M 30 -7.31 6.75 -54.22
CA LYS M 30 -8.59 7.27 -53.76
C LYS M 30 -8.93 6.85 -52.33
N LEU M 31 -7.95 6.36 -51.58
CA LEU M 31 -8.18 6.09 -50.16
C LEU M 31 -8.31 7.37 -49.35
N ILE M 32 -7.68 8.45 -49.79
CA ILE M 32 -7.88 9.77 -49.18
C ILE M 32 -8.56 10.66 -50.22
N MET N 1 24.14 10.27 -28.62
CA MET N 1 25.09 11.21 -28.04
C MET N 1 26.40 10.51 -27.68
N THR N 2 26.32 9.52 -26.78
CA THR N 2 27.46 8.77 -26.27
C THR N 2 28.50 9.66 -25.61
N ALA N 3 28.07 10.76 -24.98
CA ALA N 3 28.95 11.65 -24.24
C ALA N 3 28.19 12.17 -23.03
N GLU N 4 28.80 12.04 -21.85
CA GLU N 4 28.11 12.41 -20.62
C GLU N 4 28.12 13.93 -20.45
N SER N 5 27.67 14.39 -19.28
CA SER N 5 27.45 15.80 -18.99
C SER N 5 26.49 16.41 -20.03
N MET N 6 25.29 15.84 -20.04
CA MET N 6 24.24 16.19 -20.99
C MET N 6 23.36 17.33 -20.49
N LEU N 7 23.89 18.20 -19.62
CA LEU N 7 23.10 19.32 -19.14
C LEU N 7 23.03 20.44 -20.19
N ALA N 8 24.18 21.03 -20.51
CA ALA N 8 24.21 22.06 -21.55
C ALA N 8 23.89 21.48 -22.92
N ASN N 9 24.50 20.35 -23.26
CA ASN N 9 24.21 19.69 -24.52
C ASN N 9 22.75 19.29 -24.60
N GLY N 10 22.20 18.78 -23.50
CA GLY N 10 20.79 18.42 -23.48
C GLY N 10 19.89 19.62 -23.70
N ALA N 11 20.20 20.75 -23.06
CA ALA N 11 19.39 21.95 -23.24
C ALA N 11 19.44 22.44 -24.68
N PHE N 12 20.63 22.51 -25.25
CA PHE N 12 20.76 22.97 -26.64
C PHE N 12 20.05 22.01 -27.58
N ILE N 13 20.16 20.71 -27.35
CA ILE N 13 19.50 19.73 -28.20
C ILE N 13 17.98 19.86 -28.10
N MET N 14 17.45 20.06 -26.89
CA MET N 14 16.01 20.22 -26.75
C MET N 14 15.51 21.46 -27.49
N ILE N 15 16.23 22.58 -27.35
CA ILE N 15 15.82 23.79 -28.05
C ILE N 15 15.84 23.57 -29.57
N GLY N 16 16.96 23.04 -30.07
CA GLY N 16 17.08 22.82 -31.51
C GLY N 16 16.05 21.84 -32.03
N LEU N 17 15.75 20.79 -31.27
CA LEU N 17 14.79 19.79 -31.71
C LEU N 17 13.37 20.29 -31.68
N THR N 18 13.00 21.14 -30.70
CA THR N 18 11.69 21.76 -30.74
C THR N 18 11.55 22.65 -31.97
N LEU N 19 12.57 23.48 -32.23
CA LEU N 19 12.51 24.33 -33.41
C LEU N 19 12.44 23.51 -34.69
N LEU N 20 13.22 22.43 -34.76
CA LEU N 20 13.22 21.59 -35.96
C LEU N 20 11.91 20.83 -36.10
N GLY N 21 11.27 20.44 -35.00
CA GLY N 21 9.96 19.81 -35.10
C GLY N 21 8.92 20.75 -35.67
N LEU N 22 8.89 21.99 -35.18
CA LEU N 22 8.00 22.99 -35.77
C LEU N 22 8.30 23.18 -37.25
N ALA N 23 9.59 23.36 -37.58
CA ALA N 23 9.98 23.64 -38.96
C ALA N 23 9.62 22.48 -39.88
N TRP N 24 9.83 21.24 -39.43
CA TRP N 24 9.55 20.09 -40.28
C TRP N 24 8.06 19.82 -40.39
N GLY N 25 7.29 20.09 -39.35
CA GLY N 25 5.85 20.05 -39.50
C GLY N 25 5.36 21.02 -40.56
N PHE N 26 5.89 22.24 -40.54
CA PHE N 26 5.51 23.21 -41.58
C PHE N 26 6.01 22.79 -42.96
N VAL N 27 7.20 22.17 -43.03
CA VAL N 27 7.73 21.70 -44.30
C VAL N 27 6.84 20.61 -44.89
N ILE N 28 6.40 19.67 -44.06
CA ILE N 28 5.50 18.62 -44.54
C ILE N 28 4.15 19.22 -44.93
N ILE N 29 3.69 20.23 -44.20
CA ILE N 29 2.45 20.91 -44.57
C ILE N 29 2.58 21.53 -45.96
N LYS N 30 3.70 22.20 -46.21
CA LYS N 30 3.93 22.81 -47.52
C LYS N 30 4.10 21.78 -48.62
N LEU N 31 4.71 20.63 -48.32
CA LEU N 31 4.95 19.61 -49.33
C LEU N 31 3.75 18.69 -49.55
N GLN N 32 2.74 18.75 -48.70
CA GLN N 32 1.55 17.92 -48.86
C GLN N 32 0.53 18.54 -49.80
N GLY N 33 0.59 19.86 -50.02
CA GLY N 33 -0.38 20.54 -50.83
C GLY N 33 -0.46 20.04 -52.26
N SER N 34 -1.66 19.74 -52.73
CA SER N 34 -1.86 19.24 -54.08
C SER N 34 -1.54 20.33 -55.11
N MET O 1 20.69 13.72 -5.41
CA MET O 1 21.62 13.56 -6.53
C MET O 1 21.16 14.35 -7.75
N ILE O 2 22.12 14.88 -8.50
CA ILE O 2 21.83 15.66 -9.70
C ILE O 2 21.78 14.72 -10.90
N GLU O 3 20.75 14.85 -11.70
CA GLU O 3 20.67 14.11 -12.96
C GLU O 3 20.93 15.08 -14.11
N PRO O 4 22.12 15.06 -14.70
CA PRO O 4 22.44 16.04 -15.75
C PRO O 4 21.52 15.95 -16.96
N LEU O 5 21.10 14.75 -17.36
CA LEU O 5 20.22 14.63 -18.51
C LEU O 5 18.85 15.24 -18.22
N LEU O 6 18.30 14.97 -17.04
CA LEU O 6 16.99 15.51 -16.68
C LEU O 6 17.04 17.03 -16.55
N LEU O 7 18.08 17.55 -15.91
CA LEU O 7 18.22 19.00 -15.81
C LEU O 7 18.43 19.64 -17.16
N GLY O 8 19.15 18.97 -18.06
CA GLY O 8 19.29 19.48 -19.42
C GLY O 8 17.98 19.52 -20.15
N ILE O 9 17.16 18.47 -20.02
CA ILE O 9 15.84 18.46 -20.62
C ILE O 9 15.00 19.60 -20.08
N VAL O 10 15.03 19.81 -18.76
CA VAL O 10 14.22 20.87 -18.15
C VAL O 10 14.67 22.24 -18.66
N LEU O 11 15.98 22.49 -18.65
CA LEU O 11 16.51 23.79 -19.06
C LEU O 11 16.53 23.98 -20.56
N GLY O 12 16.24 22.95 -21.34
CA GLY O 12 16.08 23.12 -22.77
C GLY O 12 14.63 23.27 -23.16
N LEU O 13 13.72 22.69 -22.37
CA LEU O 13 12.30 22.78 -22.68
C LEU O 13 11.61 23.99 -22.08
N ILE O 14 12.14 24.54 -20.98
CA ILE O 14 11.50 25.71 -20.37
C ILE O 14 11.70 26.95 -21.24
N PRO O 15 12.94 27.34 -21.57
CA PRO O 15 13.11 28.55 -22.38
C PRO O 15 12.45 28.49 -23.74
N VAL O 16 12.51 27.33 -24.41
CA VAL O 16 11.92 27.25 -25.74
C VAL O 16 10.40 27.28 -25.66
N THR O 17 9.81 26.66 -24.64
CA THR O 17 8.36 26.74 -24.48
C THR O 17 7.92 28.17 -24.17
N LEU O 18 8.66 28.88 -23.32
CA LEU O 18 8.33 30.27 -23.05
C LEU O 18 8.45 31.12 -24.30
N ALA O 19 9.52 30.91 -25.08
CA ALA O 19 9.71 31.67 -26.31
C ALA O 19 8.59 31.39 -27.31
N GLY O 20 8.19 30.12 -27.44
CA GLY O 20 7.09 29.80 -28.34
C GLY O 20 5.77 30.40 -27.89
N LEU O 21 5.53 30.38 -26.58
CA LEU O 21 4.31 31.00 -26.06
C LEU O 21 4.28 32.49 -26.35
N PHE O 22 5.40 33.17 -26.11
CA PHE O 22 5.46 34.60 -26.40
C PHE O 22 5.34 34.88 -27.90
N VAL O 23 5.90 34.01 -28.74
CA VAL O 23 5.80 34.20 -30.18
C VAL O 23 4.35 34.05 -30.64
N ALA O 24 3.65 33.02 -30.13
CA ALA O 24 2.25 32.85 -30.46
C ALA O 24 1.41 34.02 -29.96
N ALA O 25 1.71 34.50 -28.76
CA ALA O 25 1.01 35.68 -28.24
C ALA O 25 1.24 36.90 -29.12
N TYR O 26 2.46 37.08 -29.61
CA TYR O 26 2.76 38.19 -30.51
C TYR O 26 2.01 38.05 -31.82
N LEU O 27 1.99 36.82 -32.37
CA LEU O 27 1.30 36.60 -33.64
C LEU O 27 -0.19 36.89 -33.50
N GLN O 28 -0.80 36.50 -32.39
CA GLN O 28 -2.20 36.85 -32.17
C GLN O 28 -2.37 38.32 -31.79
N TYR O 29 -1.29 38.98 -31.37
CA TYR O 29 -1.36 40.38 -30.99
C TYR O 29 -1.40 41.29 -32.21
N LYS O 30 -0.67 40.93 -33.26
CA LYS O 30 -0.54 41.77 -34.45
C LYS O 30 -1.68 41.59 -35.44
N ARG O 31 -2.62 40.68 -35.16
CA ARG O 31 -3.75 40.45 -36.04
C ARG O 31 -5.02 40.42 -35.19
N GLY O 32 -6.16 40.17 -35.84
CA GLY O 32 -7.44 40.13 -35.17
C GLY O 32 -7.79 38.75 -34.65
N ASN O 33 -8.98 38.66 -34.08
CA ASN O 33 -9.50 37.42 -33.52
C ASN O 33 -10.42 36.73 -34.52
N GLN O 34 -11.10 35.68 -34.07
CA GLN O 34 -11.95 34.89 -34.96
C GLN O 34 -13.26 35.59 -35.29
N PHE O 35 -13.65 36.60 -34.51
CA PHE O 35 -14.93 37.27 -34.72
C PHE O 35 -14.83 38.74 -34.32
N MET P 1 27.54 3.22 -36.68
CA MET P 1 26.93 1.92 -36.43
C MET P 1 26.95 1.71 -34.91
N ASP P 2 26.96 2.83 -34.19
CA ASP P 2 26.98 2.81 -32.73
C ASP P 2 25.56 2.61 -32.20
N ILE P 3 25.38 1.58 -31.39
CA ILE P 3 24.04 1.25 -30.88
C ILE P 3 23.56 2.30 -29.89
N LEU P 4 24.45 2.77 -29.01
CA LEU P 4 24.08 3.83 -28.07
C LEU P 4 23.68 5.09 -28.81
N THR P 5 24.47 5.47 -29.83
CA THR P 5 24.12 6.60 -30.66
C THR P 5 22.78 6.37 -31.36
N LEU P 6 22.55 5.15 -31.85
CA LEU P 6 21.30 4.85 -32.52
C LEU P 6 20.11 5.04 -31.58
N GLY P 7 20.22 4.57 -30.34
CA GLY P 7 19.13 4.74 -29.40
C GLY P 7 18.90 6.20 -29.02
N TRP P 8 19.98 6.94 -28.76
CA TRP P 8 19.82 8.35 -28.42
C TRP P 8 19.20 9.12 -29.57
N VAL P 9 19.67 8.89 -30.80
CA VAL P 9 19.11 9.53 -31.97
C VAL P 9 17.65 9.14 -32.15
N SER P 10 17.30 7.87 -31.89
CA SER P 10 15.92 7.44 -32.03
C SER P 10 15.01 8.18 -31.07
N VAL P 11 15.43 8.34 -29.82
CA VAL P 11 14.63 9.08 -28.85
C VAL P 11 14.48 10.54 -29.27
N LEU P 12 15.60 11.15 -29.68
CA LEU P 12 15.56 12.56 -30.07
C LEU P 12 14.65 12.77 -31.28
N VAL P 13 14.72 11.87 -32.26
CA VAL P 13 13.92 12.02 -33.46
C VAL P 13 12.48 11.67 -33.19
N LEU P 14 12.20 10.82 -32.20
CA LEU P 14 10.81 10.63 -31.78
C LEU P 14 10.24 11.92 -31.21
N PHE P 15 11.02 12.62 -30.39
CA PHE P 15 10.55 13.91 -29.87
C PHE P 15 10.26 14.88 -31.01
N THR P 16 11.23 15.03 -31.92
CA THR P 16 11.07 15.95 -33.04
C THR P 16 9.90 15.55 -33.92
N TRP P 17 9.75 14.26 -34.21
CA TRP P 17 8.70 13.79 -35.10
C TRP P 17 7.33 13.91 -34.47
N SER P 18 7.21 13.69 -33.16
CA SER P 18 5.93 13.91 -32.50
C SER P 18 5.54 15.38 -32.60
N ILE P 19 6.49 16.29 -32.38
CA ILE P 19 6.18 17.71 -32.54
C ILE P 19 5.74 18.00 -33.97
N SER P 20 6.47 17.47 -34.95
CA SER P 20 6.17 17.75 -36.35
C SER P 20 4.83 17.16 -36.78
N MET P 21 4.48 15.97 -36.29
CA MET P 21 3.19 15.38 -36.62
C MET P 21 2.04 16.12 -35.96
N VAL P 22 2.22 16.60 -34.74
CA VAL P 22 1.15 17.41 -34.15
C VAL P 22 0.98 18.71 -34.92
N VAL P 23 2.08 19.31 -35.36
CA VAL P 23 1.99 20.51 -36.20
C VAL P 23 1.33 20.24 -37.55
N TRP P 24 1.68 19.14 -38.22
CA TRP P 24 1.15 18.79 -39.52
C TRP P 24 -0.32 18.39 -39.48
N GLY P 25 -0.69 17.53 -38.52
CA GLY P 25 -2.07 17.07 -38.45
C GLY P 25 -3.03 18.20 -38.13
N ARG P 26 -2.67 19.04 -37.17
CA ARG P 26 -3.49 20.18 -36.80
C ARG P 26 -3.38 21.34 -37.79
N ASN P 27 -2.50 21.21 -38.79
CA ASN P 27 -2.40 22.16 -39.89
C ASN P 27 -1.98 23.55 -39.41
N GLY P 28 -0.88 23.60 -38.69
CA GLY P 28 -0.29 24.86 -38.26
C GLY P 28 0.09 24.82 -36.79
N PHE P 29 0.84 25.83 -36.38
CA PHE P 29 1.30 25.94 -34.99
C PHE P 29 0.51 27.02 -34.25
C1 ECH Q . -32.80 0.32 6.89
C2 ECH Q . -33.59 1.20 7.84
C3 ECH Q . -32.58 1.93 8.74
C4 ECH Q . -31.85 0.93 9.64
C5 ECH Q . -31.34 -0.22 8.86
C6 ECH Q . -31.92 -0.57 7.71
C7 ECH Q . -31.72 -1.94 7.23
C8 ECH Q . -32.39 -2.94 7.81
C9 ECH Q . -32.17 -4.29 7.35
C10 ECH Q . -33.18 -5.09 7.01
C11 ECH Q . -34.55 -4.70 7.05
C12 ECH Q . -35.48 -5.63 6.86
C13 ECH Q . -36.89 -5.33 6.89
C14 ECH Q . -37.74 -6.36 6.89
C15 ECH Q . -39.16 -6.12 6.92
C16 ECH Q . -39.99 -7.11 7.26
C17 ECH Q . -41.40 -6.86 7.27
C18 ECH Q . -42.28 -7.83 7.40
C19 ECH Q . -43.68 -7.48 7.39
C20 ECH Q . -44.63 -8.40 7.48
C21 ECH Q . -46.01 -8.02 7.46
C22 ECH Q . -46.95 -8.96 7.46
C23 ECH Q . -48.33 -8.55 7.44
C24 ECH Q . -48.64 -7.28 7.54
C25 ECH Q . -50.05 -6.89 7.52
C26 ECH Q . -50.97 -7.83 7.63
C27 ECH Q . -51.97 -7.95 6.59
O27 ECH Q . -52.79 -8.84 6.58
C28 ECH Q . -51.92 -6.89 5.52
C29 ECH Q . -51.42 -5.50 5.97
C30 ECH Q . -50.34 -5.49 7.09
C31 ECH Q . -31.94 1.19 6.01
C32 ECH Q . -33.73 -0.51 6.00
C33 ECH Q . -29.98 -0.73 9.19
C34 ECH Q . -30.77 -4.71 7.30
C35 ECH Q . -37.31 -3.90 6.93
C36 ECH Q . -41.93 -9.27 7.54
C37 ECH Q . -46.68 -10.43 7.49
C38 ECH Q . -51.41 -8.34 8.97
C39 ECH Q . -50.86 -4.74 8.32
C40 ECH Q . -49.08 -4.79 6.61
CHA HEM R . -7.94 -5.59 6.42
CHB HEM R . -7.38 -1.43 4.00
CHC HEM R . -11.95 -1.77 2.42
CHD HEM R . -12.23 -6.23 4.22
C1A HEM R . -7.39 -4.43 5.93
C2A HEM R . -6.06 -3.93 6.19
C3A HEM R . -5.90 -2.79 5.52
C4A HEM R . -7.13 -2.52 4.81
CMA HEM R . -4.63 -1.91 5.52
CAA HEM R . -4.99 -4.61 7.08
CBA HEM R . -5.23 -4.23 8.53
CGA HEM R . -5.73 -5.43 9.28
O1A HEM R . -5.69 -6.55 8.70
O2A HEM R . -6.16 -5.28 10.44
C1B HEM R . -8.54 -1.21 3.28
C2B HEM R . -8.71 -0.25 2.21
C3B HEM R . -9.98 -0.35 1.76
C4B HEM R . -10.63 -1.37 2.55
CMB HEM R . -7.57 0.66 1.72
CAB HEM R . -10.70 0.43 0.64
CBB HEM R . -10.21 1.48 0.00
C1C HEM R . -12.40 -3.05 2.68
C2C HEM R . -13.59 -3.67 2.14
C3C HEM R . -13.65 -4.92 2.63
C4C HEM R . -12.52 -5.10 3.50
CMC HEM R . -14.55 -2.97 1.14
CAC HEM R . -14.70 -6.03 2.40
CBC HEM R . -15.87 -5.86 1.78
C1D HEM R . -11.14 -6.40 5.05
C2D HEM R . -11.00 -7.45 6.04
C3D HEM R . -9.83 -7.28 6.66
C4D HEM R . -9.18 -6.11 6.07
CMD HEM R . -12.03 -8.55 6.33
CAD HEM R . -9.29 -8.19 7.78
CBD HEM R . -8.99 -7.38 9.04
CGD HEM R . -8.64 -8.34 10.15
O1D HEM R . -7.85 -7.95 11.04
O2D HEM R . -9.14 -9.49 10.12
NA HEM R . -8.02 -3.54 5.08
NB HEM R . -9.73 -1.87 3.46
NC HEM R . -11.77 -3.94 3.51
ND HEM R . -10.02 -5.60 5.10
FE HEM R . -9.97 -3.65 4.44
CHA HEM S . -29.85 -0.32 -7.59
CHB HEM S . -26.02 0.39 -4.70
CHC HEM S . -24.43 -4.04 -5.79
CHD HEM S . -27.99 -4.56 -9.01
C1A HEM S . -28.99 0.25 -6.67
C2A HEM S . -29.16 1.51 -6.00
C3A HEM S . -28.10 1.70 -5.21
C4A HEM S . -27.21 0.57 -5.36
CMA HEM S . -27.85 2.91 -4.30
CAA HEM S . -30.36 2.48 -6.15
CBA HEM S . -31.65 1.83 -5.66
CGA HEM S . -31.47 1.29 -4.26
O1A HEM S . -30.72 1.90 -3.46
O2A HEM S . -32.10 0.26 -3.93
C1B HEM S . -25.22 -0.73 -4.79
C2B HEM S . -23.90 -0.87 -4.23
C3B HEM S . -23.45 -2.11 -4.53
C4B HEM S . -24.49 -2.77 -5.29
CMB HEM S . -23.20 0.24 -3.43
CAB HEM S . -22.11 -2.80 -4.19
CBB HEM S . -21.07 -2.20 -3.62
C1C HEM S . -25.34 -4.61 -6.64
C2C HEM S . -25.51 -6.03 -6.89
C3C HEM S . -26.49 -6.17 -7.79
C4C HEM S . -26.98 -4.85 -8.12
CMC HEM S . -24.63 -7.09 -6.20
CAC HEM S . -27.08 -7.46 -8.42
CBC HEM S . -26.59 -8.69 -8.24
C1D HEM S . -28.79 -3.43 -8.95
C2D HEM S . -29.87 -3.08 -9.84
C3D HEM S . -30.37 -1.92 -9.46
C4D HEM S . -29.64 -1.48 -8.29
CMD HEM S . -30.35 -3.92 -11.05
CAD HEM S . -31.54 -1.16 -10.10
CBD HEM S . -32.82 -1.67 -9.44
CGD HEM S . -33.92 -0.68 -9.65
O1D HEM S . -33.65 0.40 -10.22
O2D HEM S . -35.07 -0.98 -9.22
NA HEM S . -27.79 -0.30 -6.26
NB HEM S . -25.55 -1.91 -5.43
NC HEM S . -26.26 -3.92 -7.41
ND HEM S . -28.68 -2.42 -8.01
FE HEM S . -27.04 -2.11 -6.83
FE HEC T . -30.59 5.61 -2.06
CHA HEC T . -30.34 5.91 -5.45
CHB HEC T . -34.00 5.27 -2.34
CHC HEC T . -30.83 5.17 1.31
CHD HEC T . -27.29 6.50 -1.74
NA HEC T . -31.92 5.58 -3.61
C1A HEC T . -31.61 5.75 -4.95
C2A HEC T . -32.85 5.71 -5.70
C3A HEC T . -33.85 5.53 -4.83
C4A HEC T . -33.29 5.45 -3.51
CMA HEC T . -35.35 5.44 -5.19
CAA HEC T . -33.01 5.86 -7.23
CBA HEC T . -32.49 7.21 -7.69
CGA HEC T . -33.14 7.59 -8.99
O1A HEC T . -34.15 6.94 -9.35
O2A HEC T . -32.65 8.54 -9.65
NB HEC T . -32.13 5.20 -0.76
C1B HEC T . -33.47 5.26 -1.07
C2B HEC T . -34.22 5.33 0.16
C3B HEC T . -33.35 5.28 1.19
C4B HEC T . -32.01 5.22 0.61
CMB HEC T . -35.77 5.39 0.22
CAB HEC T . -33.63 5.33 2.71
CBB HEC T . -34.67 5.98 3.24
NC HEC T . -29.27 5.78 -0.50
C1C HEC T . -29.60 5.58 0.83
C2C HEC T . -28.42 5.88 1.61
C3C HEC T . -27.45 6.25 0.79
C4C HEC T . -27.95 6.20 -0.57
CMC HEC T . -28.31 5.79 3.14
CAC HEC T . -26.02 6.65 1.27
CBC HEC T . -25.05 7.04 0.44
ND HEC T . -29.11 6.16 -3.35
C1D HEC T . -27.79 6.38 -3.01
C2D HEC T . -27.03 6.46 -4.23
C3D HEC T . -27.86 6.30 -5.26
C4D HEC T . -29.19 6.11 -4.72
CMD HEC T . -25.51 6.70 -4.33
CAD HEC T . -27.49 6.32 -6.76
CBD HEC T . -27.38 7.76 -7.22
CGD HEC T . -28.58 8.10 -8.05
O1D HEC T . -29.33 7.17 -8.41
O2D HEC T . -28.79 9.31 -8.34
MG CLA U . -27.68 -17.77 -5.52
CHA CLA U . -24.89 -16.92 -3.65
CHB CLA U . -28.65 -14.52 -5.56
CHC CLA U . -30.39 -18.67 -7.44
CHD CLA U . -26.62 -21.16 -5.46
NA CLA U . -26.88 -16.02 -4.71
C1A CLA U . -25.70 -15.87 -3.96
C2A CLA U . -25.50 -14.41 -3.57
C3A CLA U . -26.73 -13.68 -4.16
C4A CLA U . -27.49 -14.80 -4.87
CMA CLA U . -27.56 -13.02 -3.10
CAA CLA U . -24.21 -13.79 -4.11
CBA CLA U . -23.91 -14.25 -5.52
CGA CLA U . -22.59 -13.70 -5.97
O1A CLA U . -22.36 -12.72 -6.68
O2A CLA U . -21.53 -14.41 -5.48
NB CLA U . -29.21 -16.78 -6.37
C1B CLA U . -29.44 -15.45 -6.25
C2B CLA U . -30.69 -15.10 -6.98
C3B CLA U . -31.19 -16.26 -7.51
C4B CLA U . -30.26 -17.35 -7.11
CMB CLA U . -31.20 -13.73 -7.05
CAB CLA U . -32.39 -16.46 -8.30
CBB CLA U . -32.44 -17.05 -9.49
NC CLA U . -28.38 -19.59 -6.29
C1C CLA U . -29.50 -19.72 -7.05
C2C CLA U . -29.69 -21.11 -7.44
C3C CLA U . -28.62 -21.83 -6.88
C4C CLA U . -27.80 -20.85 -6.16
CMC CLA U . -30.79 -21.62 -8.26
CAC CLA U . -28.36 -23.26 -6.99
CBC CLA U . -29.20 -24.10 -6.06
ND CLA U . -26.17 -18.86 -4.73
C1D CLA U . -25.85 -20.24 -4.79
C2D CLA U . -24.59 -20.48 -4.04
C3D CLA U . -24.18 -19.23 -3.58
C4D CLA U . -25.19 -18.26 -4.04
CMD CLA U . -23.96 -21.78 -3.88
CAD CLA U . -23.18 -18.51 -2.83
OBD CLA U . -22.18 -18.91 -2.25
CBD CLA U . -23.58 -17.00 -2.89
CGD CLA U . -23.70 -16.41 -1.50
O1D CLA U . -24.29 -16.88 -0.53
O2D CLA U . -23.07 -15.22 -1.37
CED CLA U . -22.75 -14.80 -0.04
C1 CLA U . -20.28 -13.70 -5.34
C2 CLA U . -19.20 -14.66 -5.69
C3 CLA U . -18.80 -15.65 -4.88
C4 CLA U . -19.41 -15.87 -3.55
C5 CLA U . -17.72 -16.58 -5.29
C6 CLA U . -17.44 -16.54 -6.78
C7 CLA U . -16.09 -15.91 -7.07
C8 CLA U . -15.19 -16.85 -7.86
C9 CLA U . -13.74 -16.42 -7.75
C10 CLA U . -15.61 -16.91 -9.33
C11 CLA U . -15.35 -15.61 -10.06
C12 CLA U . -15.43 -15.77 -11.56
C13 CLA U . -14.23 -16.55 -12.10
C14 CLA U . -12.96 -15.75 -11.90
C15 CLA U . -14.41 -16.90 -13.57
C16 CLA U . -13.37 -17.90 -14.03
C17 CLA U . -13.96 -19.27 -14.27
C18 CLA U . -12.90 -20.35 -14.46
C19 CLA U . -13.51 -21.62 -15.02
C20 CLA U . -11.79 -19.86 -15.37
P PGV V . -40.80 -16.39 -14.66
C01 PGV V . -37.75 -19.02 -17.57
C02 PGV V . -38.08 -18.65 -16.12
C03 PGV V . -39.38 -17.87 -16.08
C04 PGV V . -43.14 -16.84 -15.30
C05 PGV V . -44.16 -16.91 -16.43
C06 PGV V . -45.13 -18.05 -16.04
O01 PGV V . -37.00 -17.90 -15.57
O02 PGV V . -36.95 -19.00 -13.60
O03 PGV V . -38.49 -20.17 -17.95
O04 PGV V . -36.76 -21.47 -17.44
O05 PGV V . -43.57 -17.17 -17.64
O06 PGV V . -45.95 -17.54 -15.04
O11 PGV V . -39.27 -16.85 -15.13
O12 PGV V . -41.86 -16.92 -15.84
O13 PGV V . -41.11 -17.16 -13.46
O14 PGV V . -40.81 -14.88 -14.76
C1 PGV V . -36.34 -18.45 -14.52
C2 PGV V . -34.84 -18.34 -14.56
C3 PGV V . -34.27 -18.34 -13.14
C4 PGV V . -33.00 -17.50 -13.07
C5 PGV V . -31.77 -18.34 -13.42
C6 PGV V . -31.45 -19.30 -12.28
C7 PGV V . -29.95 -19.31 -12.00
C8 PGV V . -29.55 -18.04 -11.27
C9 PGV V . -28.07 -18.10 -10.92
C10 PGV V . -27.80 -19.26 -9.99
C11 PGV V . -26.39 -19.27 -9.54
C12 PGV V . -25.57 -20.27 -9.87
C13 PGV V . -26.04 -21.42 -10.69
C14 PGV V . -26.11 -22.67 -9.84
C15 PGV V . -26.56 -23.85 -10.69
C16 PGV V . -26.77 -25.08 -9.80
C17 PGV V . -27.15 -26.29 -10.64
C18 PGV V . -27.39 -27.49 -9.73
C19 PGV V . -37.96 -21.36 -17.61
C20 PGV V . -38.95 -22.50 -17.48
C21 PGV V . -38.20 -23.76 -17.05
C22 PGV V . -39.13 -24.77 -16.39
C23 PGV V . -40.20 -25.23 -17.38
C24 PGV V . -41.25 -26.06 -16.67
C25 PGV V . -42.58 -25.99 -17.41
C26 PGV V . -42.98 -24.53 -17.61
C27 PGV V . -44.43 -24.42 -18.07
C28 PGV V . -44.85 -22.96 -18.17
P PGV W . -25.99 -25.86 15.60
C01 PGV W . -26.21 -24.45 11.31
C02 PGV W . -25.30 -23.85 12.40
C03 PGV W . -25.83 -24.20 13.76
C04 PGV W . -23.96 -27.28 15.47
C05 PGV W . -23.03 -28.25 16.18
C06 PGV W . -21.76 -27.42 16.52
O01 PGV W . -25.22 -22.44 12.23
O02 PGV W . -23.31 -22.46 11.07
O03 PGV W . -27.48 -24.75 11.87
O04 PGV W . -29.06 -26.01 10.92
O05 PGV W . -22.68 -29.33 15.37
O06 PGV W . -22.16 -26.47 17.46
O11 PGV W . -25.16 -25.31 14.27
O12 PGV W . -25.11 -27.14 16.23
O13 PGV W . -27.25 -26.41 15.11
O14 PGV W . -25.86 -24.75 16.63
C1 PGV W . -24.42 -21.99 11.24
C2 PGV W . -24.99 -20.87 10.41
C3 PGV W . -24.16 -20.70 9.13
C4 PGV W . -24.71 -19.58 8.27
C5 PGV W . -23.97 -19.52 6.94
C6 PGV W . -24.35 -18.26 6.18
C7 PGV W . -23.59 -18.19 4.87
C8 PGV W . -24.53 -18.45 3.71
C9 PGV W . -25.06 -17.13 3.16
C10 PGV W . -26.29 -17.39 2.32
C11 PGV W . -26.74 -16.13 1.66
C19 PGV W . -28.49 -24.93 10.98
C20 PGV W . -28.83 -23.71 10.13
C21 PGV W . -29.60 -24.16 8.89
C22 PGV W . -31.09 -24.27 9.17
C23 PGV W . -31.64 -22.94 9.68
C24 PGV W . -33.06 -23.12 10.20
C25 PGV W . -33.09 -23.98 11.44
C26 PGV W . -34.47 -23.96 12.08
C27 PGV W . -35.48 -24.66 11.18
C28 PGV W . -36.90 -24.35 11.63
C29 PGV W . -37.90 -25.15 10.79
C30 PGV W . -39.22 -24.40 10.69
C31 PGV W . -39.98 -24.47 12.02
C32 PGV W . -41.36 -23.83 11.86
C33 PGV W . -42.14 -23.91 13.16
C34 PGV W . -43.52 -23.33 12.98
FE HEC X . -5.49 -38.79 30.21
CHA HEC X . -6.88 -41.31 32.09
CHB HEC X . -7.73 -36.56 31.60
CHC HEC X . -3.90 -36.16 28.65
CHD HEC X . -3.15 -40.94 28.93
NA HEC X . -7.00 -38.90 31.58
C1A HEC X . -7.43 -40.05 32.23
C2A HEC X . -8.53 -39.69 33.09
C3A HEC X . -8.77 -38.39 32.95
C4A HEC X . -7.81 -37.86 32.00
CMA HEC X . -9.86 -37.58 33.68
CAA HEC X . -9.32 -40.65 34.00
CBA HEC X . -10.27 -41.51 33.17
CGA HEC X . -11.00 -42.45 34.08
O1A HEC X . -10.63 -42.54 35.28
O2A HEC X . -11.96 -43.12 33.61
NB HEC X . -5.74 -36.75 30.19
C1B HEC X . -6.78 -36.04 30.74
C2B HEC X . -6.70 -34.67 30.29
C3B HEC X . -5.65 -34.58 29.48
C4B HEC X . -5.03 -35.87 29.39
CMB HEC X . -7.69 -33.55 30.69
CAB HEC X . -5.12 -33.36 28.71
CBB HEC X . -4.74 -32.14 29.58
NC HEC X . -3.86 -38.58 29.01
C1C HEC X . -3.37 -37.41 28.48
C2C HEC X . -2.11 -37.69 27.81
C3C HEC X . -1.96 -39.03 27.80
C4C HEC X . -3.02 -39.60 28.61
CMC HEC X . -1.33 -36.66 26.97
CAC HEC X . -0.82 -39.84 27.15
CBC HEC X . 0.57 -39.46 27.70
ND HEC X . -5.09 -40.81 30.46
C1D HEC X . -4.05 -41.48 29.82
C2D HEC X . -4.05 -42.86 30.23
C3D HEC X . -5.23 -42.98 31.23
C4D HEC X . -5.80 -41.66 31.30
CMD HEC X . -3.09 -43.97 29.78
CAD HEC X . -5.69 -44.24 31.98
CBD HEC X . -4.60 -44.65 32.96
CGD HEC X . -5.02 -45.89 33.70
O1D HEC X . -6.19 -46.34 33.49
O2D HEC X . -4.22 -46.43 34.50
C1 LFA Y . -30.66 8.04 46.68
C2 LFA Y . -29.65 8.53 45.67
C3 LFA Y . -29.33 7.38 44.73
C4 LFA Y . -28.31 7.89 43.73
C5 LFA Y . -26.94 7.72 44.35
C6 LFA Y . -25.94 8.28 43.36
C7 LFA Y . -25.97 7.39 42.13
C8 LFA Y . -24.71 7.70 41.36
C9 LFA Y . -24.83 7.00 40.03
C10 LFA Y . -23.54 7.28 39.31
C11 LFA Y . -23.81 7.14 37.84
C12 LFA Y . -22.74 7.95 37.14
C13 LFA Y . -23.19 9.39 37.18
C14 LFA Y . -22.05 10.18 37.79
C15 LFA Y . -22.61 11.53 38.14
C16 LFA Y . -22.40 12.42 36.95
C17 LFA Y . -22.97 13.77 37.32
C18 LFA Y . -22.67 14.73 36.19
C19 LFA Y . -21.26 15.24 36.40
C20 LFA Y . -21.26 16.15 37.60
P PGV Z . -9.65 2.76 25.72
C01 PGV Z . -11.88 6.80 25.12
C02 PGV Z . -12.41 5.37 25.38
C03 PGV Z . -11.34 4.53 26.05
C04 PGV Z . -7.63 1.38 25.30
C05 PGV Z . -6.61 0.83 24.30
C06 PGV Z . -5.41 0.35 25.15
O01 PGV Z . -12.83 4.80 24.14
O02 PGV Z . -14.85 5.66 24.52
O03 PGV Z . -12.87 7.74 25.48
O04 PGV Z . -12.44 9.88 25.00
O05 PGV Z . -6.20 1.80 23.39
O06 PGV Z . -4.85 1.49 25.72
O11 PGV Z . -10.42 4.09 25.10
O12 PGV Z . -8.39 2.37 24.68
O13 PGV Z . -10.60 1.64 25.65
O14 PGV Z . -8.98 3.23 26.99
C1 PGV Z . -14.12 5.01 23.79
C2 PGV Z . -14.55 4.42 22.48
C3 PGV Z . -15.99 4.85 22.19
C4 PGV Z . -16.07 5.65 20.90
C5 PGV Z . -17.52 5.77 20.45
C6 PGV Z . -17.60 6.46 19.09
C7 PGV Z . -17.14 5.51 17.98
C8 PGV Z . -17.15 6.21 16.63
C9 PGV Z . -16.13 5.57 15.70
C10 PGV Z . -16.11 6.28 14.36
C11 PGV Z . -14.74 6.18 13.75
C12 PGV Z . -14.56 5.80 12.50
C13 PGV Z . -15.71 5.45 11.61
C14 PGV Z . -15.43 5.86 10.18
C15 PGV Z . -16.65 6.56 9.58
C16 PGV Z . -16.52 6.64 8.08
C17 PGV Z . -17.62 7.53 7.50
C18 PGV Z . -17.55 7.51 5.98
C19 PGV Z . -12.98 8.84 24.68
C20 PGV Z . -13.81 8.66 23.43
C21 PGV Z . -14.32 10.02 22.98
C22 PGV Z . -15.36 9.89 21.88
C23 PGV Z . -16.70 10.47 22.35
C24 PGV Z . -17.84 9.58 21.89
C25 PGV Z . -19.18 10.22 22.23
C26 PGV Z . -19.51 11.31 21.24
C27 PGV Z . -20.74 12.09 21.68
C28 PGV Z . -20.56 13.57 21.36
C29 PGV Z . -19.38 14.12 22.14
C30 PGV Z . -18.75 15.30 21.42
C31 PGV Z . -17.26 15.38 21.73
C32 PGV Z . -16.61 16.49 20.93
C33 PGV Z . -17.12 17.85 21.39
C34 PGV Z . -16.40 18.96 20.66
FE1 FES AA . 23.14 22.25 7.60
FE2 FES AA . 25.10 21.65 9.35
S1 FES AA . 23.10 20.74 9.20
S2 FES AA . 25.09 23.23 7.82
C1 LFA BA . -32.98 5.21 29.31
C2 LFA BA . -32.00 4.24 29.90
C3 LFA BA . -32.55 3.72 31.21
C4 LFA BA . -33.67 2.76 30.87
C5 LFA BA . -34.32 2.32 32.16
C6 LFA BA . -33.23 1.68 32.99
C7 LFA BA . -33.90 1.00 34.16
C8 LFA BA . -34.19 -0.42 33.73
C9 LFA BA . -35.11 -1.00 34.77
C10 LFA BA . -35.36 -2.42 34.36
C11 LFA BA . -36.73 -2.79 34.87
C12 LFA BA . -36.91 -4.25 34.59
C13 LFA BA . -36.35 -4.99 35.78
C14 LFA BA . -37.04 -6.33 35.84
C15 LFA BA . -36.61 -7.09 34.60
C16 LFA BA . -37.18 -8.48 34.71
C17 LFA BA . -38.67 -8.36 34.48
C18 LFA BA . -39.27 -9.73 34.68
C19 LFA BA . -39.21 -10.03 36.16
C20 LFA BA . -39.88 -11.37 36.40
C1 ECH CA . 4.07 17.85 -28.13
C2 ECH CA . 3.84 16.79 -29.20
C3 ECH CA . 3.68 15.44 -28.54
C4 ECH CA . 5.02 15.05 -27.92
C5 ECH CA . 5.51 16.10 -27.02
C6 ECH CA . 5.13 17.39 -27.19
C7 ECH CA . 5.49 18.32 -26.12
C8 ECH CA . 6.60 19.07 -26.21
C9 ECH CA . 6.96 19.96 -25.15
C10 ECH CA . 7.12 21.28 -25.38
C11 ECH CA . 6.93 21.86 -26.66
C12 ECH CA . 7.47 23.05 -26.91
C13 ECH CA . 7.31 23.69 -28.19
C14 ECH CA . 7.97 24.84 -28.40
C15 ECH CA . 7.84 25.54 -29.64
C16 ECH CA . 8.54 26.65 -29.85
C17 ECH CA . 8.41 27.35 -31.09
C18 ECH CA . 9.08 28.47 -31.32
C19 ECH CA . 8.90 29.14 -32.58
C20 ECH CA . 9.40 30.35 -32.79
C21 ECH CA . 9.20 31.01 -34.03
C22 ECH CA . 9.79 32.19 -34.28
C23 ECH CA . 9.54 32.81 -35.56
C24 ECH CA . 8.92 33.99 -35.58
C25 ECH CA . 8.66 34.62 -36.87
C26 ECH CA . 7.56 34.27 -37.52
C27 ECH CA . 7.18 34.96 -38.76
O27 ECH CA . 6.29 34.55 -39.49
C28 ECH CA . 7.94 36.21 -39.09
C29 ECH CA . 9.38 36.14 -38.63
C30 ECH CA . 9.44 35.88 -37.13
C31 ECH CA . 2.78 18.09 -27.35
C32 ECH CA . 4.49 19.17 -28.77
C33 ECH CA . 6.05 15.66 -25.70
C34 ECH CA . 7.16 19.36 -23.83
C35 ECH CA . 6.41 23.06 -29.19
C36 ECH CA . 10.03 29.08 -30.35
C37 ECH CA . 10.68 32.90 -33.33
C38 ECH CA . 6.46 33.49 -36.89
C39 ECH CA . 8.77 37.01 -36.35
C40 ECH CA . 10.89 35.76 -36.66
P PGV DA . 16.96 -7.35 -20.65
C01 PGV DA . 14.65 -5.50 -23.59
C02 PGV DA . 14.75 -7.02 -23.33
C03 PGV DA . 16.18 -7.40 -23.00
C04 PGV DA . 15.45 -8.04 -18.84
C05 PGV DA . 14.44 -9.08 -18.39
C06 PGV DA . 13.39 -9.19 -19.52
O01 PGV DA . 14.28 -7.72 -24.46
O02 PGV DA . 13.54 -9.44 -23.23
O03 PGV DA . 13.33 -5.18 -23.96
O04 PGV DA . 13.83 -3.04 -23.60
O05 PGV DA . 13.83 -8.71 -17.20
O06 PGV DA . 14.03 -9.83 -20.59
O11 PGV DA . 16.71 -6.52 -22.08
O12 PGV DA . 15.50 -8.02 -20.23
O13 PGV DA . 17.29 -6.35 -19.63
O14 PGV DA . 17.84 -8.53 -21.04
C1 PGV DA . 13.42 -8.73 -24.22
C2 PGV DA . 12.33 -8.91 -25.25
C3 PGV DA . 11.78 -7.53 -25.59
C4 PGV DA . 10.38 -7.62 -26.15
C5 PGV DA . 9.79 -6.24 -26.29
C6 PGV DA . 8.79 -6.21 -27.43
C7 PGV DA . 8.57 -4.79 -27.92
C8 PGV DA . 8.15 -4.81 -29.38
C9 PGV DA . 7.83 -3.40 -29.85
C10 PGV DA . 7.04 -3.46 -31.14
C11 PGV DA . 6.25 -2.22 -31.32
C12 PGV DA . 6.14 -1.63 -32.50
C13 PGV DA . 6.83 -2.17 -33.70
C14 PGV DA . 5.88 -2.16 -34.88
C15 PGV DA . 6.44 -3.03 -36.00
C16 PGV DA . 5.63 -2.82 -37.27
C17 PGV DA . 4.15 -3.04 -36.98
C18 PGV DA . 3.32 -2.01 -37.73
C19 PGV DA . 13.02 -3.86 -23.98
C20 PGV DA . 11.64 -3.54 -24.51
C21 PGV DA . 11.57 -2.04 -24.80
C22 PGV DA . 10.34 -1.71 -25.64
C23 PGV DA . 9.13 -1.46 -24.74
C24 PGV DA . 9.33 -0.21 -23.91
C25 PGV DA . 8.00 0.40 -23.51
C26 PGV DA . 7.20 -0.57 -22.65
C27 PGV DA . 6.41 0.19 -21.60
C28 PGV DA . 5.81 -0.79 -20.59
C29 PGV DA . 5.14 -0.04 -19.45
C30 PGV DA . 4.15 0.97 -19.99
C31 PGV DA . 3.42 1.66 -18.84
C32 PGV DA . 2.80 2.97 -19.32
C33 PGV DA . 1.81 2.71 -20.45
C34 PGV DA . 0.55 2.08 -19.90
CHA HEM EA . 8.23 5.48 -6.15
CHB HEM EA . 3.71 3.83 -6.72
CHC HEM EA . 2.39 8.14 -8.54
CHD HEM EA . 6.92 9.77 -8.03
C1A HEM EA . 7.12 4.67 -6.11
C2A HEM EA . 7.05 3.36 -5.51
C3A HEM EA . 5.80 2.90 -5.67
C4A HEM EA . 5.03 3.91 -6.36
CMA HEM EA . 5.26 1.54 -5.18
CAA HEM EA . 8.20 2.63 -4.82
CBA HEM EA . 8.93 1.76 -5.84
CGA HEM EA . 10.32 2.31 -6.04
O1A HEM EA . 11.05 1.79 -6.91
O2A HEM EA . 10.68 3.28 -5.32
C1B HEM EA . 2.95 4.87 -7.23
C2B HEM EA . 1.53 4.83 -7.49
C3B HEM EA . 1.16 6.02 -7.98
C4B HEM EA . 2.35 6.85 -8.07
CMB HEM EA . 0.67 3.59 -7.20
CAB HEM EA . -0.21 6.55 -8.44
CBB HEM EA . -1.34 5.84 -8.42
C1C HEM EA . 3.50 8.96 -8.56
C2C HEM EA . 3.53 10.31 -9.06
C3C HEM EA . 4.79 10.77 -8.93
C4C HEM EA . 5.57 9.71 -8.34
CMC HEM EA . 2.30 11.04 -9.64
CAC HEM EA . 5.41 12.15 -9.28
CBC HEM EA . 4.74 13.16 -9.84
C1D HEM EA . 7.68 8.73 -7.55
C2D HEM EA . 9.12 8.70 -7.48
C3D HEM EA . 9.50 7.52 -6.97
C4D HEM EA . 8.30 6.75 -6.70
CMD HEM EA . 10.06 9.82 -7.93
CAD HEM EA . 10.95 7.08 -6.74
CBD HEM EA . 11.25 5.80 -7.49
CGD HEM EA . 12.65 5.36 -7.18
O1D HEM EA . 12.90 4.13 -7.21
O2D HEM EA . 13.50 6.24 -6.88
NA HEM EA . 5.87 4.98 -6.62
NB HEM EA . 3.42 6.11 -7.60
NC HEM EA . 4.75 8.62 -8.13
ND HEM EA . 7.21 7.53 -7.07
FE HEM EA . 5.32 6.82 -7.33
CHA HEM FA . -6.49 23.68 -18.45
CHB HEM FA . -4.71 19.34 -17.19
CHC HEM FA . -2.39 21.39 -13.47
CHD HEM FA . -4.59 25.60 -14.41
C1A HEM FA . -6.16 22.33 -18.47
C2A HEM FA . -6.50 21.38 -19.52
C3A HEM FA . -6.01 20.19 -19.15
C4A HEM FA . -5.35 20.34 -17.89
CMA HEM FA . -6.11 18.88 -19.95
CAA HEM FA . -7.28 21.68 -20.81
CBA HEM FA . -6.54 22.68 -21.68
CGA HEM FA . -5.12 22.25 -21.92
O1A HEM FA . -4.22 23.14 -21.99
O2A HEM FA . -4.87 21.03 -22.01
C1B HEM FA . -3.96 19.50 -16.05
C2B HEM FA . -3.34 18.45 -15.28
C3B HEM FA . -2.69 19.02 -14.24
C4B HEM FA . -2.89 20.44 -14.34
CMB HEM FA . -3.44 16.96 -15.66
CAB HEM FA . -1.86 18.37 -13.11
CBB HEM FA . -1.75 17.06 -12.89
C1C HEM FA . -2.70 22.74 -13.48
C2C HEM FA . -1.97 23.77 -12.79
C3C HEM FA . -2.58 24.95 -13.05
C4C HEM FA . -3.71 24.67 -13.91
CMC HEM FA . -0.72 23.48 -11.93
CAC HEM FA . -2.24 26.38 -12.57
CBC HEM FA . -1.25 26.68 -11.71
C1D HEM FA . -5.36 25.43 -15.55
C2D HEM FA . -6.32 26.36 -16.08
C3D HEM FA . -6.84 25.82 -17.19
C4D HEM FA . -6.22 24.54 -17.41
CMD HEM FA . -6.69 27.74 -15.48
CAD HEM FA . -7.91 26.46 -18.10
CBD HEM FA . -7.17 27.32 -19.13
CGD HEM FA . -7.98 27.43 -20.38
O1D HEM FA . -9.14 26.92 -20.40
O2D HEM FA . -7.49 28.03 -21.36
NA HEM FA . -5.46 21.66 -17.50
NB HEM FA . -3.67 20.71 -15.44
NC HEM FA . -3.75 23.31 -14.16
ND HEM FA . -5.32 24.33 -16.38
FE HEM FA . -4.57 22.49 -15.86
FE HEC GA . -6.35 18.18 -24.42
CHA HEC GA . -9.13 19.51 -22.87
CHB HEC GA . -6.32 20.79 -26.61
CHC HEC GA . -3.60 16.83 -25.94
CHD HEC GA . -6.63 15.39 -22.45
NA HEC GA . -7.49 19.87 -24.66
C1A HEC GA . -8.63 20.19 -23.97
C2A HEC GA . -9.22 21.35 -24.60
C3A HEC GA . -8.45 21.70 -25.62
C4A HEC GA . -7.35 20.77 -25.69
CMA HEC GA . -8.69 22.88 -26.59
CAA HEC GA . -10.53 22.06 -24.16
CBA HEC GA . -11.71 21.16 -24.48
CGA HEC GA . -12.98 21.84 -24.01
O1A HEC GA . -12.88 22.96 -23.46
O2A HEC GA . -14.07 21.24 -24.19
NB HEC GA . -5.10 18.77 -25.92
C1B HEC GA . -5.43 19.77 -26.82
C2B HEC GA . -4.67 19.57 -28.03
C3B HEC GA . -3.89 18.48 -27.85
C4B HEC GA . -4.17 17.95 -26.53
CMB HEC GA . -4.77 20.51 -29.25
CAB HEC GA . -2.90 17.82 -28.85
CBB HEC GA . -2.95 17.97 -30.17
NC HEC GA . -5.30 16.46 -24.22
C1C HEC GA . -4.21 16.06 -24.98
C2C HEC GA . -3.85 14.70 -24.58
C3C HEC GA . -4.71 14.33 -23.60
C4C HEC GA . -5.62 15.42 -23.38
CMC HEC GA . -2.70 13.91 -25.19
CAC HEC GA . -4.83 13.02 -22.79
CBC HEC GA . -4.05 11.95 -22.92
ND HEC GA . -7.66 17.55 -22.98
C1D HEC GA . -7.54 16.40 -22.23
C2D HEC GA . -8.52 16.44 -21.17
C3D HEC GA . -9.20 17.57 -21.29
C4D HEC GA . -8.68 18.30 -22.43
CMD HEC GA . -8.73 15.35 -20.10
CAD HEC GA . -10.36 18.05 -20.39
CBD HEC GA . -11.62 17.32 -20.82
CGD HEC GA . -12.81 18.08 -20.32
O1D HEC GA . -13.73 17.43 -19.75
O2D HEC GA . -12.83 19.33 -20.47
MG CLA HA . 6.82 31.32 -9.37
CHA CLA HA . 7.81 28.15 -8.42
CHB CLA HA . 4.53 29.97 -11.48
CHC CLA HA . 5.81 34.50 -10.21
CHD CLA HA . 9.26 32.68 -7.20
NA CLA HA . 6.28 29.37 -9.86
C1A CLA HA . 6.81 28.17 -9.36
C2A CLA HA . 6.13 26.96 -9.98
C3A CLA HA . 5.14 27.57 -10.99
C4A CLA HA . 5.31 29.07 -10.78
CMA CLA HA . 5.46 27.17 -12.41
CAA CLA HA . 5.45 26.12 -8.91
CBA CLA HA . 4.01 25.75 -9.21
CGA CLA HA . 3.35 25.39 -7.91
O1A CLA HA . 2.19 25.02 -7.71
O2A CLA HA . 4.17 25.52 -6.82
NB CLA HA . 5.47 32.10 -10.66
C1B CLA HA . 4.58 31.37 -11.38
C2B CLA HA . 3.62 32.27 -12.06
C3B CLA HA . 3.95 33.56 -11.71
C4B CLA HA . 5.15 33.47 -10.80
CMB CLA HA . 2.54 31.79 -12.91
CAB CLA HA . 3.29 34.78 -12.12
CBB CLA HA . 3.77 36.03 -12.09
NC CLA HA . 7.43 33.23 -8.81
C1C CLA HA . 6.88 34.40 -9.27
C2C CLA HA . 7.54 35.55 -8.66
C3C CLA HA . 8.53 35.04 -7.82
C4C CLA HA . 8.45 33.58 -7.91
CMC CLA HA . 7.22 36.94 -8.93
CAC CLA HA . 9.47 35.80 -6.99
CBC CLA HA . 9.03 35.91 -5.55
ND CLA HA . 8.19 30.65 -8.07
C1D CLA HA . 9.15 31.31 -7.26
C2D CLA HA . 9.95 30.30 -6.53
C3D CLA HA . 9.46 29.07 -6.92
C4D CLA HA . 8.39 29.34 -7.89
CMD CLA HA . 11.01 30.61 -5.57
CAD CLA HA . 9.56 27.63 -6.77
OBD CLA HA . 10.29 26.97 -6.03
CBD CLA HA . 8.55 27.00 -7.75
CGD CLA HA . 9.20 26.09 -8.75
O1D CLA HA . 10.28 26.25 -9.33
O2D CLA HA . 8.48 24.97 -9.02
CED CLA HA . 9.14 23.89 -9.69
C1 CLA HA . 4.28 24.40 -5.93
C2 CLA HA . 5.56 23.71 -6.25
C3 CLA HA . 6.67 23.84 -5.51
C4 CLA HA . 7.93 23.14 -5.87
C5 CLA HA . 6.70 24.69 -4.29
C6 CLA HA . 6.72 23.89 -3.00
C7 CLA HA . 5.32 23.77 -2.45
C8 CLA HA . 5.28 23.06 -1.10
C9 CLA HA . 5.69 21.61 -1.26
C10 CLA HA . 3.88 23.14 -0.49
C11 CLA HA . 3.93 23.17 1.02
C12 CLA HA . 2.58 22.85 1.64
C13 CLA HA . 1.61 24.02 1.50
C14 CLA HA . 2.06 25.20 2.33
C15 CLA HA . 0.20 23.61 1.90
C16 CLA HA . -0.83 24.16 0.93
C17 CLA HA . -2.14 23.41 1.04
C18 CLA HA . -3.15 23.89 0.01
C19 CLA HA . -3.44 25.37 0.20
C20 CLA HA . -2.64 23.63 -1.39
P PGV IA . -1.20 43.79 -15.76
C01 PGV IA . 0.02 42.68 -11.92
C02 PGV IA . -1.43 43.17 -12.01
C03 PGV IA . -1.88 43.20 -13.45
C04 PGV IA . -2.07 45.89 -16.70
C05 PGV IA . -2.32 47.39 -16.55
C06 PGV IA . -0.97 48.06 -16.92
O01 PGV IA . -1.52 44.47 -11.43
O02 PGV IA . -3.43 44.46 -10.28
O03 PGV IA . 0.04 41.27 -11.72
O04 PGV IA . 1.62 41.58 -10.19
O05 PGV IA . -2.69 47.72 -15.26
O06 PGV IA . -0.71 47.71 -18.24
O11 PGV IA . -0.78 43.15 -14.28
O12 PGV IA . -1.66 45.37 -15.49
O13 PGV IA . 0.04 43.84 -16.55
O14 PGV IA . -2.46 43.06 -16.15
C1 PGV IA . -2.21 44.58 -10.28
C2 PGV IA . -1.40 44.85 -9.04
C3 PGV IA . -2.25 44.49 -7.82
C4 PGV IA . -1.80 45.26 -6.59
C5 PGV IA . -2.73 44.96 -5.43
C6 PGV IA . -2.42 45.88 -4.25
C7 PGV IA . -1.05 45.56 -3.66
C8 PGV IA . -0.98 44.11 -3.23
C9 PGV IA . 0.38 43.83 -2.62
C10 PGV IA . 0.46 44.44 -1.23
C11 PGV IA . 1.88 44.67 -0.85
C12 PGV IA . 2.22 45.72 -0.10
C13 PGV IA . 3.63 45.98 0.30
C14 PGV IA . 3.89 47.46 0.39
C15 PGV IA . 2.89 48.10 1.36
C16 PGV IA . 3.20 47.69 2.79
C17 PGV IA . 4.44 48.42 3.30
C18 PGV IA . 4.63 48.13 4.77
C19 PGV IA . 0.91 40.80 -10.80
C20 PGV IA . 0.91 39.31 -10.62
C21 PGV IA . 1.71 38.96 -9.37
C22 PGV IA . 1.90 37.46 -9.23
C23 PGV IA . 2.34 37.11 -7.82
C24 PGV IA . 2.78 35.66 -7.73
C25 PGV IA . 2.93 35.25 -6.27
C26 PGV IA . 3.64 33.91 -6.16
C27 PGV IA . 5.13 34.08 -6.37
C28 PGV IA . 5.91 33.13 -5.49
C29 PGV IA . 6.31 33.84 -4.20
C30 PGV IA . 7.49 33.13 -3.55
C31 PGV IA . 8.08 33.98 -2.45
C32 PGV IA . 9.30 33.29 -1.86
C33 PGV IA . 10.45 33.30 -2.85
C34 PGV IA . 11.40 34.45 -2.56
P PGV JA . 6.23 48.98 -24.04
C01 PGV JA . 8.61 46.18 -20.77
C02 PGV JA . 7.72 46.03 -22.02
C03 PGV JA . 7.59 47.38 -22.72
C04 PGV JA . 3.88 48.22 -23.88
C05 PGV JA . 2.43 48.36 -24.33
C06 PGV JA . 2.48 48.98 -25.75
O01 PGV JA . 6.45 45.53 -21.64
O02 PGV JA . 5.01 44.43 -22.97
O03 PGV JA . 9.57 47.19 -20.99
O04 PGV JA . 9.37 49.15 -19.94
O05 PGV JA . 1.70 49.18 -23.48
O06 PGV JA . 2.31 50.35 -25.59
O11 PGV JA . 6.30 47.54 -23.20
O12 PGV JA . 4.64 49.22 -24.49
O13 PGV JA . 7.00 48.76 -25.28
O14 PGV JA . 6.53 50.06 -23.01
C1 PGV JA . 6.02 44.41 -22.28
C2 PGV JA . 6.86 43.17 -22.07
C3 PGV JA . 6.36 42.06 -23.01
C4 PGV JA . 7.07 40.76 -22.72
C5 PGV JA . 7.69 40.20 -24.01
C6 PGV JA . 8.80 41.13 -24.49
C7 PGV JA . 8.68 41.35 -25.99
C8 PGV JA . 9.57 42.51 -26.43
C9 PGV JA . 9.23 42.91 -27.86
C10 PGV JA . 9.36 41.71 -28.78
C11 PGV JA . 8.94 42.08 -30.17
C19 PGV JA . 9.84 48.02 -19.95
C20 PGV JA . 10.72 47.44 -18.87
C21 PGV JA . 12.18 47.72 -19.23
C22 PGV JA . 12.56 49.16 -18.90
C23 PGV JA . 14.05 49.39 -19.17
C24 PGV JA . 14.52 50.67 -18.49
C25 PGV JA . 14.50 50.52 -16.98
C26 PGV JA . 15.72 49.76 -16.50
C27 PGV JA . 16.99 50.56 -16.79
C28 PGV JA . 17.91 50.56 -15.58
C29 PGV JA . 17.22 51.22 -14.39
C30 PGV JA . 18.17 51.27 -13.20
C31 PGV JA . 18.68 49.87 -12.85
C32 PGV JA . 19.65 49.93 -11.69
C33 PGV JA . 18.90 50.09 -10.38
C34 PGV JA . 19.85 49.92 -9.21
P PGV KA . 31.48 27.17 -17.30
C01 PGV KA . 28.48 25.52 -13.65
C02 PGV KA . 28.54 26.06 -15.09
C03 PGV KA . 29.98 26.38 -15.48
C04 PGV KA . 32.23 28.30 -19.36
C05 PGV KA . 33.18 27.93 -20.50
C06 PGV KA . 33.69 29.28 -21.07
O01 PGV KA . 27.67 27.20 -15.22
O02 PGV KA . 28.51 29.02 -16.23
O03 PGV KA . 27.12 25.41 -13.26
O04 PGV KA . 27.12 23.18 -13.41
O05 PGV KA . 32.55 27.19 -21.48
O06 PGV KA . 33.94 30.11 -19.99
O11 PGV KA . 30.13 26.29 -16.85
O12 PGV KA . 31.52 27.17 -18.98
O13 PGV KA . 31.23 28.55 -16.88
O14 PGV KA . 32.67 26.32 -16.88
C1 PGV KA . 28.21 28.45 -15.19
C2 PGV KA . 28.37 29.08 -13.82
C3 PGV KA . 29.64 29.92 -13.81
C4 PGV KA . 29.36 31.37 -14.23
C5 PGV KA . 28.81 32.18 -13.07
C6 PGV KA . 28.30 33.53 -13.56
C7 PGV KA . 26.87 33.41 -14.08
C8 PGV KA . 26.84 33.52 -15.60
C9 PGV KA . 25.40 33.56 -16.09
C10 PGV KA . 24.84 34.97 -15.94
C11 PGV KA . 25.76 35.97 -16.55
C12 PGV KA . 25.73 37.25 -16.19
C13 PGV KA . 24.78 37.75 -15.17
C14 PGV KA . 25.51 38.56 -14.11
C15 PGV KA . 24.67 39.77 -13.71
C16 PGV KA . 24.47 40.68 -14.91
C17 PGV KA . 23.69 41.93 -14.51
C18 PGV KA . 24.46 42.75 -13.51
C19 PGV KA . 26.51 24.23 -13.52
C20 PGV KA . 25.07 24.35 -13.96
C21 PGV KA . 24.21 24.69 -12.75
C22 PGV KA . 23.13 23.64 -12.51
C23 PGV KA . 21.84 24.04 -13.22
C24 PGV KA . 20.66 23.30 -12.60
C25 PGV KA . 19.38 24.11 -12.79
C26 PGV KA . 18.20 23.38 -12.17
C27 PGV KA . 17.01 24.32 -12.04
C28 PGV KA . 15.75 23.54 -11.68
C29 PGV KA . 14.63 24.49 -11.32
C30 PGV KA . 13.42 24.22 -12.18
C31 PGV KA . 12.24 25.05 -11.71
C32 PGV KA . 12.01 26.23 -12.65
C33 PGV KA . 10.58 26.75 -12.51
C34 PGV KA . 10.37 27.99 -13.36
FE HEC LA . 48.40 11.29 0.33
CHA HEC LA . 51.54 12.59 -0.23
CHB HEC LA . 48.01 10.83 -3.04
CHC HEC LA . 45.44 9.56 0.86
CHD HEC LA . 48.76 11.67 3.70
NA HEC LA . 49.57 11.61 -1.31
C1A HEC LA . 50.81 12.22 -1.33
C2A HEC LA . 51.19 12.39 -2.71
C3A HEC LA . 50.22 11.90 -3.48
C4A HEC LA . 49.18 11.41 -2.62
CMA HEC LA . 50.19 11.87 -5.02
CAA HEC LA . 52.52 13.03 -3.21
CBA HEC LA . 52.38 14.54 -3.29
CGA HEC LA . 53.69 15.12 -3.72
O1A HEC LA . 53.77 16.37 -3.87
O2A HEC LA . 54.66 14.35 -3.90
NB HEC LA . 47.03 10.31 -0.86
C1B HEC LA . 47.00 10.36 -2.24
C2B HEC LA . 45.73 9.83 -2.69
C3B HEC LA . 45.02 9.49 -1.61
C4B HEC LA . 45.82 9.78 -0.45
CMB HEC LA . 45.30 9.71 -4.16
CAB HEC LA . 43.61 8.88 -1.58
CBB HEC LA . 43.61 7.40 -2.07
NC HEC LA . 47.29 10.74 1.96
C1C HEC LA . 46.14 9.98 1.97
C2C HEC LA . 45.83 9.65 3.34
C3C HEC LA . 46.70 10.31 4.12
C4C HEC LA . 47.66 10.96 3.26
CMC HEC LA . 44.55 8.92 3.80
CAC HEC LA . 46.77 10.34 5.66
CBC HEC LA . 46.95 8.95 6.31
ND HEC LA . 49.92 12.03 1.54
C1D HEC LA . 49.83 12.07 2.93
C2D HEC LA . 51.06 12.63 3.45
C3D HEC LA . 51.93 12.92 2.23
C4D HEC LA . 51.14 12.51 1.09
CMD HEC LA . 51.39 12.87 4.94
CAD HEC LA . 53.36 13.51 2.20
CBD HEC LA . 54.31 12.60 2.96
CGD HEC LA . 55.71 13.14 2.86
O1D HEC LA . 56.62 12.56 3.52
O2D HEC LA . 55.92 14.12 2.11
FE1 FES MA . -9.52 -32.48 2.93
FE2 FES MA . -6.95 -32.77 3.69
S1 FES MA . -8.39 -34.35 3.17
S2 FES MA . -8.19 -30.95 3.78
#